data_3GAT
#
_entry.id   3GAT
#
_cell.length_a   1.000
_cell.length_b   1.000
_cell.length_c   1.000
_cell.angle_alpha   90.00
_cell.angle_beta   90.00
_cell.angle_gamma   90.00
#
_symmetry.space_group_name_H-M   'P 1'
#
loop_
_entity.id
_entity.type
_entity.pdbx_description
1 polymer "DNA (5'-D(*GP*TP*TP*GP*CP*AP*GP*AP*TP*AP*AP*AP*CP*AP*TP*T)-3')"
2 polymer "DNA (5'-D(*AP*AP*TP*GP*TP*TP*TP*AP*TP*CP*TP*GP*CP*AP*AP*C)-3')"
3 polymer 'ERYTHROID TRANSCRIPTION FACTOR GATA-1'
4 non-polymer 'ZINC ION'
#
loop_
_entity_poly.entity_id
_entity_poly.type
_entity_poly.pdbx_seq_one_letter_code
_entity_poly.pdbx_strand_id
1 'polydeoxyribonucleotide' (DG)(DT)(DT)(DG)(DC)(DA)(DG)(DA)(DT)(DA)(DA)(DA)(DC)(DA)(DT)(DT) B
2 'polydeoxyribonucleotide' (DA)(DA)(DT)(DG)(DT)(DT)(DT)(DA)(DT)(DC)(DT)(DG)(DC)(DA)(DA)(DC) C
3 'polypeptide(L)' KRAGTVCSNCQTSTTTLWRRSPMGDPVCNACGLYYKLHQVNRPLTMRKDGIQTRNRKVSSKGKKRR A
#
loop_
_chem_comp.id
_chem_comp.type
_chem_comp.name
_chem_comp.formula
DA DNA linking 2'-DEOXYADENOSINE-5'-MONOPHOSPHATE 'C10 H14 N5 O6 P'
DC DNA linking 2'-DEOXYCYTIDINE-5'-MONOPHOSPHATE 'C9 H14 N3 O7 P'
DG DNA linking 2'-DEOXYGUANOSINE-5'-MONOPHOSPHATE 'C10 H14 N5 O7 P'
DT DNA linking THYMIDINE-5'-MONOPHOSPHATE 'C10 H15 N2 O8 P'
ZN non-polymer 'ZINC ION' 'Zn 2'
#
# COMPACT_ATOMS: atom_id res chain seq x y z
N LYS C 1 -14.32 -4.97 -2.19
CA LYS C 1 -14.39 -5.15 -3.68
C LYS C 1 -12.98 -5.14 -4.25
N ARG C 2 -12.22 -6.14 -3.93
CA ARG C 2 -10.83 -6.25 -4.46
C ARG C 2 -10.87 -6.48 -5.97
N ALA C 3 -11.78 -7.29 -6.42
CA ALA C 3 -11.89 -7.58 -7.88
C ALA C 3 -11.89 -6.28 -8.69
N GLY C 4 -10.92 -6.10 -9.54
CA GLY C 4 -10.87 -4.87 -10.40
C GLY C 4 -10.21 -3.69 -9.67
N THR C 5 -9.99 -3.79 -8.38
CA THR C 5 -9.36 -2.63 -7.67
C THR C 5 -7.96 -2.39 -8.22
N VAL C 6 -7.73 -1.23 -8.77
CA VAL C 6 -6.39 -0.88 -9.32
C VAL C 6 -5.91 0.38 -8.58
N CYS C 7 -4.66 0.48 -8.27
CA CYS C 7 -4.19 1.68 -7.55
C CYS C 7 -4.39 2.92 -8.40
N SER C 8 -5.24 3.81 -7.96
CA SER C 8 -5.47 5.04 -8.74
C SER C 8 -4.16 5.82 -8.87
N ASN C 9 -3.37 5.88 -7.83
CA ASN C 9 -2.11 6.66 -7.93
C ASN C 9 -1.05 5.93 -8.78
N CYS C 10 -0.91 4.61 -8.67
CA CYS C 10 0.16 3.92 -9.47
C CYS C 10 -0.37 2.71 -10.26
N GLN C 11 -1.66 2.55 -10.39
CA GLN C 11 -2.24 1.41 -11.19
C GLN C 11 -1.78 0.02 -10.73
N THR C 12 -0.99 -0.11 -9.71
CA THR C 12 -0.59 -1.48 -9.29
C THR C 12 -1.85 -2.27 -8.92
N SER C 13 -1.84 -3.58 -8.96
CA SER C 13 -3.06 -4.38 -8.57
C SER C 13 -2.62 -5.52 -7.64
N THR C 14 -1.39 -5.49 -7.20
CA THR C 14 -0.85 -6.55 -6.28
C THR C 14 -0.58 -5.92 -4.92
N THR C 15 -1.51 -5.17 -4.43
CA THR C 15 -1.30 -4.46 -3.13
C THR C 15 -1.39 -5.42 -1.95
N THR C 16 -0.67 -5.16 -0.89
CA THR C 16 -0.77 -6.04 0.29
C THR C 16 -2.09 -5.70 0.99
N LEU C 17 -2.41 -4.42 1.03
CA LEU C 17 -3.70 -3.98 1.66
C LEU C 17 -4.27 -2.85 0.81
N TRP C 18 -5.53 -2.90 0.48
CA TRP C 18 -6.13 -1.81 -0.34
C TRP C 18 -6.49 -0.62 0.56
N ARG C 19 -6.00 0.54 0.21
CA ARG C 19 -6.29 1.77 1.02
C ARG C 19 -7.22 2.69 0.20
N ARG C 20 -7.62 3.81 0.76
CA ARG C 20 -8.49 4.76 0.02
C ARG C 20 -7.88 6.15 0.14
N SER C 21 -7.92 6.96 -0.90
CA SER C 21 -7.32 8.33 -0.82
C SER C 21 -8.39 9.33 -0.36
N PRO C 22 -7.98 10.49 0.15
CA PRO C 22 -8.95 11.51 0.64
C PRO C 22 -9.97 11.91 -0.43
N MET C 23 -9.69 11.61 -1.67
CA MET C 23 -10.61 11.98 -2.78
C MET C 23 -11.55 10.82 -3.08
N GLY C 24 -11.27 9.66 -2.56
CA GLY C 24 -12.14 8.48 -2.83
C GLY C 24 -11.55 7.68 -3.99
N ASP C 25 -10.28 7.85 -4.25
CA ASP C 25 -9.61 7.13 -5.37
C ASP C 25 -8.86 5.90 -4.78
N PRO C 26 -9.24 4.67 -5.10
CA PRO C 26 -8.52 3.48 -4.53
C PRO C 26 -7.00 3.58 -4.69
N VAL C 27 -6.25 3.20 -3.68
CA VAL C 27 -4.75 3.26 -3.78
C VAL C 27 -4.12 2.04 -3.13
N CYS C 28 -2.88 1.72 -3.47
CA CYS C 28 -2.21 0.55 -2.85
C CYS C 28 -1.63 0.96 -1.51
N ASN C 29 -1.46 0.03 -0.62
CA ASN C 29 -0.95 0.36 0.74
C ASN C 29 0.31 1.24 0.64
N ALA C 30 1.10 1.09 -0.38
CA ALA C 30 2.32 1.94 -0.49
C ALA C 30 1.94 3.39 -0.84
N CYS C 31 1.18 3.59 -1.89
CA CYS C 31 0.80 5.00 -2.26
C CYS C 31 0.06 5.67 -1.12
N GLY C 32 -0.83 4.97 -0.48
CA GLY C 32 -1.58 5.61 0.63
C GLY C 32 -0.61 6.16 1.68
N LEU C 33 0.32 5.37 2.12
CA LEU C 33 1.28 5.86 3.15
C LEU C 33 2.21 6.91 2.56
N TYR C 34 2.82 6.63 1.44
CA TYR C 34 3.75 7.62 0.83
C TYR C 34 2.99 8.91 0.52
N TYR C 35 1.82 8.79 -0.06
CA TYR C 35 1.01 9.98 -0.39
C TYR C 35 0.67 10.76 0.88
N LYS C 36 0.21 10.09 1.89
CA LYS C 36 -0.15 10.83 3.15
C LYS C 36 1.08 11.56 3.69
N LEU C 37 2.22 10.94 3.66
CA LEU C 37 3.45 11.60 4.19
C LEU C 37 3.93 12.73 3.26
N HIS C 38 3.88 12.56 1.96
CA HIS C 38 4.37 13.66 1.04
C HIS C 38 3.23 14.28 0.23
N GLN C 39 2.07 13.69 0.20
CA GLN C 39 0.91 14.25 -0.56
C GLN C 39 1.34 14.77 -1.94
N VAL C 40 1.91 13.89 -2.71
CA VAL C 40 2.35 14.23 -4.10
C VAL C 40 2.26 12.95 -4.92
N ASN C 41 2.10 13.06 -6.21
CA ASN C 41 2.00 11.81 -7.04
C ASN C 41 3.41 11.33 -7.38
N ARG C 42 3.72 10.11 -6.97
CA ARG C 42 5.07 9.54 -7.22
C ARG C 42 5.08 8.78 -8.57
N PRO C 43 6.13 8.88 -9.37
CA PRO C 43 6.18 8.15 -10.68
C PRO C 43 6.05 6.63 -10.50
N LEU C 44 5.53 5.96 -11.49
CA LEU C 44 5.36 4.48 -11.42
C LEU C 44 6.72 3.77 -11.45
N THR C 45 7.80 4.50 -11.54
CA THR C 45 9.13 3.82 -11.60
C THR C 45 9.34 3.03 -10.30
N MET C 46 8.56 3.28 -9.28
CA MET C 46 8.73 2.54 -7.99
C MET C 46 7.73 1.39 -7.93
N ARG C 47 6.92 1.26 -8.93
CA ARG C 47 5.92 0.16 -8.97
C ARG C 47 6.61 -1.15 -9.32
N LYS C 48 6.27 -2.21 -8.64
CA LYS C 48 6.90 -3.54 -8.91
C LYS C 48 5.80 -4.55 -9.24
N ASP C 49 5.95 -5.32 -10.28
CA ASP C 49 4.88 -6.30 -10.65
C ASP C 49 4.41 -7.06 -9.40
N GLY C 50 5.11 -8.10 -9.03
CA GLY C 50 4.71 -8.89 -7.84
C GLY C 50 4.94 -8.08 -6.55
N ILE C 51 4.60 -8.65 -5.42
CA ILE C 51 4.80 -7.92 -4.13
C ILE C 51 6.16 -8.27 -3.53
N GLN C 52 6.83 -7.29 -2.97
CA GLN C 52 8.15 -7.58 -2.34
C GLN C 52 7.92 -8.22 -0.98
N THR C 53 8.83 -9.05 -0.55
CA THR C 53 8.66 -9.72 0.78
C THR C 53 10.00 -9.74 1.51
N ARG C 54 9.94 -9.91 2.79
CA ARG C 54 11.19 -9.92 3.61
C ARG C 54 10.98 -10.77 4.86
N ASN C 55 12.03 -11.06 5.59
CA ASN C 55 11.85 -11.87 6.82
C ASN C 55 10.80 -11.14 7.67
N ARG C 56 9.92 -11.87 8.27
CA ARG C 56 8.84 -11.22 9.06
C ARG C 56 9.40 -10.41 10.23
N LYS C 57 8.95 -9.19 10.35
CA LYS C 57 9.40 -8.30 11.46
C LYS C 57 9.21 -9.04 12.80
N VAL C 58 10.05 -8.77 13.77
CA VAL C 58 9.91 -9.45 15.10
C VAL C 58 8.43 -9.51 15.49
N SER C 59 8.03 -10.51 16.23
CA SER C 59 6.60 -10.59 16.63
C SER C 59 6.38 -9.70 17.85
N SER C 60 5.38 -8.86 17.82
CA SER C 60 5.13 -7.94 18.97
C SER C 60 3.62 -7.73 19.13
N LYS C 61 3.17 -7.52 20.35
CA LYS C 61 1.70 -7.31 20.56
C LYS C 61 1.40 -5.81 20.46
N GLY C 62 1.39 -5.12 21.57
CA GLY C 62 1.10 -3.65 21.54
C GLY C 62 1.20 -3.09 22.95
N LYS C 63 0.87 -1.83 23.12
CA LYS C 63 0.92 -1.19 24.46
C LYS C 63 -0.43 -0.55 24.76
N LYS C 64 -0.77 -0.40 26.01
CA LYS C 64 -2.07 0.22 26.34
C LYS C 64 -2.08 1.67 25.85
N ARG C 65 -3.18 2.12 25.30
CA ARG C 65 -3.28 3.51 24.77
C ARG C 65 -4.36 4.29 25.52
N ARG C 66 -4.18 5.59 25.65
CA ARG C 66 -5.17 6.42 26.38
C ARG C 66 -6.50 6.44 25.62
ZN ZN D . -0.01 2.61 -5.69
N LYS C 1 -15.61 -4.25 -3.05
CA LYS C 1 -15.50 -4.50 -4.52
C LYS C 1 -14.04 -4.52 -4.94
N ARG C 2 -13.31 -5.53 -4.54
CA ARG C 2 -11.89 -5.61 -4.93
C ARG C 2 -11.77 -5.87 -6.43
N ALA C 3 -12.63 -6.72 -6.94
CA ALA C 3 -12.58 -7.06 -8.40
C ALA C 3 -12.38 -5.80 -9.26
N GLY C 4 -11.28 -5.72 -9.96
CA GLY C 4 -11.03 -4.54 -10.86
C GLY C 4 -10.31 -3.40 -10.13
N THR C 5 -10.03 -3.55 -8.86
CA THR C 5 -9.35 -2.45 -8.12
C THR C 5 -7.90 -2.32 -8.55
N VAL C 6 -7.58 -1.20 -9.16
CA VAL C 6 -6.18 -0.94 -9.60
C VAL C 6 -5.74 0.34 -8.88
N CYS C 7 -4.53 0.42 -8.44
CA CYS C 7 -4.07 1.64 -7.72
C CYS C 7 -4.22 2.87 -8.59
N SER C 8 -4.99 3.80 -8.13
CA SER C 8 -5.19 5.05 -8.87
C SER C 8 -3.85 5.76 -9.04
N ASN C 9 -3.01 5.76 -8.03
CA ASN C 9 -1.72 6.47 -8.17
C ASN C 9 -0.72 5.70 -9.04
N CYS C 10 -0.64 4.37 -8.95
CA CYS C 10 0.39 3.63 -9.80
C CYS C 10 -0.22 2.43 -10.55
N GLN C 11 -1.52 2.32 -10.63
CA GLN C 11 -2.15 1.20 -11.42
C GLN C 11 -1.73 -0.20 -10.97
N THR C 12 -0.95 -0.34 -9.92
CA THR C 12 -0.57 -1.73 -9.51
C THR C 12 -1.82 -2.46 -9.02
N SER C 13 -1.82 -3.78 -9.03
CA SER C 13 -3.01 -4.54 -8.53
C SER C 13 -2.56 -5.61 -7.53
N THR C 14 -1.29 -5.62 -7.17
CA THR C 14 -0.77 -6.64 -6.19
C THR C 14 -0.53 -5.96 -4.84
N THR C 15 -1.47 -5.22 -4.39
CA THR C 15 -1.29 -4.45 -3.11
C THR C 15 -1.45 -5.36 -1.89
N THR C 16 -0.72 -5.05 -0.85
CA THR C 16 -0.86 -5.84 0.40
C THR C 16 -2.14 -5.38 1.09
N LEU C 17 -2.41 -4.09 1.05
CA LEU C 17 -3.69 -3.56 1.65
C LEU C 17 -4.19 -2.41 0.78
N TRP C 18 -5.45 -2.41 0.45
CA TRP C 18 -6.01 -1.33 -0.40
C TRP C 18 -6.31 -0.09 0.46
N ARG C 19 -5.82 1.05 0.05
CA ARG C 19 -6.04 2.31 0.83
C ARG C 19 -6.98 3.24 0.05
N ARG C 20 -7.34 4.36 0.63
CA ARG C 20 -8.20 5.35 -0.09
C ARG C 20 -7.55 6.72 0.05
N SER C 21 -7.57 7.51 -0.99
CA SER C 21 -6.95 8.88 -0.92
C SER C 21 -8.03 9.91 -0.53
N PRO C 22 -7.63 11.07 -0.04
CA PRO C 22 -8.60 12.12 0.37
C PRO C 22 -9.59 12.47 -0.76
N MET C 23 -9.29 12.08 -1.98
CA MET C 23 -10.21 12.40 -3.12
C MET C 23 -11.14 11.21 -3.38
N GLY C 24 -10.85 10.07 -2.78
CA GLY C 24 -11.72 8.88 -3.00
C GLY C 24 -11.15 8.05 -4.14
N ASP C 25 -9.85 7.98 -4.26
CA ASP C 25 -9.20 7.22 -5.38
C ASP C 25 -8.51 5.95 -4.83
N PRO C 26 -8.94 4.75 -5.20
CA PRO C 26 -8.26 3.52 -4.70
C PRO C 26 -6.74 3.58 -4.92
N VAL C 27 -5.98 3.33 -3.89
CA VAL C 27 -4.48 3.34 -4.02
C VAL C 27 -3.89 2.11 -3.33
N CYS C 28 -2.69 1.73 -3.70
CA CYS C 28 -2.06 0.53 -3.06
C CYS C 28 -1.42 0.92 -1.73
N ASN C 29 -1.18 -0.04 -0.89
CA ASN C 29 -0.61 0.24 0.46
C ASN C 29 0.63 1.14 0.38
N ALA C 30 1.42 1.03 -0.63
CA ALA C 30 2.64 1.89 -0.70
C ALA C 30 2.30 3.33 -1.12
N CYS C 31 1.54 3.53 -2.18
CA CYS C 31 1.21 4.92 -2.61
C CYS C 31 0.48 5.66 -1.49
N GLY C 32 -0.45 5.01 -0.85
CA GLY C 32 -1.21 5.70 0.22
C GLY C 32 -0.24 6.21 1.27
N LEU C 33 0.64 5.37 1.73
CA LEU C 33 1.61 5.82 2.77
C LEU C 33 2.54 6.87 2.16
N TYR C 34 3.06 6.63 0.99
CA TYR C 34 3.97 7.62 0.35
C TYR C 34 3.21 8.93 0.15
N TYR C 35 2.02 8.84 -0.36
CA TYR C 35 1.19 10.04 -0.64
C TYR C 35 0.84 10.76 0.67
N LYS C 36 0.37 10.07 1.65
CA LYS C 36 0.00 10.76 2.91
C LYS C 36 1.21 11.47 3.52
N LEU C 37 2.34 10.85 3.51
CA LEU C 37 3.53 11.50 4.12
C LEU C 37 3.95 12.74 3.31
N HIS C 38 3.94 12.69 2.00
CA HIS C 38 4.39 13.89 1.19
C HIS C 38 3.31 14.38 0.21
N GLN C 39 2.12 13.84 0.25
CA GLN C 39 1.02 14.29 -0.68
C GLN C 39 1.56 14.64 -2.08
N VAL C 40 2.18 13.69 -2.72
CA VAL C 40 2.70 13.89 -4.11
C VAL C 40 2.62 12.54 -4.83
N ASN C 41 2.48 12.54 -6.11
CA ASN C 41 2.41 11.25 -6.86
C ASN C 41 3.82 10.77 -7.22
N ARG C 42 4.14 9.54 -6.91
CA ARG C 42 5.51 9.02 -7.23
C ARG C 42 5.47 8.30 -8.60
N PRO C 43 6.37 8.60 -9.53
CA PRO C 43 6.35 7.89 -10.85
C PRO C 43 6.25 6.37 -10.71
N LEU C 44 5.68 5.72 -11.69
CA LEU C 44 5.51 4.23 -11.65
C LEU C 44 6.87 3.55 -11.53
N THR C 45 7.93 4.25 -11.69
CA THR C 45 9.26 3.59 -11.60
C THR C 45 9.39 2.89 -10.23
N MET C 46 8.50 3.20 -9.31
CA MET C 46 8.57 2.56 -7.95
C MET C 46 7.62 1.36 -7.89
N ARG C 47 6.88 1.14 -8.93
CA ARG C 47 5.91 0.00 -8.98
C ARG C 47 6.62 -1.32 -9.27
N LYS C 48 6.30 -2.35 -8.52
CA LYS C 48 6.91 -3.69 -8.73
C LYS C 48 5.81 -4.67 -9.16
N ASP C 49 6.01 -5.39 -10.24
CA ASP C 49 4.94 -6.33 -10.73
C ASP C 49 4.65 -7.41 -9.69
N GLY C 50 5.25 -7.33 -8.53
CA GLY C 50 4.98 -8.36 -7.47
C GLY C 50 5.15 -7.71 -6.10
N ILE C 51 4.76 -8.38 -5.05
CA ILE C 51 4.91 -7.79 -3.69
C ILE C 51 6.26 -8.18 -3.10
N GLN C 52 6.93 -7.23 -2.48
CA GLN C 52 8.26 -7.51 -1.86
C GLN C 52 8.08 -8.18 -0.49
N THR C 53 9.01 -9.00 -0.08
CA THR C 53 8.88 -9.69 1.24
C THR C 53 10.22 -9.68 1.98
N ARG C 54 10.17 -9.88 3.26
CA ARG C 54 11.40 -9.89 4.11
C ARG C 54 11.18 -10.83 5.28
N ASN C 55 12.24 -11.34 5.86
CA ASN C 55 12.07 -12.28 7.01
C ASN C 55 11.11 -11.65 8.03
N ARG C 56 10.24 -12.44 8.60
CA ARG C 56 9.26 -11.89 9.58
C ARG C 56 10.03 -11.20 10.72
N LYS C 57 9.75 -9.94 10.95
CA LYS C 57 10.46 -9.22 12.04
C LYS C 57 10.06 -9.79 13.39
N VAL C 58 10.77 -9.40 14.42
CA VAL C 58 10.46 -9.91 15.78
C VAL C 58 8.97 -9.75 16.06
N SER C 59 8.46 -10.48 17.02
CA SER C 59 7.02 -10.34 17.39
C SER C 59 6.95 -9.28 18.49
N SER C 60 6.91 -8.04 18.12
CA SER C 60 6.86 -6.96 19.16
C SER C 60 5.41 -6.60 19.47
N LYS C 61 4.74 -7.41 20.24
CA LYS C 61 3.32 -7.10 20.56
C LYS C 61 2.85 -8.02 21.70
N GLY C 62 3.03 -7.61 22.93
CA GLY C 62 2.60 -8.44 24.09
C GLY C 62 1.46 -7.74 24.82
N LYS C 63 1.74 -7.17 25.95
CA LYS C 63 0.68 -6.46 26.72
C LYS C 63 0.52 -5.03 26.18
N LYS C 64 -0.61 -4.43 26.43
CA LYS C 64 -0.84 -3.04 25.93
C LYS C 64 -0.15 -2.03 26.85
N ARG C 65 0.49 -2.50 27.89
CA ARG C 65 1.18 -1.57 28.82
C ARG C 65 2.24 -0.77 28.05
N ARG C 66 2.36 0.50 28.30
CA ARG C 66 3.36 1.32 27.57
C ARG C 66 3.53 2.66 28.29
ZN ZN D . 0.21 2.45 -5.96
N LYS C 1 -13.60 -4.66 -2.34
CA LYS C 1 -13.78 -4.85 -3.81
C LYS C 1 -12.41 -4.76 -4.52
N ARG C 2 -11.75 -5.87 -4.71
CA ARG C 2 -10.41 -5.87 -5.39
C ARG C 2 -10.61 -6.15 -6.88
N ALA C 3 -11.79 -6.55 -7.27
CA ALA C 3 -12.05 -6.86 -8.70
C ALA C 3 -11.96 -5.60 -9.55
N GLY C 4 -10.99 -5.52 -10.41
CA GLY C 4 -10.85 -4.32 -11.29
C GLY C 4 -10.13 -3.19 -10.55
N THR C 5 -9.95 -3.32 -9.26
CA THR C 5 -9.28 -2.24 -8.49
C THR C 5 -7.84 -2.08 -8.98
N VAL C 6 -7.53 -0.89 -9.44
CA VAL C 6 -6.15 -0.58 -9.92
C VAL C 6 -5.65 0.56 -9.05
N CYS C 7 -4.41 0.59 -8.67
CA CYS C 7 -3.93 1.70 -7.82
C CYS C 7 -4.04 3.01 -8.57
N SER C 8 -4.84 3.90 -8.07
CA SER C 8 -5.01 5.21 -8.74
C SER C 8 -3.65 5.91 -8.80
N ASN C 9 -2.87 5.82 -7.76
CA ASN C 9 -1.55 6.53 -7.76
C ASN C 9 -0.53 5.84 -8.67
N CYS C 10 -0.45 4.52 -8.71
CA CYS C 10 0.60 3.88 -9.58
C CYS C 10 0.04 2.75 -10.46
N GLN C 11 -1.26 2.62 -10.56
CA GLN C 11 -1.85 1.58 -11.46
C GLN C 11 -1.51 0.14 -11.06
N THR C 12 -0.75 -0.09 -10.03
CA THR C 12 -0.45 -1.52 -9.67
C THR C 12 -1.76 -2.23 -9.31
N SER C 13 -1.88 -3.52 -9.59
CA SER C 13 -3.14 -4.25 -9.23
C SER C 13 -2.82 -5.21 -8.07
N THR C 14 -1.56 -5.31 -7.73
CA THR C 14 -1.15 -6.17 -6.60
C THR C 14 -0.84 -5.27 -5.41
N THR C 15 -1.51 -5.46 -4.31
CA THR C 15 -1.25 -4.59 -3.13
C THR C 15 -1.41 -5.41 -1.85
N THR C 16 -0.65 -5.11 -0.84
CA THR C 16 -0.82 -5.86 0.42
C THR C 16 -2.10 -5.38 1.09
N LEU C 17 -2.36 -4.09 1.04
CA LEU C 17 -3.62 -3.56 1.64
C LEU C 17 -4.12 -2.39 0.79
N TRP C 18 -5.36 -2.40 0.40
CA TRP C 18 -5.91 -1.29 -0.43
C TRP C 18 -6.28 -0.12 0.48
N ARG C 19 -5.84 1.07 0.16
CA ARG C 19 -6.17 2.27 1.01
C ARG C 19 -7.08 3.20 0.21
N ARG C 20 -8.30 3.39 0.60
CA ARG C 20 -9.18 4.30 -0.19
C ARG C 20 -8.83 5.75 0.19
N SER C 21 -7.79 6.29 -0.40
CA SER C 21 -7.32 7.68 -0.06
C SER C 21 -8.47 8.62 0.36
N PRO C 22 -8.15 9.67 1.13
CA PRO C 22 -9.17 10.65 1.62
C PRO C 22 -10.05 11.25 0.52
N MET C 23 -9.64 11.15 -0.72
CA MET C 23 -10.45 11.74 -1.83
C MET C 23 -11.38 10.68 -2.41
N GLY C 24 -11.10 9.43 -2.13
CA GLY C 24 -11.96 8.33 -2.65
C GLY C 24 -11.30 7.67 -3.87
N ASP C 25 -10.03 7.87 -4.08
CA ASP C 25 -9.34 7.24 -5.25
C ASP C 25 -8.60 5.96 -4.78
N PRO C 26 -8.89 4.79 -5.33
CA PRO C 26 -8.19 3.55 -4.89
C PRO C 26 -6.65 3.64 -5.05
N VAL C 27 -5.91 3.24 -4.04
CA VAL C 27 -4.41 3.27 -4.15
C VAL C 27 -3.81 2.03 -3.48
N CYS C 28 -2.58 1.69 -3.78
CA CYS C 28 -1.95 0.52 -3.13
C CYS C 28 -1.34 0.95 -1.79
N ASN C 29 -1.21 0.03 -0.87
CA ASN C 29 -0.66 0.35 0.49
C ASN C 29 0.57 1.25 0.41
N ALA C 30 1.42 1.05 -0.55
CA ALA C 30 2.64 1.90 -0.61
C ALA C 30 2.31 3.34 -1.00
N CYS C 31 1.54 3.55 -2.03
CA CYS C 31 1.21 4.94 -2.47
C CYS C 31 0.48 5.70 -1.37
N GLY C 32 -0.44 5.06 -0.71
CA GLY C 32 -1.19 5.81 0.35
C GLY C 32 -0.22 6.36 1.38
N LEU C 33 0.63 5.53 1.91
CA LEU C 33 1.60 6.00 2.92
C LEU C 33 2.55 7.01 2.28
N TYR C 34 3.09 6.70 1.14
CA TYR C 34 4.03 7.65 0.48
C TYR C 34 3.33 8.97 0.21
N TYR C 35 2.11 8.91 -0.25
CA TYR C 35 1.36 10.15 -0.58
C TYR C 35 1.00 10.92 0.70
N LYS C 36 0.51 10.27 1.71
CA LYS C 36 0.14 11.01 2.96
C LYS C 36 1.38 11.71 3.53
N LEU C 37 2.50 11.05 3.54
CA LEU C 37 3.73 11.67 4.12
C LEU C 37 4.25 12.83 3.24
N HIS C 38 4.21 12.70 1.92
CA HIS C 38 4.75 13.79 1.04
C HIS C 38 3.68 14.39 0.12
N GLN C 39 2.46 13.92 0.19
CA GLN C 39 1.35 14.46 -0.66
C GLN C 39 1.81 14.84 -2.08
N VAL C 40 2.64 14.02 -2.69
CA VAL C 40 3.08 14.27 -4.09
C VAL C 40 3.07 12.94 -4.85
N ASN C 41 2.93 12.99 -6.15
CA ASN C 41 2.90 11.73 -6.95
C ASN C 41 4.33 11.27 -7.26
N ARG C 42 4.63 10.00 -7.03
CA ARG C 42 6.00 9.47 -7.29
C ARG C 42 6.03 8.62 -8.58
N PRO C 43 7.14 8.59 -9.31
CA PRO C 43 7.25 7.76 -10.54
C PRO C 43 7.10 6.26 -10.24
N LEU C 44 6.64 5.51 -11.21
CA LEU C 44 6.46 4.04 -11.01
C LEU C 44 7.83 3.35 -10.80
N THR C 45 8.84 4.09 -10.45
CA THR C 45 10.18 3.46 -10.22
C THR C 45 10.08 2.49 -9.03
N MET C 46 9.07 2.64 -8.21
CA MET C 46 8.93 1.73 -7.02
C MET C 46 7.90 0.65 -7.32
N ARG C 47 7.22 0.75 -8.43
CA ARG C 47 6.19 -0.27 -8.79
C ARG C 47 6.85 -1.50 -9.40
N LYS C 48 6.48 -2.67 -8.91
CA LYS C 48 7.05 -3.94 -9.44
C LYS C 48 5.89 -4.91 -9.70
N ASP C 49 6.02 -5.79 -10.67
CA ASP C 49 4.88 -6.72 -10.99
C ASP C 49 4.23 -7.25 -9.71
N GLY C 50 4.77 -8.30 -9.13
CA GLY C 50 4.16 -8.89 -7.91
C GLY C 50 4.47 -8.03 -6.67
N ILE C 51 4.12 -8.52 -5.51
CA ILE C 51 4.38 -7.79 -4.24
C ILE C 51 5.74 -8.20 -3.69
N GLN C 52 6.47 -7.26 -3.16
CA GLN C 52 7.80 -7.59 -2.58
C GLN C 52 7.58 -8.18 -1.18
N THR C 53 8.47 -9.01 -0.70
CA THR C 53 8.28 -9.62 0.66
C THR C 53 9.59 -9.64 1.43
N ARG C 54 9.51 -9.82 2.72
CA ARG C 54 10.73 -9.84 3.57
C ARG C 54 10.51 -10.74 4.79
N ASN C 55 11.56 -11.21 5.40
CA ASN C 55 11.41 -12.09 6.59
C ASN C 55 10.57 -11.36 7.65
N ARG C 56 9.69 -12.07 8.29
CA ARG C 56 8.83 -11.43 9.33
C ARG C 56 9.68 -10.93 10.50
N LYS C 57 9.54 -9.68 10.84
CA LYS C 57 10.32 -9.11 11.97
C LYS C 57 9.89 -9.79 13.27
N VAL C 58 10.71 -9.71 14.29
CA VAL C 58 10.37 -10.36 15.58
C VAL C 58 8.92 -10.05 15.96
N SER C 59 8.37 -10.82 16.86
CA SER C 59 6.97 -10.56 17.32
C SER C 59 7.02 -9.66 18.55
N SER C 60 6.50 -8.46 18.45
CA SER C 60 6.53 -7.52 19.61
C SER C 60 5.11 -7.03 19.93
N LYS C 61 4.58 -7.42 21.04
CA LYS C 61 3.21 -6.96 21.40
C LYS C 61 3.26 -5.47 21.72
N GLY C 62 4.33 -5.03 22.36
CA GLY C 62 4.47 -3.57 22.71
C GLY C 62 5.91 -3.14 22.42
N LYS C 63 6.17 -1.87 22.34
CA LYS C 63 7.55 -1.41 22.06
C LYS C 63 8.50 -1.91 23.17
N LYS C 64 8.04 -1.88 24.40
CA LYS C 64 8.91 -2.35 25.52
C LYS C 64 8.06 -2.44 26.80
N ARG C 65 7.85 -3.63 27.31
CA ARG C 65 7.03 -3.78 28.56
C ARG C 65 7.93 -4.17 29.73
N ARG C 66 7.83 -3.46 30.82
CA ARG C 66 8.67 -3.81 32.00
C ARG C 66 8.15 -5.11 32.61
ZN ZN D . 0.33 2.51 -5.91
N LYS C 1 -13.20 -6.12 -1.53
CA LYS C 1 -13.55 -6.11 -2.98
C LYS C 1 -12.28 -5.88 -3.80
N ARG C 2 -11.59 -6.93 -4.15
CA ARG C 2 -10.34 -6.78 -4.97
C ARG C 2 -10.70 -6.90 -6.45
N ALA C 3 -11.93 -7.22 -6.75
CA ALA C 3 -12.33 -7.38 -8.17
C ALA C 3 -12.39 -6.02 -8.89
N GLY C 4 -11.49 -5.80 -9.81
CA GLY C 4 -11.49 -4.52 -10.57
C GLY C 4 -10.75 -3.42 -9.81
N THR C 5 -10.44 -3.64 -8.56
CA THR C 5 -9.75 -2.57 -7.80
C THR C 5 -8.34 -2.35 -8.34
N VAL C 6 -8.09 -1.19 -8.89
CA VAL C 6 -6.75 -0.85 -9.42
C VAL C 6 -6.27 0.39 -8.69
N CYS C 7 -5.02 0.48 -8.37
CA CYS C 7 -4.53 1.67 -7.64
C CYS C 7 -4.70 2.92 -8.50
N SER C 8 -5.47 3.86 -8.01
CA SER C 8 -5.69 5.10 -8.77
C SER C 8 -4.37 5.83 -8.99
N ASN C 9 -3.51 5.86 -8.01
CA ASN C 9 -2.24 6.60 -8.18
C ASN C 9 -1.22 5.82 -9.03
N CYS C 10 -1.11 4.51 -8.89
CA CYS C 10 -0.09 3.77 -9.72
C CYS C 10 -0.70 2.58 -10.48
N GLN C 11 -1.99 2.47 -10.56
CA GLN C 11 -2.63 1.36 -11.35
C GLN C 11 -2.18 -0.04 -10.90
N THR C 12 -1.33 -0.18 -9.93
CA THR C 12 -0.93 -1.55 -9.53
C THR C 12 -2.18 -2.29 -9.00
N SER C 13 -2.20 -3.59 -9.08
CA SER C 13 -3.38 -4.37 -8.57
C SER C 13 -2.88 -5.45 -7.61
N THR C 14 -1.59 -5.49 -7.36
CA THR C 14 -1.01 -6.52 -6.45
C THR C 14 -0.77 -5.87 -5.08
N THR C 15 -1.75 -5.19 -4.58
CA THR C 15 -1.59 -4.47 -3.28
C THR C 15 -1.70 -5.42 -2.10
N THR C 16 -0.95 -5.17 -1.06
CA THR C 16 -1.05 -6.01 0.14
C THR C 16 -2.30 -5.57 0.89
N LEU C 17 -2.58 -4.29 0.88
CA LEU C 17 -3.80 -3.78 1.58
C LEU C 17 -4.43 -2.65 0.74
N TRP C 18 -5.71 -2.70 0.50
CA TRP C 18 -6.34 -1.62 -0.30
C TRP C 18 -6.61 -0.42 0.61
N ARG C 19 -6.11 0.71 0.22
CA ARG C 19 -6.29 1.95 1.03
C ARG C 19 -7.10 2.98 0.22
N ARG C 20 -8.14 3.55 0.75
CA ARG C 20 -8.87 4.57 -0.06
C ARG C 20 -8.12 5.89 0.10
N SER C 21 -8.13 6.73 -0.90
CA SER C 21 -7.38 8.03 -0.80
C SER C 21 -8.32 9.11 -0.23
N PRO C 22 -7.77 10.15 0.36
CA PRO C 22 -8.60 11.26 0.91
C PRO C 22 -9.64 11.77 -0.09
N MET C 23 -9.38 11.57 -1.36
CA MET C 23 -10.33 12.06 -2.41
C MET C 23 -11.35 10.96 -2.75
N GLY C 24 -11.10 9.75 -2.34
CA GLY C 24 -12.04 8.63 -2.64
C GLY C 24 -11.52 7.84 -3.84
N ASP C 25 -10.23 7.87 -4.08
CA ASP C 25 -9.64 7.13 -5.24
C ASP C 25 -8.94 5.85 -4.73
N PRO C 26 -9.34 4.67 -5.14
CA PRO C 26 -8.65 3.43 -4.67
C PRO C 26 -7.12 3.49 -4.86
N VAL C 27 -6.35 3.22 -3.82
CA VAL C 27 -4.84 3.24 -3.97
C VAL C 27 -4.23 2.00 -3.29
N CYS C 28 -3.03 1.61 -3.68
CA CYS C 28 -2.39 0.41 -3.06
C CYS C 28 -1.75 0.82 -1.72
N ASN C 29 -1.58 -0.11 -0.82
CA ASN C 29 -1.03 0.22 0.53
C ASN C 29 0.24 1.06 0.45
N ALA C 30 1.04 0.91 -0.57
CA ALA C 30 2.29 1.73 -0.64
C ALA C 30 1.95 3.18 -1.05
N CYS C 31 1.20 3.37 -2.11
CA CYS C 31 0.87 4.79 -2.53
C CYS C 31 0.17 5.50 -1.38
N GLY C 32 -0.71 4.85 -0.70
CA GLY C 32 -1.42 5.54 0.41
C GLY C 32 -0.42 6.09 1.42
N LEU C 33 0.49 5.28 1.88
CA LEU C 33 1.48 5.76 2.88
C LEU C 33 2.40 6.80 2.25
N TYR C 34 2.96 6.53 1.11
CA TYR C 34 3.86 7.53 0.47
C TYR C 34 3.09 8.81 0.19
N TYR C 35 1.88 8.68 -0.28
CA TYR C 35 1.07 9.89 -0.59
C TYR C 35 0.67 10.61 0.70
N LYS C 36 0.18 9.92 1.66
CA LYS C 36 -0.22 10.61 2.92
C LYS C 36 0.98 11.32 3.54
N LEU C 37 2.11 10.68 3.56
CA LEU C 37 3.32 11.32 4.16
C LEU C 37 3.82 12.49 3.29
N HIS C 38 3.87 12.35 1.97
CA HIS C 38 4.39 13.47 1.10
C HIS C 38 3.31 14.04 0.18
N GLN C 39 2.09 13.57 0.25
CA GLN C 39 0.98 14.10 -0.61
C GLN C 39 1.45 14.57 -2.00
N VAL C 40 2.26 13.78 -2.66
CA VAL C 40 2.71 14.15 -4.04
C VAL C 40 2.75 12.88 -4.90
N ASN C 41 2.54 13.02 -6.18
CA ASN C 41 2.56 11.82 -7.08
C ASN C 41 4.00 11.53 -7.52
N ARG C 42 4.40 10.28 -7.58
CA ARG C 42 5.80 9.93 -8.00
C ARG C 42 5.75 8.95 -9.20
N PRO C 43 6.72 8.97 -10.11
CA PRO C 43 6.68 8.03 -11.28
C PRO C 43 6.48 6.56 -10.88
N LEU C 44 5.86 5.79 -11.74
CA LEU C 44 5.63 4.34 -11.44
C LEU C 44 6.96 3.61 -11.23
N THR C 45 8.05 4.34 -11.18
CA THR C 45 9.35 3.68 -10.96
C THR C 45 9.33 3.01 -9.57
N MET C 46 8.36 3.33 -8.77
CA MET C 46 8.26 2.72 -7.40
C MET C 46 7.33 1.50 -7.46
N ARG C 47 6.62 1.37 -8.54
CA ARG C 47 5.67 0.22 -8.71
C ARG C 47 6.43 -1.03 -9.16
N LYS C 48 6.19 -2.15 -8.50
CA LYS C 48 6.88 -3.43 -8.89
C LYS C 48 5.82 -4.45 -9.33
N ASP C 49 6.04 -5.08 -10.46
CA ASP C 49 5.05 -6.05 -11.01
C ASP C 49 4.66 -7.14 -10.00
N GLY C 50 5.17 -7.09 -8.79
CA GLY C 50 4.81 -8.14 -7.78
C GLY C 50 4.91 -7.55 -6.38
N ILE C 51 4.44 -8.28 -5.38
CA ILE C 51 4.52 -7.80 -3.98
C ILE C 51 5.83 -8.28 -3.37
N GLN C 52 6.57 -7.40 -2.78
CA GLN C 52 7.86 -7.80 -2.15
C GLN C 52 7.59 -8.38 -0.77
N THR C 53 8.44 -9.27 -0.32
CA THR C 53 8.24 -9.89 1.03
C THR C 53 9.60 -9.93 1.73
N ARG C 54 9.61 -10.21 3.00
CA ARG C 54 10.91 -10.23 3.74
C ARG C 54 10.81 -11.18 4.93
N ASN C 55 11.93 -11.58 5.47
CA ASN C 55 11.90 -12.51 6.64
C ASN C 55 11.02 -11.89 7.73
N ARG C 56 10.17 -12.69 8.32
CA ARG C 56 9.26 -12.17 9.39
C ARG C 56 10.09 -11.52 10.50
N LYS C 57 9.84 -10.26 10.76
CA LYS C 57 10.58 -9.56 11.83
C LYS C 57 10.23 -10.19 13.18
N VAL C 58 10.60 -9.55 14.25
CA VAL C 58 10.30 -10.12 15.59
C VAL C 58 8.79 -10.27 15.77
N SER C 59 8.37 -11.33 16.41
CA SER C 59 6.92 -11.54 16.63
C SER C 59 6.49 -10.73 17.86
N SER C 60 6.51 -9.43 17.74
CA SER C 60 6.12 -8.56 18.88
C SER C 60 4.61 -8.59 19.08
N LYS C 61 4.16 -8.90 20.27
CA LYS C 61 2.70 -8.94 20.56
C LYS C 61 2.47 -8.48 22.00
N GLY C 62 1.61 -7.52 22.22
CA GLY C 62 1.36 -7.05 23.61
C GLY C 62 0.40 -8.00 24.32
N LYS C 63 0.92 -8.94 25.07
CA LYS C 63 0.04 -9.91 25.79
C LYS C 63 0.73 -10.36 27.09
N LYS C 64 0.11 -10.12 28.23
CA LYS C 64 0.72 -10.55 29.53
C LYS C 64 -0.33 -11.32 30.34
N ARG C 65 0.07 -12.34 31.04
CA ARG C 65 -0.91 -13.13 31.83
C ARG C 65 -1.34 -12.33 33.06
N ARG C 66 -2.62 -12.35 33.36
CA ARG C 66 -3.14 -11.60 34.53
C ARG C 66 -2.62 -12.27 35.81
ZN ZN D . -0.21 2.42 -5.94
N LYS C 1 -15.36 -2.59 -6.21
CA LYS C 1 -14.62 -3.05 -4.98
C LYS C 1 -13.43 -3.91 -5.40
N ARG C 2 -13.03 -4.82 -4.54
CA ARG C 2 -11.86 -5.70 -4.86
C ARG C 2 -11.96 -6.22 -6.30
N ALA C 3 -13.14 -6.26 -6.83
CA ALA C 3 -13.29 -6.75 -8.23
C ALA C 3 -12.96 -5.61 -9.20
N GLY C 4 -11.78 -5.64 -9.77
CA GLY C 4 -11.38 -4.57 -10.74
C GLY C 4 -10.60 -3.47 -10.03
N THR C 5 -10.35 -3.59 -8.75
CA THR C 5 -9.61 -2.49 -8.03
C THR C 5 -8.19 -2.34 -8.59
N VAL C 6 -7.88 -1.18 -9.10
CA VAL C 6 -6.52 -0.90 -9.62
C VAL C 6 -6.00 0.29 -8.80
N CYS C 7 -4.74 0.31 -8.46
CA CYS C 7 -4.24 1.46 -7.67
C CYS C 7 -4.34 2.75 -8.46
N SER C 8 -5.11 3.67 -7.98
CA SER C 8 -5.26 4.96 -8.70
C SER C 8 -3.91 5.67 -8.81
N ASN C 9 -3.11 5.62 -7.79
CA ASN C 9 -1.81 6.35 -7.86
C ASN C 9 -0.78 5.61 -8.73
N CYS C 10 -0.70 4.30 -8.69
CA CYS C 10 0.34 3.60 -9.54
C CYS C 10 -0.26 2.44 -10.36
N GLN C 11 -1.56 2.33 -10.44
CA GLN C 11 -2.21 1.27 -11.29
C GLN C 11 -1.84 -0.16 -10.87
N THR C 12 -1.05 -0.38 -9.87
CA THR C 12 -0.75 -1.80 -9.51
C THR C 12 -2.07 -2.48 -9.16
N SER C 13 -2.23 -3.74 -9.50
CA SER C 13 -3.51 -4.47 -9.15
C SER C 13 -3.20 -5.45 -8.03
N THR C 14 -1.95 -5.54 -7.67
CA THR C 14 -1.51 -6.43 -6.55
C THR C 14 -1.19 -5.53 -5.36
N THR C 15 -1.85 -5.71 -4.25
CA THR C 15 -1.58 -4.83 -3.06
C THR C 15 -1.69 -5.64 -1.77
N THR C 16 -0.95 -5.28 -0.76
CA THR C 16 -1.07 -6.03 0.52
C THR C 16 -2.38 -5.61 1.17
N LEU C 17 -2.69 -4.33 1.15
CA LEU C 17 -3.98 -3.85 1.74
C LEU C 17 -4.51 -2.70 0.88
N TRP C 18 -5.75 -2.74 0.49
CA TRP C 18 -6.31 -1.65 -0.33
C TRP C 18 -6.60 -0.45 0.58
N ARG C 19 -6.10 0.70 0.23
CA ARG C 19 -6.33 1.93 1.06
C ARG C 19 -7.15 2.95 0.26
N ARG C 20 -8.30 3.35 0.73
CA ARG C 20 -9.06 4.37 -0.04
C ARG C 20 -8.30 5.69 0.13
N SER C 21 -8.25 6.51 -0.89
CA SER C 21 -7.49 7.81 -0.76
C SER C 21 -8.43 8.90 -0.22
N PRO C 22 -7.90 9.89 0.47
CA PRO C 22 -8.75 10.99 1.00
C PRO C 22 -9.70 11.58 -0.05
N MET C 23 -9.38 11.44 -1.30
CA MET C 23 -10.26 11.99 -2.38
C MET C 23 -11.25 10.92 -2.84
N GLY C 24 -11.03 9.69 -2.48
CA GLY C 24 -11.95 8.58 -2.90
C GLY C 24 -11.35 7.83 -4.09
N ASP C 25 -10.05 7.90 -4.27
CA ASP C 25 -9.40 7.19 -5.40
C ASP C 25 -8.71 5.91 -4.86
N PRO C 26 -9.10 4.72 -5.27
CA PRO C 26 -8.44 3.49 -4.74
C PRO C 26 -6.90 3.52 -4.91
N VAL C 27 -6.16 3.15 -3.88
CA VAL C 27 -4.65 3.14 -4.00
C VAL C 27 -4.07 1.90 -3.30
N CYS C 28 -2.87 1.51 -3.64
CA CYS C 28 -2.25 0.33 -2.96
C CYS C 28 -1.64 0.80 -1.64
N ASN C 29 -1.54 -0.08 -0.66
CA ASN C 29 -1.03 0.34 0.68
C ASN C 29 0.27 1.13 0.58
N ALA C 30 1.11 0.85 -0.38
CA ALA C 30 2.39 1.63 -0.46
C ALA C 30 2.10 3.08 -0.88
N CYS C 31 1.38 3.27 -1.96
CA CYS C 31 1.09 4.67 -2.43
C CYS C 31 0.39 5.48 -1.33
N GLY C 32 -0.55 4.88 -0.68
CA GLY C 32 -1.29 5.63 0.38
C GLY C 32 -0.32 6.20 1.42
N LEU C 33 0.53 5.39 1.95
CA LEU C 33 1.49 5.89 2.98
C LEU C 33 2.43 6.91 2.35
N TYR C 34 2.99 6.60 1.22
CA TYR C 34 3.92 7.56 0.58
C TYR C 34 3.20 8.87 0.29
N TYR C 35 1.99 8.77 -0.17
CA TYR C 35 1.22 9.99 -0.50
C TYR C 35 0.85 10.75 0.78
N LYS C 36 0.34 10.10 1.76
CA LYS C 36 -0.04 10.83 3.01
C LYS C 36 1.20 11.50 3.63
N LEU C 37 2.31 10.85 3.64
CA LEU C 37 3.53 11.44 4.25
C LEU C 37 4.05 12.62 3.40
N HIS C 38 4.00 12.52 2.08
CA HIS C 38 4.54 13.63 1.23
C HIS C 38 3.45 14.24 0.32
N GLN C 39 2.29 13.65 0.24
CA GLN C 39 1.19 14.23 -0.61
C GLN C 39 1.74 14.72 -1.96
N VAL C 40 2.46 13.86 -2.63
CA VAL C 40 3.00 14.18 -3.97
C VAL C 40 3.03 12.89 -4.80
N ASN C 41 2.93 12.99 -6.08
CA ASN C 41 2.96 11.77 -6.93
C ASN C 41 4.42 11.39 -7.22
N ARG C 42 4.78 10.14 -7.06
CA ARG C 42 6.21 9.72 -7.33
C ARG C 42 6.22 8.65 -8.45
N PRO C 43 7.28 8.57 -9.25
CA PRO C 43 7.32 7.55 -10.35
C PRO C 43 7.02 6.11 -9.87
N LEU C 44 6.47 5.32 -10.75
CA LEU C 44 6.12 3.90 -10.41
C LEU C 44 7.40 3.08 -10.18
N THR C 45 8.51 3.54 -10.66
CA THR C 45 9.78 2.77 -10.47
C THR C 45 9.86 2.24 -9.04
N MET C 46 9.08 2.77 -8.12
CA MET C 46 9.14 2.27 -6.72
C MET C 46 8.37 0.95 -6.60
N ARG C 47 7.19 0.88 -7.14
CA ARG C 47 6.37 -0.35 -7.03
C ARG C 47 6.80 -1.39 -8.09
N LYS C 48 6.32 -2.60 -7.96
CA LYS C 48 6.67 -3.67 -8.93
C LYS C 48 5.40 -4.47 -9.27
N ASP C 49 5.44 -5.24 -10.32
CA ASP C 49 4.23 -6.03 -10.70
C ASP C 49 3.69 -6.77 -9.48
N GLY C 50 4.29 -7.88 -9.13
CA GLY C 50 3.79 -8.65 -7.95
C GLY C 50 4.11 -7.89 -6.66
N ILE C 51 3.80 -8.48 -5.53
CA ILE C 51 4.08 -7.81 -4.24
C ILE C 51 5.49 -8.18 -3.76
N GLN C 52 6.23 -7.22 -3.30
CA GLN C 52 7.59 -7.51 -2.78
C GLN C 52 7.43 -8.11 -1.38
N THR C 53 8.37 -8.91 -0.92
CA THR C 53 8.22 -9.52 0.45
C THR C 53 9.56 -9.51 1.19
N ARG C 54 9.50 -9.68 2.48
CA ARG C 54 10.76 -9.66 3.31
C ARG C 54 10.56 -10.57 4.52
N ASN C 55 11.62 -11.08 5.08
CA ASN C 55 11.49 -11.98 6.26
C ASN C 55 10.69 -11.25 7.34
N ARG C 56 9.77 -11.94 7.98
CA ARG C 56 8.95 -11.28 9.04
C ARG C 56 9.84 -10.73 10.15
N LYS C 57 9.68 -9.48 10.46
CA LYS C 57 10.51 -8.85 11.52
C LYS C 57 10.14 -9.42 12.89
N VAL C 58 10.62 -8.80 13.93
CA VAL C 58 10.30 -9.30 15.30
C VAL C 58 8.79 -9.49 15.41
N SER C 59 8.35 -10.59 15.95
CA SER C 59 6.88 -10.82 16.06
C SER C 59 6.36 -10.03 17.25
N SER C 60 5.60 -9.00 16.99
CA SER C 60 5.03 -8.15 18.08
C SER C 60 3.52 -8.38 18.15
N LYS C 61 3.03 -8.74 19.31
CA LYS C 61 1.56 -8.99 19.48
C LYS C 61 1.05 -8.17 20.66
N GLY C 62 -0.14 -7.65 20.58
CA GLY C 62 -0.68 -6.84 21.71
C GLY C 62 -0.96 -7.75 22.91
N LYS C 63 -0.01 -8.56 23.30
CA LYS C 63 -0.23 -9.46 24.46
C LYS C 63 -0.54 -8.60 25.69
N LYS C 64 0.16 -7.51 25.85
CA LYS C 64 -0.10 -6.62 27.02
C LYS C 64 -1.45 -5.92 26.84
N ARG C 65 -1.89 -5.77 25.61
CA ARG C 65 -3.20 -5.10 25.37
C ARG C 65 -4.34 -6.02 25.77
N ARG C 66 -5.45 -5.47 26.20
CA ARG C 66 -6.61 -6.31 26.63
C ARG C 66 -7.41 -6.75 25.40
ZN ZN D . 0.03 2.23 -5.83
N LYS C 1 -17.21 -5.66 -6.93
CA LYS C 1 -16.74 -5.02 -5.66
C LYS C 1 -15.29 -4.59 -5.84
N ARG C 2 -14.40 -5.25 -5.16
CA ARG C 2 -12.96 -4.92 -5.30
C ARG C 2 -12.51 -5.36 -6.69
N ALA C 3 -13.05 -6.45 -7.17
CA ALA C 3 -12.67 -6.98 -8.52
C ALA C 3 -12.41 -5.85 -9.51
N GLY C 4 -11.19 -5.72 -9.97
CA GLY C 4 -10.85 -4.64 -10.95
C GLY C 4 -10.28 -3.39 -10.24
N THR C 5 -10.13 -3.43 -8.95
CA THR C 5 -9.57 -2.23 -8.24
C THR C 5 -8.19 -1.93 -8.78
N VAL C 6 -7.99 -0.75 -9.31
CA VAL C 6 -6.66 -0.34 -9.83
C VAL C 6 -6.20 0.84 -8.98
N CYS C 7 -4.96 0.91 -8.62
CA CYS C 7 -4.51 2.05 -7.77
C CYS C 7 -4.69 3.35 -8.51
N SER C 8 -5.51 4.21 -7.97
CA SER C 8 -5.75 5.52 -8.62
C SER C 8 -4.44 6.30 -8.73
N ASN C 9 -3.60 6.25 -7.72
CA ASN C 9 -2.35 7.04 -7.79
C ASN C 9 -1.30 6.40 -8.71
N CYS C 10 -1.14 5.08 -8.71
CA CYS C 10 -0.07 4.48 -9.58
C CYS C 10 -0.62 3.35 -10.47
N GLN C 11 -1.91 3.24 -10.61
CA GLN C 11 -2.50 2.20 -11.52
C GLN C 11 -2.05 0.77 -11.17
N THR C 12 -1.24 0.56 -10.16
CA THR C 12 -0.82 -0.85 -9.86
C THR C 12 -2.05 -1.66 -9.41
N SER C 13 -2.05 -2.97 -9.61
CA SER C 13 -3.22 -3.81 -9.17
C SER C 13 -2.79 -4.76 -8.05
N THR C 14 -1.51 -4.81 -7.77
CA THR C 14 -1.00 -5.68 -6.67
C THR C 14 -0.83 -4.81 -5.43
N THR C 15 -1.53 -5.10 -4.36
CA THR C 15 -1.39 -4.26 -3.14
C THR C 15 -1.53 -5.15 -1.90
N THR C 16 -0.85 -4.82 -0.84
CA THR C 16 -0.99 -5.63 0.39
C THR C 16 -2.32 -5.23 1.04
N LEU C 17 -2.66 -3.96 0.97
CA LEU C 17 -3.95 -3.49 1.55
C LEU C 17 -4.47 -2.30 0.74
N TRP C 18 -5.72 -2.32 0.34
CA TRP C 18 -6.28 -1.18 -0.44
C TRP C 18 -6.62 -0.04 0.52
N ARG C 19 -6.17 1.17 0.22
CA ARG C 19 -6.46 2.33 1.13
C ARG C 19 -7.37 3.32 0.41
N ARG C 20 -8.51 3.65 0.93
CA ARG C 20 -9.36 4.63 0.23
C ARG C 20 -8.69 6.01 0.38
N SER C 21 -8.70 6.83 -0.65
CA SER C 21 -8.06 8.18 -0.52
C SER C 21 -9.10 9.21 -0.06
N PRO C 22 -8.66 10.34 0.47
CA PRO C 22 -9.60 11.39 0.96
C PRO C 22 -10.63 11.81 -0.11
N MET C 23 -10.34 11.56 -1.36
CA MET C 23 -11.29 11.95 -2.45
C MET C 23 -12.15 10.73 -2.83
N GLY C 24 -11.82 9.58 -2.30
CA GLY C 24 -12.60 8.35 -2.64
C GLY C 24 -11.97 7.68 -3.86
N ASP C 25 -10.69 7.87 -4.06
CA ASP C 25 -9.99 7.25 -5.23
C ASP C 25 -9.17 6.03 -4.75
N PRO C 26 -9.56 4.81 -5.07
CA PRO C 26 -8.78 3.61 -4.61
C PRO C 26 -7.26 3.74 -4.86
N VAL C 27 -6.46 3.40 -3.86
CA VAL C 27 -4.96 3.46 -4.04
C VAL C 27 -4.32 2.22 -3.40
N CYS C 28 -3.10 1.88 -3.77
CA CYS C 28 -2.44 0.70 -3.16
C CYS C 28 -1.81 1.10 -1.81
N ASN C 29 -1.59 0.13 -0.96
CA ASN C 29 -1.03 0.40 0.41
C ASN C 29 0.21 1.29 0.35
N ALA C 30 1.10 1.06 -0.57
CA ALA C 30 2.33 1.91 -0.61
C ALA C 30 1.96 3.37 -0.94
N CYS C 31 1.22 3.61 -1.99
CA CYS C 31 0.86 5.03 -2.37
C CYS C 31 0.19 5.74 -1.19
N GLY C 32 -0.73 5.09 -0.56
CA GLY C 32 -1.45 5.76 0.56
C GLY C 32 -0.46 6.28 1.60
N LEU C 33 0.47 5.48 2.02
CA LEU C 33 1.43 5.95 3.06
C LEU C 33 2.39 7.01 2.49
N TYR C 34 3.13 6.71 1.47
CA TYR C 34 4.06 7.73 0.93
C TYR C 34 3.28 8.96 0.46
N TYR C 35 2.18 8.77 -0.19
CA TYR C 35 1.39 9.93 -0.67
C TYR C 35 0.88 10.72 0.53
N LYS C 36 0.36 10.05 1.51
CA LYS C 36 -0.15 10.78 2.70
C LYS C 36 0.97 11.59 3.36
N LEU C 37 2.13 11.00 3.49
CA LEU C 37 3.26 11.74 4.14
C LEU C 37 3.85 12.81 3.20
N HIS C 38 3.97 12.54 1.92
CA HIS C 38 4.61 13.52 0.99
C HIS C 38 3.61 14.07 -0.05
N GLN C 39 2.42 13.55 -0.11
CA GLN C 39 1.39 14.03 -1.08
C GLN C 39 2.00 14.45 -2.43
N VAL C 40 2.84 13.61 -3.00
CA VAL C 40 3.44 13.89 -4.33
C VAL C 40 3.39 12.61 -5.17
N ASN C 41 3.16 12.76 -6.44
CA ASN C 41 3.10 11.57 -7.35
C ASN C 41 4.52 11.25 -7.86
N ARG C 42 4.90 10.00 -7.91
CA ARG C 42 6.26 9.63 -8.42
C ARG C 42 6.12 8.98 -9.81
N PRO C 43 7.11 9.11 -10.69
CA PRO C 43 6.98 8.50 -12.06
C PRO C 43 6.88 6.95 -12.03
N LEU C 44 6.05 6.44 -11.16
CA LEU C 44 5.84 4.96 -11.09
C LEU C 44 7.18 4.20 -11.11
N THR C 45 8.27 4.87 -10.92
CA THR C 45 9.57 4.15 -10.95
C THR C 45 9.71 3.31 -9.67
N MET C 46 8.83 3.52 -8.72
CA MET C 46 8.92 2.77 -7.43
C MET C 46 7.99 1.55 -7.42
N ARG C 47 7.01 1.51 -8.29
CA ARG C 47 6.08 0.34 -8.27
C ARG C 47 6.80 -0.92 -8.72
N LYS C 48 6.50 -2.01 -8.07
CA LYS C 48 7.11 -3.33 -8.44
C LYS C 48 5.99 -4.24 -8.93
N ASP C 49 6.14 -4.82 -10.08
CA ASP C 49 5.08 -5.71 -10.64
C ASP C 49 4.71 -6.82 -9.65
N GLY C 50 5.23 -6.80 -8.45
CA GLY C 50 4.89 -7.88 -7.46
C GLY C 50 4.99 -7.34 -6.03
N ILE C 51 4.47 -8.07 -5.07
CA ILE C 51 4.58 -7.65 -3.65
C ILE C 51 5.80 -8.33 -3.04
N GLN C 52 6.80 -7.60 -2.64
CA GLN C 52 8.00 -8.29 -2.06
C GLN C 52 7.69 -8.78 -0.65
N THR C 53 8.54 -9.62 -0.12
CA THR C 53 8.32 -10.17 1.25
C THR C 53 9.64 -10.15 2.02
N ARG C 54 9.56 -10.23 3.31
CA ARG C 54 10.79 -10.22 4.17
C ARG C 54 10.57 -11.10 5.39
N ASN C 55 11.64 -11.48 6.04
CA ASN C 55 11.51 -12.34 7.25
C ASN C 55 10.66 -11.64 8.29
N ARG C 56 9.81 -12.37 8.97
CA ARG C 56 8.92 -11.75 9.99
C ARG C 56 9.77 -11.13 11.11
N LYS C 57 9.56 -9.88 11.42
CA LYS C 57 10.36 -9.23 12.51
C LYS C 57 10.05 -9.88 13.86
N VAL C 58 10.51 -9.29 14.93
CA VAL C 58 10.22 -9.87 16.27
C VAL C 58 8.74 -10.17 16.37
N SER C 59 8.36 -11.20 17.08
CA SER C 59 6.91 -11.51 17.18
C SER C 59 6.29 -10.65 18.27
N SER C 60 5.02 -10.40 18.18
CA SER C 60 4.34 -9.56 19.20
C SER C 60 2.89 -10.02 19.31
N LYS C 61 2.70 -11.29 19.56
CA LYS C 61 1.33 -11.86 19.68
C LYS C 61 0.61 -11.20 20.86
N GLY C 62 1.31 -10.91 21.91
CA GLY C 62 0.65 -10.27 23.09
C GLY C 62 1.69 -9.49 23.89
N LYS C 63 1.26 -8.85 24.94
CA LYS C 63 2.20 -8.05 25.77
C LYS C 63 1.63 -7.92 27.19
N LYS C 64 2.46 -7.63 28.15
CA LYS C 64 1.95 -7.51 29.54
C LYS C 64 1.01 -6.31 29.64
N ARG C 65 -0.18 -6.52 30.13
CA ARG C 65 -1.16 -5.41 30.25
C ARG C 65 -2.06 -5.68 31.45
N ARG C 66 -1.93 -4.92 32.50
CA ARG C 66 -2.77 -5.14 33.71
C ARG C 66 -2.48 -4.06 34.75
ZN ZN D . -0.28 2.85 -5.92
N LYS C 1 -15.32 -6.67 -4.15
CA LYS C 1 -15.17 -5.26 -4.61
C LYS C 1 -13.72 -5.03 -5.05
N ARG C 2 -12.87 -5.97 -4.75
CA ARG C 2 -11.45 -5.83 -5.18
C ARG C 2 -11.39 -5.97 -6.70
N ALA C 3 -12.26 -6.79 -7.23
CA ALA C 3 -12.30 -7.03 -8.70
C ALA C 3 -12.24 -5.70 -9.48
N GLY C 4 -11.22 -5.51 -10.28
CA GLY C 4 -11.13 -4.26 -11.09
C GLY C 4 -10.46 -3.13 -10.29
N THR C 5 -10.22 -3.33 -9.03
CA THR C 5 -9.59 -2.25 -8.23
C THR C 5 -8.15 -2.03 -8.70
N VAL C 6 -7.89 -0.90 -9.30
CA VAL C 6 -6.51 -0.58 -9.77
C VAL C 6 -6.07 0.66 -9.00
N CYS C 7 -4.84 0.75 -8.63
CA CYS C 7 -4.38 1.94 -7.89
C CYS C 7 -4.56 3.19 -8.72
N SER C 8 -5.41 4.05 -8.26
CA SER C 8 -5.65 5.32 -8.99
C SER C 8 -4.33 6.09 -9.10
N ASN C 9 -3.52 6.10 -8.07
CA ASN C 9 -2.26 6.89 -8.15
C ASN C 9 -1.19 6.20 -9.00
N CYS C 10 -1.02 4.88 -8.95
CA CYS C 10 0.08 4.25 -9.77
C CYS C 10 -0.43 3.06 -10.61
N GLN C 11 -1.72 2.86 -10.72
CA GLN C 11 -2.26 1.76 -11.59
C GLN C 11 -1.85 0.34 -11.13
N THR C 12 -1.08 0.19 -10.10
CA THR C 12 -0.73 -1.21 -9.69
C THR C 12 -2.02 -1.96 -9.31
N SER C 13 -2.02 -3.28 -9.31
CA SER C 13 -3.25 -4.05 -8.93
C SER C 13 -2.83 -5.20 -7.99
N THR C 14 -1.62 -5.15 -7.51
CA THR C 14 -1.09 -6.22 -6.59
C THR C 14 -0.83 -5.59 -5.22
N THR C 15 -1.77 -4.88 -4.71
CA THR C 15 -1.57 -4.17 -3.42
C THR C 15 -1.66 -5.11 -2.22
N THR C 16 -0.92 -4.81 -1.18
CA THR C 16 -1.01 -5.66 0.04
C THR C 16 -2.27 -5.24 0.78
N LEU C 17 -2.55 -3.95 0.81
CA LEU C 17 -3.78 -3.43 1.48
C LEU C 17 -4.34 -2.26 0.67
N TRP C 18 -5.61 -2.27 0.35
CA TRP C 18 -6.19 -1.15 -0.43
C TRP C 18 -6.49 0.01 0.50
N ARG C 19 -6.02 1.19 0.16
CA ARG C 19 -6.27 2.38 1.04
C ARG C 19 -7.16 3.37 0.29
N ARG C 20 -8.35 3.62 0.75
CA ARG C 20 -9.17 4.63 0.04
C ARG C 20 -8.46 5.97 0.21
N SER C 21 -8.43 6.80 -0.80
CA SER C 21 -7.73 8.12 -0.66
C SER C 21 -8.72 9.18 -0.16
N PRO C 22 -8.26 10.19 0.54
CA PRO C 22 -9.18 11.26 1.06
C PRO C 22 -10.16 11.80 -0.01
N MET C 23 -9.80 11.69 -1.27
CA MET C 23 -10.69 12.18 -2.35
C MET C 23 -11.64 11.07 -2.80
N GLY C 24 -11.30 9.84 -2.46
CA GLY C 24 -12.17 8.68 -2.85
C GLY C 24 -11.58 7.96 -4.07
N ASP C 25 -10.30 8.10 -4.28
CA ASP C 25 -9.63 7.42 -5.43
C ASP C 25 -8.90 6.16 -4.94
N PRO C 26 -9.33 4.96 -5.29
CA PRO C 26 -8.63 3.72 -4.82
C PRO C 26 -7.10 3.79 -5.03
N VAL C 27 -6.33 3.51 -4.01
CA VAL C 27 -4.81 3.53 -4.16
C VAL C 27 -4.20 2.31 -3.48
N CYS C 28 -2.99 1.95 -3.84
CA CYS C 28 -2.35 0.76 -3.22
C CYS C 28 -1.70 1.12 -1.88
N ASN C 29 -1.50 0.11 -1.07
CA ASN C 29 -0.91 0.31 0.29
C ASN C 29 0.28 1.26 0.28
N ALA C 30 1.18 1.10 -0.64
CA ALA C 30 2.36 2.00 -0.67
C ALA C 30 1.97 3.44 -1.03
N CYS C 31 1.24 3.64 -2.11
CA CYS C 31 0.86 5.04 -2.49
C CYS C 31 0.15 5.70 -1.31
N GLY C 32 -0.78 5.02 -0.72
CA GLY C 32 -1.52 5.64 0.40
C GLY C 32 -0.54 6.16 1.47
N LEU C 33 0.38 5.35 1.88
CA LEU C 33 1.34 5.79 2.93
C LEU C 33 2.29 6.85 2.37
N TYR C 34 2.94 6.58 1.27
CA TYR C 34 3.86 7.60 0.70
C TYR C 34 3.08 8.88 0.37
N TYR C 35 1.97 8.74 -0.28
CA TYR C 35 1.17 9.93 -0.65
C TYR C 35 0.75 10.70 0.61
N LYS C 36 0.30 10.03 1.61
CA LYS C 36 -0.12 10.76 2.85
C LYS C 36 1.06 11.54 3.43
N LEU C 37 2.20 10.93 3.57
CA LEU C 37 3.37 11.65 4.15
C LEU C 37 3.91 12.72 3.17
N HIS C 38 3.96 12.44 1.89
CA HIS C 38 4.51 13.44 0.91
C HIS C 38 3.41 14.07 0.04
N GLN C 39 2.28 13.45 -0.09
CA GLN C 39 1.16 14.04 -0.92
C GLN C 39 1.69 14.50 -2.29
N VAL C 40 2.35 13.63 -2.99
CA VAL C 40 2.86 13.94 -4.35
C VAL C 40 2.90 12.64 -5.14
N ASN C 41 2.73 12.71 -6.43
CA ASN C 41 2.74 11.47 -7.26
C ASN C 41 4.18 11.13 -7.63
N ARG C 42 4.59 9.87 -7.50
CA ARG C 42 6.00 9.48 -7.83
C ARG C 42 5.99 8.40 -8.96
N PRO C 43 7.05 8.33 -9.76
CA PRO C 43 7.14 7.33 -10.86
C PRO C 43 7.04 5.86 -10.38
N LEU C 44 6.56 4.99 -11.21
CA LEU C 44 6.40 3.55 -10.84
C LEU C 44 7.78 2.89 -10.60
N THR C 45 8.78 3.64 -10.28
CA THR C 45 10.12 3.02 -10.05
C THR C 45 10.04 2.05 -8.87
N MET C 46 8.98 2.13 -8.09
CA MET C 46 8.85 1.21 -6.91
C MET C 46 7.89 0.06 -7.23
N ARG C 47 7.14 0.17 -8.29
CA ARG C 47 6.14 -0.90 -8.63
C ARG C 47 6.80 -2.06 -9.39
N LYS C 48 6.45 -3.25 -9.00
CA LYS C 48 6.99 -4.49 -9.67
C LYS C 48 5.84 -5.47 -9.94
N ASP C 49 5.99 -6.36 -10.88
CA ASP C 49 4.90 -7.33 -11.19
C ASP C 49 4.26 -7.85 -9.89
N GLY C 50 4.83 -8.86 -9.29
CA GLY C 50 4.24 -9.42 -8.04
C GLY C 50 4.46 -8.44 -6.88
N ILE C 51 4.14 -8.84 -5.68
CA ILE C 51 4.35 -7.94 -4.51
C ILE C 51 5.74 -8.19 -3.94
N GLN C 52 6.37 -7.16 -3.44
CA GLN C 52 7.73 -7.32 -2.85
C GLN C 52 7.59 -8.05 -1.52
N THR C 53 8.56 -8.84 -1.14
CA THR C 53 8.45 -9.58 0.16
C THR C 53 9.81 -9.59 0.85
N ARG C 54 9.79 -9.79 2.13
CA ARG C 54 11.04 -9.83 2.93
C ARG C 54 10.85 -10.73 4.15
N ASN C 55 11.92 -11.14 4.78
CA ASN C 55 11.77 -12.00 5.99
C ASN C 55 10.76 -11.35 6.93
N ARG C 56 9.83 -12.12 7.42
CA ARG C 56 8.77 -11.60 8.32
C ARG C 56 9.37 -10.96 9.57
N LYS C 57 8.91 -9.78 9.90
CA LYS C 57 9.42 -9.05 11.10
C LYS C 57 9.26 -9.94 12.35
N VAL C 58 10.04 -9.68 13.37
CA VAL C 58 9.95 -10.52 14.62
C VAL C 58 8.49 -10.76 14.98
N SER C 59 8.17 -11.92 15.47
CA SER C 59 6.77 -12.22 15.83
C SER C 59 6.43 -11.48 17.13
N SER C 60 5.38 -10.69 17.11
CA SER C 60 4.99 -9.92 18.34
C SER C 60 3.49 -10.10 18.60
N LYS C 61 3.14 -10.51 19.79
CA LYS C 61 1.70 -10.72 20.16
C LYS C 61 1.45 -10.17 21.55
N GLY C 62 0.34 -9.52 21.77
CA GLY C 62 0.05 -8.97 23.12
C GLY C 62 -0.08 -10.10 24.14
N LYS C 63 0.18 -9.80 25.39
CA LYS C 63 0.08 -10.85 26.44
C LYS C 63 -1.39 -11.05 26.79
N LYS C 64 -1.73 -12.13 27.46
CA LYS C 64 -3.17 -12.35 27.80
C LYS C 64 -3.72 -11.12 28.53
N ARG C 65 -4.89 -10.66 28.13
CA ARG C 65 -5.53 -9.48 28.79
C ARG C 65 -6.85 -9.89 29.44
N ARG C 66 -7.04 -11.17 29.61
CA ARG C 66 -8.31 -11.66 30.25
C ARG C 66 -8.24 -11.46 31.76
ZN ZN D . -0.15 2.79 -6.04
N LYS C 1 -16.87 -2.57 -3.68
CA LYS C 1 -16.63 -3.38 -4.91
C LYS C 1 -15.12 -3.47 -5.17
N ARG C 2 -14.42 -4.24 -4.38
CA ARG C 2 -12.95 -4.37 -4.58
C ARG C 2 -12.69 -5.29 -5.80
N ALA C 3 -13.69 -5.46 -6.62
CA ALA C 3 -13.51 -6.31 -7.84
C ALA C 3 -13.01 -5.45 -8.98
N GLY C 4 -11.76 -5.57 -9.35
CA GLY C 4 -11.21 -4.73 -10.45
C GLY C 4 -10.47 -3.56 -9.81
N THR C 5 -10.20 -3.64 -8.53
CA THR C 5 -9.50 -2.51 -7.86
C THR C 5 -8.13 -2.30 -8.49
N VAL C 6 -7.90 -1.12 -9.02
CA VAL C 6 -6.56 -0.78 -9.60
C VAL C 6 -6.07 0.42 -8.82
N CYS C 7 -4.81 0.50 -8.50
CA CYS C 7 -4.33 1.66 -7.71
C CYS C 7 -4.45 2.94 -8.51
N SER C 8 -5.21 3.87 -8.02
CA SER C 8 -5.36 5.14 -8.74
C SER C 8 -4.00 5.83 -8.86
N ASN C 9 -3.19 5.79 -7.82
CA ASN C 9 -1.88 6.49 -7.90
C ASN C 9 -0.89 5.78 -8.82
N CYS C 10 -0.81 4.45 -8.84
CA CYS C 10 0.19 3.78 -9.74
C CYS C 10 -0.44 2.68 -10.60
N GLN C 11 -1.74 2.53 -10.60
CA GLN C 11 -2.39 1.52 -11.49
C GLN C 11 -1.96 0.07 -11.17
N THR C 12 -1.13 -0.15 -10.19
CA THR C 12 -0.74 -1.55 -9.89
C THR C 12 -1.98 -2.31 -9.44
N SER C 13 -2.03 -3.63 -9.61
CA SER C 13 -3.24 -4.42 -9.16
C SER C 13 -2.83 -5.35 -8.03
N THR C 14 -1.56 -5.38 -7.71
CA THR C 14 -1.07 -6.24 -6.58
C THR C 14 -0.80 -5.31 -5.41
N THR C 15 -1.46 -5.53 -4.29
CA THR C 15 -1.23 -4.64 -3.11
C THR C 15 -1.35 -5.45 -1.82
N THR C 16 -0.61 -5.07 -0.82
CA THR C 16 -0.71 -5.81 0.47
C THR C 16 -2.04 -5.40 1.13
N LEU C 17 -2.36 -4.13 1.08
CA LEU C 17 -3.67 -3.67 1.68
C LEU C 17 -4.20 -2.52 0.81
N TRP C 18 -5.46 -2.57 0.42
CA TRP C 18 -6.02 -1.49 -0.42
C TRP C 18 -6.34 -0.26 0.44
N ARG C 19 -5.87 0.89 0.04
CA ARG C 19 -6.12 2.15 0.82
C ARG C 19 -7.04 3.06 0.02
N ARG C 20 -7.40 4.19 0.57
CA ARG C 20 -8.27 5.16 -0.15
C ARG C 20 -7.62 6.54 -0.02
N SER C 21 -7.65 7.36 -1.06
CA SER C 21 -7.02 8.72 -0.97
C SER C 21 -8.08 9.75 -0.52
N PRO C 22 -7.66 10.90 -0.04
CA PRO C 22 -8.62 11.94 0.43
C PRO C 22 -9.70 12.30 -0.62
N MET C 23 -9.48 11.97 -1.87
CA MET C 23 -10.49 12.29 -2.93
C MET C 23 -11.36 11.07 -3.20
N GLY C 24 -11.08 9.97 -2.55
CA GLY C 24 -11.89 8.73 -2.76
C GLY C 24 -11.31 7.94 -3.93
N ASP C 25 -10.04 8.08 -4.19
CA ASP C 25 -9.40 7.34 -5.32
C ASP C 25 -8.71 6.06 -4.78
N PRO C 26 -9.13 4.87 -5.18
CA PRO C 26 -8.46 3.63 -4.68
C PRO C 26 -6.93 3.68 -4.87
N VAL C 27 -6.18 3.23 -3.90
CA VAL C 27 -4.68 3.25 -4.03
C VAL C 27 -4.07 2.00 -3.36
N CYS C 28 -2.85 1.65 -3.73
CA CYS C 28 -2.20 0.45 -3.11
C CYS C 28 -1.55 0.84 -1.77
N ASN C 29 -1.31 -0.13 -0.92
CA ASN C 29 -0.73 0.14 0.43
C ASN C 29 0.48 1.07 0.36
N ALA C 30 1.31 0.94 -0.64
CA ALA C 30 2.50 1.83 -0.71
C ALA C 30 2.12 3.26 -1.13
N CYS C 31 1.37 3.44 -2.19
CA CYS C 31 1.01 4.84 -2.61
C CYS C 31 0.28 5.55 -1.47
N GLY C 32 -0.62 4.88 -0.83
CA GLY C 32 -1.38 5.54 0.26
C GLY C 32 -0.42 6.14 1.30
N LEU C 33 0.48 5.35 1.81
CA LEU C 33 1.42 5.88 2.83
C LEU C 33 2.35 6.92 2.22
N TYR C 34 2.95 6.64 1.09
CA TYR C 34 3.87 7.64 0.48
C TYR C 34 3.11 8.93 0.21
N TYR C 35 1.94 8.82 -0.34
CA TYR C 35 1.13 10.01 -0.65
C TYR C 35 0.79 10.77 0.63
N LYS C 36 0.31 10.09 1.62
CA LYS C 36 -0.09 10.76 2.90
C LYS C 36 1.07 11.55 3.51
N LEU C 37 2.26 11.03 3.51
CA LEU C 37 3.38 11.81 4.12
C LEU C 37 3.54 13.14 3.38
N HIS C 38 3.61 13.10 2.07
CA HIS C 38 3.76 14.39 1.29
C HIS C 38 2.39 14.74 0.70
N GLN C 39 1.97 13.96 -0.28
CA GLN C 39 0.66 14.14 -1.00
C GLN C 39 0.92 14.48 -2.47
N VAL C 40 1.65 13.64 -3.15
CA VAL C 40 1.93 13.85 -4.59
C VAL C 40 2.06 12.48 -5.26
N ASN C 41 1.93 12.42 -6.55
CA ASN C 41 2.05 11.11 -7.26
C ASN C 41 3.54 10.84 -7.52
N ARG C 42 3.95 9.58 -7.62
CA ARG C 42 5.41 9.28 -7.88
C ARG C 42 5.53 8.41 -9.15
N PRO C 43 6.62 8.49 -9.90
CA PRO C 43 6.78 7.64 -11.12
C PRO C 43 6.49 6.15 -10.85
N LEU C 44 6.05 5.45 -11.86
CA LEU C 44 5.74 3.99 -11.68
C LEU C 44 7.06 3.21 -11.58
N THR C 45 8.16 3.90 -11.51
CA THR C 45 9.47 3.20 -11.41
C THR C 45 9.50 2.41 -10.10
N MET C 46 8.57 2.67 -9.21
CA MET C 46 8.54 1.94 -7.90
C MET C 46 7.56 0.77 -8.02
N ARG C 47 6.84 0.73 -9.11
CA ARG C 47 5.85 -0.36 -9.32
C ARG C 47 6.52 -1.65 -9.79
N LYS C 48 6.20 -2.76 -9.17
CA LYS C 48 6.80 -4.07 -9.55
C LYS C 48 5.67 -5.04 -9.92
N ASP C 49 5.85 -5.83 -10.94
CA ASP C 49 4.78 -6.78 -11.37
C ASP C 49 4.39 -7.73 -10.22
N GLY C 50 4.94 -7.53 -9.06
CA GLY C 50 4.59 -8.40 -7.90
C GLY C 50 4.80 -7.64 -6.60
N ILE C 51 4.46 -8.23 -5.47
CA ILE C 51 4.68 -7.54 -4.18
C ILE C 51 6.07 -7.91 -3.66
N GLN C 52 6.81 -6.95 -3.18
CA GLN C 52 8.16 -7.27 -2.65
C GLN C 52 8.00 -7.90 -1.26
N THR C 53 8.95 -8.70 -0.84
CA THR C 53 8.84 -9.36 0.50
C THR C 53 10.18 -9.31 1.22
N ARG C 54 10.14 -9.46 2.52
CA ARG C 54 11.37 -9.41 3.34
C ARG C 54 11.17 -10.26 4.61
N ASN C 55 12.18 -10.38 5.41
CA ASN C 55 12.02 -11.20 6.65
C ASN C 55 10.93 -10.55 7.52
N ARG C 56 10.05 -11.36 8.04
CA ARG C 56 8.92 -10.85 8.87
C ARG C 56 9.38 -10.29 10.22
N LYS C 57 8.81 -9.18 10.61
CA LYS C 57 9.13 -8.57 11.94
C LYS C 57 9.24 -9.68 12.99
N VAL C 58 9.90 -9.45 14.10
CA VAL C 58 9.99 -10.53 15.13
C VAL C 58 8.56 -11.04 15.37
N SER C 59 8.35 -12.31 15.35
CA SER C 59 6.97 -12.81 15.51
C SER C 59 6.29 -12.19 16.73
N SER C 60 5.13 -11.62 16.52
CA SER C 60 4.36 -11.02 17.64
C SER C 60 4.20 -12.05 18.76
N LYS C 61 3.57 -13.16 18.45
CA LYS C 61 3.40 -14.22 19.49
C LYS C 61 3.17 -15.57 18.81
N GLY C 62 3.96 -16.55 19.15
CA GLY C 62 3.80 -17.90 18.54
C GLY C 62 4.86 -18.84 19.11
N LYS C 63 5.17 -18.70 20.37
CA LYS C 63 6.22 -19.57 20.98
C LYS C 63 5.81 -21.04 20.87
N LYS C 64 4.56 -21.34 21.07
CA LYS C 64 4.10 -22.76 20.98
C LYS C 64 4.16 -23.23 19.53
N ARG C 65 4.54 -24.46 19.29
CA ARG C 65 4.58 -24.96 17.88
C ARG C 65 3.17 -25.31 17.43
N ARG C 66 2.81 -24.95 16.23
CA ARG C 66 1.43 -25.24 15.72
C ARG C 66 1.50 -26.39 14.71
ZN ZN D . -0.03 2.43 -6.00
N LYS C 1 -12.64 -6.69 -1.95
CA LYS C 1 -13.05 -6.40 -3.36
C LYS C 1 -11.81 -5.99 -4.17
N ARG C 2 -11.17 -6.95 -4.80
CA ARG C 2 -9.96 -6.64 -5.62
C ARG C 2 -10.32 -6.60 -7.11
N ALA C 3 -11.56 -6.84 -7.43
CA ALA C 3 -11.95 -6.83 -8.87
C ALA C 3 -12.01 -5.40 -9.41
N GLY C 4 -11.14 -5.08 -10.32
CA GLY C 4 -11.15 -3.72 -10.93
C GLY C 4 -10.42 -2.73 -10.01
N THR C 5 -10.12 -3.10 -8.81
CA THR C 5 -9.42 -2.13 -7.91
C THR C 5 -8.00 -1.89 -8.40
N VAL C 6 -7.74 -0.72 -8.92
CA VAL C 6 -6.37 -0.36 -9.38
C VAL C 6 -5.95 0.86 -8.58
N CYS C 7 -4.72 0.94 -8.20
CA CYS C 7 -4.28 2.10 -7.41
C CYS C 7 -4.44 3.39 -8.19
N SER C 8 -5.22 4.29 -7.66
CA SER C 8 -5.46 5.58 -8.34
C SER C 8 -4.13 6.31 -8.50
N ASN C 9 -3.28 6.27 -7.51
CA ASN C 9 -2.00 7.02 -7.60
C ASN C 9 -0.97 6.30 -8.48
N CYS C 10 -0.85 4.98 -8.42
CA CYS C 10 0.20 4.29 -9.27
C CYS C 10 -0.39 3.14 -10.11
N GLN C 11 -1.70 3.03 -10.19
CA GLN C 11 -2.31 1.97 -11.06
C GLN C 11 -1.82 0.56 -10.69
N THR C 12 -0.95 0.40 -9.74
CA THR C 12 -0.50 -0.98 -9.42
C THR C 12 -1.74 -1.77 -8.94
N SER C 13 -1.74 -3.09 -9.06
CA SER C 13 -2.93 -3.89 -8.61
C SER C 13 -2.47 -5.07 -7.73
N THR C 14 -1.21 -5.07 -7.33
CA THR C 14 -0.67 -6.19 -6.48
C THR C 14 -0.41 -5.65 -5.08
N THR C 15 -1.37 -4.95 -4.54
CA THR C 15 -1.20 -4.31 -3.20
C THR C 15 -1.35 -5.33 -2.07
N THR C 16 -0.66 -5.14 -0.98
CA THR C 16 -0.82 -6.07 0.16
C THR C 16 -2.13 -5.73 0.86
N LEU C 17 -2.45 -4.45 0.94
CA LEU C 17 -3.75 -4.04 1.58
C LEU C 17 -4.31 -2.86 0.76
N TRP C 18 -5.56 -2.92 0.39
CA TRP C 18 -6.13 -1.79 -0.39
C TRP C 18 -6.50 -0.64 0.56
N ARG C 19 -6.06 0.54 0.24
CA ARG C 19 -6.35 1.74 1.08
C ARG C 19 -7.24 2.71 0.32
N ARG C 20 -7.59 3.80 0.94
CA ARG C 20 -8.43 4.84 0.26
C ARG C 20 -7.76 6.19 0.50
N SER C 21 -7.80 7.07 -0.48
CA SER C 21 -7.16 8.40 -0.30
C SER C 21 -8.20 9.39 0.26
N PRO C 22 -7.76 10.47 0.86
CA PRO C 22 -8.71 11.48 1.43
C PRO C 22 -9.74 11.94 0.40
N MET C 23 -9.49 11.69 -0.86
CA MET C 23 -10.44 12.12 -1.93
C MET C 23 -11.40 10.97 -2.28
N GLY C 24 -11.13 9.79 -1.79
CA GLY C 24 -12.00 8.62 -2.10
C GLY C 24 -11.47 7.93 -3.35
N ASP C 25 -10.19 8.08 -3.62
CA ASP C 25 -9.58 7.44 -4.82
C ASP C 25 -8.85 6.15 -4.39
N PRO C 26 -9.26 4.98 -4.84
CA PRO C 26 -8.55 3.72 -4.43
C PRO C 26 -7.03 3.82 -4.60
N VAL C 27 -6.28 3.45 -3.59
CA VAL C 27 -4.78 3.51 -3.69
C VAL C 27 -4.16 2.26 -3.06
N CYS C 28 -2.92 1.95 -3.42
CA CYS C 28 -2.27 0.75 -2.82
C CYS C 28 -1.69 1.15 -1.46
N ASN C 29 -1.52 0.22 -0.57
CA ASN C 29 -1.02 0.54 0.79
C ASN C 29 0.25 1.40 0.71
N ALA C 30 1.05 1.23 -0.30
CA ALA C 30 2.29 2.04 -0.38
C ALA C 30 1.96 3.52 -0.73
N CYS C 31 1.23 3.77 -1.78
CA CYS C 31 0.91 5.20 -2.14
C CYS C 31 0.20 5.90 -0.98
N GLY C 32 -0.70 5.24 -0.34
CA GLY C 32 -1.42 5.92 0.76
C GLY C 32 -0.41 6.46 1.77
N LEU C 33 0.51 5.64 2.18
CA LEU C 33 1.51 6.10 3.19
C LEU C 33 2.48 7.11 2.55
N TYR C 34 3.06 6.78 1.43
CA TYR C 34 4.02 7.74 0.79
C TYR C 34 3.30 9.05 0.47
N TYR C 35 2.15 8.96 -0.13
CA TYR C 35 1.41 10.20 -0.50
C TYR C 35 1.10 11.02 0.75
N LYS C 36 0.65 10.40 1.78
CA LYS C 36 0.33 11.19 3.01
C LYS C 36 1.57 11.91 3.54
N LEU C 37 2.71 11.27 3.53
CA LEU C 37 3.95 11.93 4.05
C LEU C 37 4.45 13.05 3.11
N HIS C 38 4.41 12.85 1.80
CA HIS C 38 4.91 13.92 0.87
C HIS C 38 3.79 14.49 0.02
N GLN C 39 2.62 13.89 0.02
CA GLN C 39 1.49 14.42 -0.78
C GLN C 39 1.93 14.84 -2.19
N VAL C 40 2.57 13.94 -2.89
CA VAL C 40 3.01 14.19 -4.28
C VAL C 40 2.98 12.85 -5.02
N ASN C 41 2.86 12.86 -6.32
CA ASN C 41 2.83 11.57 -7.06
C ASN C 41 4.27 11.10 -7.35
N ARG C 42 4.61 9.90 -6.94
CA ARG C 42 6.01 9.38 -7.17
C ARG C 42 6.02 8.51 -8.45
N PRO C 43 6.97 8.69 -9.37
CA PRO C 43 7.01 7.85 -10.61
C PRO C 43 6.83 6.35 -10.32
N LEU C 44 6.30 5.63 -11.27
CA LEU C 44 6.06 4.17 -11.09
C LEU C 44 7.38 3.38 -11.04
N THR C 45 8.49 4.04 -11.06
CA THR C 45 9.79 3.30 -11.02
C THR C 45 9.87 2.43 -9.77
N MET C 46 8.99 2.63 -8.81
CA MET C 46 9.05 1.82 -7.56
C MET C 46 8.12 0.61 -7.66
N ARG C 47 7.28 0.57 -8.66
CA ARG C 47 6.35 -0.60 -8.79
C ARG C 47 7.10 -1.77 -9.40
N LYS C 48 6.87 -2.95 -8.87
CA LYS C 48 7.55 -4.18 -9.41
C LYS C 48 6.49 -5.21 -9.79
N ASP C 49 6.71 -5.94 -10.85
CA ASP C 49 5.71 -6.94 -11.32
C ASP C 49 5.27 -7.90 -10.21
N GLY C 50 5.74 -7.72 -9.00
CA GLY C 50 5.31 -8.65 -7.91
C GLY C 50 5.37 -7.93 -6.56
N ILE C 51 4.89 -8.55 -5.52
CA ILE C 51 4.93 -7.92 -4.18
C ILE C 51 6.25 -8.27 -3.51
N GLN C 52 6.86 -7.30 -2.90
CA GLN C 52 8.15 -7.54 -2.21
C GLN C 52 7.88 -8.16 -0.84
N THR C 53 8.74 -9.02 -0.37
CA THR C 53 8.51 -9.65 0.97
C THR C 53 9.83 -9.67 1.74
N ARG C 54 9.73 -9.77 3.02
CA ARG C 54 10.96 -9.78 3.87
C ARG C 54 10.70 -10.60 5.13
N ASN C 55 11.74 -11.11 5.74
CA ASN C 55 11.56 -11.93 6.96
C ASN C 55 10.72 -11.15 7.98
N ARG C 56 9.83 -11.82 8.66
CA ARG C 56 8.96 -11.13 9.66
C ARG C 56 9.80 -10.54 10.80
N LYS C 57 9.59 -9.30 11.14
CA LYS C 57 10.38 -8.67 12.23
C LYS C 57 10.01 -9.27 13.60
N VAL C 58 10.47 -8.65 14.65
CA VAL C 58 10.16 -9.16 16.02
C VAL C 58 8.64 -9.28 16.20
N SER C 59 8.21 -10.26 16.93
CA SER C 59 6.74 -10.42 17.16
C SER C 59 6.36 -9.62 18.41
N SER C 60 6.62 -8.34 18.40
CA SER C 60 6.29 -7.47 19.56
C SER C 60 4.78 -7.49 19.77
N LYS C 61 4.05 -7.53 18.69
CA LYS C 61 2.56 -7.53 18.79
C LYS C 61 2.11 -8.77 19.58
N GLY C 62 2.74 -9.89 19.36
CA GLY C 62 2.35 -11.13 20.10
C GLY C 62 3.23 -11.30 21.34
N LYS C 63 3.47 -10.25 22.07
CA LYS C 63 4.32 -10.36 23.28
C LYS C 63 3.47 -10.74 24.50
N LYS C 64 3.79 -11.83 25.15
CA LYS C 64 3.04 -12.26 26.36
C LYS C 64 4.03 -12.84 27.37
N ARG C 65 3.72 -12.80 28.63
CA ARG C 65 4.66 -13.36 29.65
C ARG C 65 4.51 -14.88 29.69
N ARG C 66 3.75 -15.42 28.80
CA ARG C 66 3.55 -16.90 28.76
C ARG C 66 4.91 -17.59 28.60
ZN ZN D . -0.07 2.91 -5.56
N LYS C 1 -12.34 -5.38 -1.29
CA LYS C 1 -12.65 -5.65 -2.74
C LYS C 1 -11.37 -5.50 -3.56
N ARG C 2 -10.71 -6.58 -3.89
CA ARG C 2 -9.46 -6.50 -4.69
C ARG C 2 -9.76 -6.81 -6.16
N ALA C 3 -10.93 -7.30 -6.44
CA ALA C 3 -11.28 -7.65 -7.86
C ALA C 3 -11.46 -6.38 -8.69
N GLY C 4 -10.67 -6.22 -9.72
CA GLY C 4 -10.80 -5.01 -10.59
C GLY C 4 -10.12 -3.82 -9.93
N THR C 5 -9.84 -3.90 -8.66
CA THR C 5 -9.20 -2.75 -7.98
C THR C 5 -7.82 -2.47 -8.57
N VAL C 6 -7.64 -1.29 -9.09
CA VAL C 6 -6.32 -0.89 -9.64
C VAL C 6 -5.92 0.36 -8.86
N CYS C 7 -4.67 0.50 -8.53
CA CYS C 7 -4.26 1.69 -7.75
C CYS C 7 -4.50 2.95 -8.56
N SER C 8 -5.36 3.81 -8.09
CA SER C 8 -5.63 5.06 -8.83
C SER C 8 -4.35 5.88 -8.97
N ASN C 9 -3.52 5.93 -7.94
CA ASN C 9 -2.28 6.74 -8.05
C ASN C 9 -1.24 6.07 -8.94
N CYS C 10 -1.07 4.76 -8.88
CA CYS C 10 0.00 4.10 -9.72
C CYS C 10 -0.52 2.86 -10.47
N GLN C 11 -1.81 2.67 -10.58
CA GLN C 11 -2.36 1.51 -11.34
C GLN C 11 -1.79 0.15 -10.93
N THR C 12 -0.87 0.06 -10.00
CA THR C 12 -0.37 -1.30 -9.63
C THR C 12 -1.58 -2.14 -9.19
N SER C 13 -1.59 -3.43 -9.48
CA SER C 13 -2.76 -4.29 -9.05
C SER C 13 -2.32 -5.19 -7.89
N THR C 14 -1.05 -5.22 -7.61
CA THR C 14 -0.55 -6.04 -6.47
C THR C 14 -0.37 -5.10 -5.30
N THR C 15 -1.07 -5.35 -4.21
CA THR C 15 -0.93 -4.44 -3.03
C THR C 15 -1.06 -5.25 -1.76
N THR C 16 -0.40 -4.84 -0.72
CA THR C 16 -0.53 -5.58 0.57
C THR C 16 -1.86 -5.18 1.21
N LEU C 17 -2.22 -3.92 1.11
CA LEU C 17 -3.52 -3.45 1.70
C LEU C 17 -4.07 -2.30 0.83
N TRP C 18 -5.32 -2.37 0.45
CA TRP C 18 -5.92 -1.28 -0.37
C TRP C 18 -6.31 -0.12 0.56
N ARG C 19 -5.92 1.09 0.23
CA ARG C 19 -6.26 2.28 1.10
C ARG C 19 -7.19 3.23 0.33
N ARG C 20 -8.36 3.52 0.82
CA ARG C 20 -9.22 4.48 0.07
C ARG C 20 -8.55 5.85 0.19
N SER C 21 -8.55 6.65 -0.85
CA SER C 21 -7.89 7.99 -0.76
C SER C 21 -8.91 9.05 -0.28
N PRO C 22 -8.45 10.14 0.28
CA PRO C 22 -9.37 11.21 0.76
C PRO C 22 -10.39 11.63 -0.30
N MET C 23 -10.10 11.38 -1.56
CA MET C 23 -11.03 11.78 -2.65
C MET C 23 -11.90 10.57 -3.02
N GLY C 24 -11.54 9.40 -2.56
CA GLY C 24 -12.34 8.17 -2.87
C GLY C 24 -11.72 7.45 -4.07
N ASP C 25 -10.44 7.61 -4.28
CA ASP C 25 -9.76 6.94 -5.43
C ASP C 25 -8.94 5.73 -4.89
N PRO C 26 -9.33 4.50 -5.18
CA PRO C 26 -8.55 3.32 -4.66
C PRO C 26 -7.03 3.44 -4.94
N VAL C 27 -6.22 3.22 -3.93
CA VAL C 27 -4.72 3.28 -4.12
C VAL C 27 -4.06 2.09 -3.46
N CYS C 28 -2.82 1.78 -3.81
CA CYS C 28 -2.13 0.62 -3.18
C CYS C 28 -1.52 1.06 -1.84
N ASN C 29 -1.30 0.14 -0.95
CA ASN C 29 -0.74 0.48 0.41
C ASN C 29 0.45 1.43 0.31
N ALA C 30 1.38 1.19 -0.55
CA ALA C 30 2.56 2.09 -0.62
C ALA C 30 2.14 3.52 -1.02
N CYS C 31 1.37 3.69 -2.09
CA CYS C 31 0.96 5.07 -2.49
C CYS C 31 0.27 5.78 -1.33
N GLY C 32 -0.59 5.11 -0.63
CA GLY C 32 -1.30 5.78 0.48
C GLY C 32 -0.30 6.37 1.48
N LEU C 33 0.66 5.60 1.88
CA LEU C 33 1.65 6.12 2.87
C LEU C 33 2.56 7.17 2.22
N TYR C 34 3.17 6.85 1.11
CA TYR C 34 4.06 7.85 0.46
C TYR C 34 3.26 9.11 0.12
N TYR C 35 2.07 8.94 -0.37
CA TYR C 35 1.23 10.12 -0.71
C TYR C 35 0.85 10.89 0.55
N LYS C 36 0.39 10.22 1.56
CA LYS C 36 0.02 10.95 2.81
C LYS C 36 1.24 11.69 3.36
N LEU C 37 2.39 11.06 3.35
CA LEU C 37 3.60 11.73 3.89
C LEU C 37 4.08 12.87 2.97
N HIS C 38 4.04 12.69 1.66
CA HIS C 38 4.53 13.79 0.73
C HIS C 38 3.39 14.35 -0.13
N GLN C 39 2.23 13.75 -0.13
CA GLN C 39 1.08 14.26 -0.93
C GLN C 39 1.51 14.76 -2.31
N VAL C 40 2.15 13.90 -3.06
CA VAL C 40 2.58 14.22 -4.45
C VAL C 40 2.56 12.92 -5.25
N ASN C 41 2.38 12.99 -6.54
CA ASN C 41 2.36 11.73 -7.35
C ASN C 41 3.79 11.31 -7.70
N ARG C 42 4.16 10.11 -7.34
CA ARG C 42 5.56 9.62 -7.62
C ARG C 42 5.58 8.77 -8.90
N PRO C 43 6.49 8.99 -9.83
CA PRO C 43 6.54 8.18 -11.07
C PRO C 43 6.46 6.66 -10.78
N LEU C 44 5.92 5.91 -11.70
CA LEU C 44 5.77 4.43 -11.51
C LEU C 44 7.13 3.72 -11.46
N THR C 45 8.18 4.38 -11.83
CA THR C 45 9.52 3.71 -11.80
C THR C 45 9.72 2.95 -10.48
N MET C 46 8.89 3.20 -9.49
CA MET C 46 9.07 2.52 -8.16
C MET C 46 8.16 1.29 -7.99
N ARG C 47 7.17 1.09 -8.82
CA ARG C 47 6.28 -0.11 -8.62
C ARG C 47 6.98 -1.38 -9.13
N LYS C 48 6.67 -2.49 -8.52
CA LYS C 48 7.27 -3.80 -8.93
C LYS C 48 6.13 -4.78 -9.23
N ASP C 49 6.29 -5.62 -10.23
CA ASP C 49 5.20 -6.59 -10.57
C ASP C 49 4.62 -7.21 -9.31
N GLY C 50 5.21 -8.25 -8.80
CA GLY C 50 4.66 -8.90 -7.57
C GLY C 50 4.92 -8.02 -6.34
N ILE C 51 4.61 -8.52 -5.17
CA ILE C 51 4.85 -7.74 -3.92
C ILE C 51 6.23 -8.08 -3.35
N GLN C 52 6.89 -7.10 -2.80
CA GLN C 52 8.23 -7.35 -2.18
C GLN C 52 8.03 -7.94 -0.78
N THR C 53 8.96 -8.73 -0.29
CA THR C 53 8.79 -9.37 1.06
C THR C 53 10.10 -9.36 1.84
N ARG C 54 9.99 -9.54 3.13
CA ARG C 54 11.21 -9.58 4.01
C ARG C 54 10.95 -10.57 5.14
N ASN C 55 11.95 -10.87 5.90
CA ASN C 55 11.76 -11.83 7.02
C ASN C 55 10.70 -11.25 7.96
N ARG C 56 9.84 -12.08 8.47
CA ARG C 56 8.76 -11.59 9.37
C ARG C 56 9.35 -10.84 10.55
N LYS C 57 8.92 -9.63 10.77
CA LYS C 57 9.45 -8.84 11.91
C LYS C 57 9.43 -9.71 13.16
N VAL C 58 10.11 -9.30 14.19
CA VAL C 58 10.13 -10.10 15.44
C VAL C 58 8.70 -10.44 15.83
N SER C 59 8.41 -11.68 16.10
CA SER C 59 7.01 -12.04 16.47
C SER C 59 6.81 -11.75 17.95
N SER C 60 7.05 -10.53 18.35
CA SER C 60 6.91 -10.16 19.79
C SER C 60 5.48 -10.39 20.26
N LYS C 61 4.51 -10.05 19.47
CA LYS C 61 3.11 -10.28 19.91
C LYS C 61 2.82 -11.78 19.93
N GLY C 62 2.14 -12.25 20.93
CA GLY C 62 1.84 -13.72 21.01
C GLY C 62 0.67 -14.06 20.10
N LYS C 63 0.66 -15.27 19.58
CA LYS C 63 -0.46 -15.69 18.69
C LYS C 63 -1.51 -16.44 19.52
N LYS C 64 -1.27 -16.56 20.80
CA LYS C 64 -2.22 -17.30 21.68
C LYS C 64 -3.53 -16.51 21.77
N ARG C 65 -4.63 -17.20 21.78
CA ARG C 65 -5.96 -16.52 21.88
C ARG C 65 -6.02 -15.74 23.20
N ARG C 66 -6.66 -14.61 23.20
CA ARG C 66 -6.76 -13.81 24.45
C ARG C 66 -7.57 -14.58 25.49
ZN ZN D . -0.04 2.73 -5.98
N LYS C 1 -15.03 -2.93 -6.45
CA LYS C 1 -14.23 -3.12 -5.21
C LYS C 1 -12.98 -3.95 -5.53
N ARG C 2 -12.52 -4.75 -4.60
CA ARG C 2 -11.29 -5.56 -4.84
C ARG C 2 -11.31 -6.20 -6.23
N ALA C 3 -12.47 -6.34 -6.80
CA ALA C 3 -12.57 -6.98 -8.15
C ALA C 3 -12.25 -5.94 -9.24
N GLY C 4 -11.06 -6.01 -9.80
CA GLY C 4 -10.68 -5.05 -10.88
C GLY C 4 -9.97 -3.83 -10.27
N THR C 5 -9.75 -3.83 -8.99
CA THR C 5 -9.09 -2.65 -8.35
C THR C 5 -7.66 -2.46 -8.85
N VAL C 6 -7.38 -1.30 -9.41
CA VAL C 6 -5.99 -0.97 -9.85
C VAL C 6 -5.61 0.28 -9.08
N CYS C 7 -4.39 0.39 -8.64
CA CYS C 7 -4.00 1.59 -7.87
C CYS C 7 -4.24 2.86 -8.66
N SER C 8 -5.07 3.73 -8.15
CA SER C 8 -5.35 5.00 -8.85
C SER C 8 -4.05 5.79 -9.02
N ASN C 9 -3.20 5.80 -8.02
CA ASN C 9 -1.94 6.60 -8.13
C ASN C 9 -0.89 5.86 -8.97
N CYS C 10 -0.76 4.54 -8.85
CA CYS C 10 0.30 3.82 -9.64
C CYS C 10 -0.23 2.54 -10.32
N GLN C 11 -1.51 2.44 -10.56
CA GLN C 11 -2.10 1.22 -11.22
C GLN C 11 -1.31 -0.07 -11.00
N THR C 12 -1.13 -0.46 -9.76
CA THR C 12 -0.51 -1.78 -9.46
C THR C 12 -1.69 -2.71 -9.15
N SER C 13 -1.69 -3.96 -9.58
CA SER C 13 -2.89 -4.83 -9.24
C SER C 13 -2.51 -5.70 -8.05
N THR C 14 -1.28 -5.58 -7.60
CA THR C 14 -0.80 -6.36 -6.42
C THR C 14 -0.61 -5.38 -5.27
N THR C 15 -1.31 -5.54 -4.18
CA THR C 15 -1.13 -4.60 -3.03
C THR C 15 -1.28 -5.35 -1.73
N THR C 16 -0.59 -4.93 -0.72
CA THR C 16 -0.71 -5.62 0.58
C THR C 16 -2.04 -5.19 1.23
N LEU C 17 -2.37 -3.91 1.13
CA LEU C 17 -3.66 -3.41 1.69
C LEU C 17 -4.20 -2.30 0.80
N TRP C 18 -5.46 -2.36 0.44
CA TRP C 18 -6.04 -1.29 -0.43
C TRP C 18 -6.42 -0.10 0.45
N ARG C 19 -6.02 1.10 0.09
CA ARG C 19 -6.37 2.31 0.91
C ARG C 19 -7.32 3.19 0.10
N ARG C 20 -8.52 3.40 0.55
CA ARG C 20 -9.43 4.28 -0.26
C ARG C 20 -9.19 5.73 0.15
N SER C 21 -8.21 6.36 -0.43
CA SER C 21 -7.85 7.78 -0.09
C SER C 21 -9.10 8.61 0.29
N PRO C 22 -8.92 9.69 1.03
CA PRO C 22 -10.05 10.54 1.48
C PRO C 22 -10.90 11.06 0.30
N MET C 23 -10.43 10.87 -0.90
CA MET C 23 -11.18 11.35 -2.09
C MET C 23 -12.12 10.26 -2.59
N GLY C 24 -11.81 9.03 -2.29
CA GLY C 24 -12.67 7.90 -2.76
C GLY C 24 -12.02 7.20 -3.95
N ASP C 25 -10.74 7.42 -4.18
CA ASP C 25 -10.04 6.76 -5.33
C ASP C 25 -9.20 5.56 -4.81
N PRO C 26 -9.32 4.37 -5.38
CA PRO C 26 -8.50 3.21 -4.88
C PRO C 26 -6.99 3.39 -5.10
N VAL C 27 -6.20 3.06 -4.10
CA VAL C 27 -4.69 3.16 -4.23
C VAL C 27 -4.05 1.99 -3.49
N CYS C 28 -2.81 1.67 -3.78
CA CYS C 28 -2.12 0.55 -3.09
C CYS C 28 -1.54 1.04 -1.75
N ASN C 29 -1.34 0.14 -0.82
CA ASN C 29 -0.83 0.52 0.53
C ASN C 29 0.42 1.41 0.42
N ALA C 30 1.26 1.17 -0.54
CA ALA C 30 2.48 2.02 -0.64
C ALA C 30 2.10 3.45 -1.04
N CYS C 31 1.29 3.62 -2.06
CA CYS C 31 0.91 5.01 -2.47
C CYS C 31 0.17 5.71 -1.34
N GLY C 32 -0.74 5.04 -0.71
CA GLY C 32 -1.50 5.70 0.39
C GLY C 32 -0.53 6.33 1.40
N LEU C 33 0.42 5.59 1.88
CA LEU C 33 1.37 6.15 2.89
C LEU C 33 2.29 7.19 2.23
N TYR C 34 2.90 6.88 1.13
CA TYR C 34 3.81 7.86 0.49
C TYR C 34 3.02 9.13 0.13
N TYR C 35 1.82 8.96 -0.35
CA TYR C 35 0.99 10.13 -0.72
C TYR C 35 0.61 10.92 0.53
N LYS C 36 0.11 10.27 1.53
CA LYS C 36 -0.29 11.01 2.76
C LYS C 36 0.93 11.73 3.35
N LEU C 37 2.05 11.08 3.35
CA LEU C 37 3.27 11.70 3.92
C LEU C 37 3.78 12.87 3.04
N HIS C 38 3.75 12.73 1.73
CA HIS C 38 4.28 13.83 0.85
C HIS C 38 3.21 14.37 -0.10
N GLN C 39 2.03 13.81 -0.10
CA GLN C 39 0.94 14.32 -0.98
C GLN C 39 1.47 14.73 -2.36
N VAL C 40 2.13 13.83 -3.03
CA VAL C 40 2.66 14.08 -4.39
C VAL C 40 2.64 12.76 -5.15
N ASN C 41 2.49 12.80 -6.44
CA ASN C 41 2.45 11.54 -7.24
C ASN C 41 3.88 11.11 -7.58
N ARG C 42 4.23 9.87 -7.31
CA ARG C 42 5.61 9.38 -7.60
C ARG C 42 5.62 8.54 -8.90
N PRO C 43 6.73 8.49 -9.62
CA PRO C 43 6.80 7.69 -10.88
C PRO C 43 6.62 6.17 -10.61
N LEU C 44 6.07 5.46 -11.56
CA LEU C 44 5.87 3.98 -11.38
C LEU C 44 7.22 3.27 -11.22
N THR C 45 8.28 4.01 -11.09
CA THR C 45 9.60 3.35 -10.91
C THR C 45 9.58 2.51 -9.64
N MET C 46 8.60 2.73 -8.78
CA MET C 46 8.52 1.94 -7.51
C MET C 46 7.55 0.77 -7.73
N ARG C 47 6.87 0.78 -8.85
CA ARG C 47 5.91 -0.32 -9.13
C ARG C 47 6.69 -1.56 -9.58
N LYS C 48 6.47 -2.68 -8.92
CA LYS C 48 7.17 -3.95 -9.28
C LYS C 48 6.12 -5.01 -9.61
N ASP C 49 6.33 -5.77 -10.65
CA ASP C 49 5.33 -6.81 -11.06
C ASP C 49 4.95 -7.73 -9.88
N GLY C 50 5.48 -7.50 -8.71
CA GLY C 50 5.12 -8.38 -7.56
C GLY C 50 5.26 -7.61 -6.24
N ILE C 51 4.85 -8.21 -5.15
CA ILE C 51 4.98 -7.55 -3.82
C ILE C 51 6.33 -7.94 -3.21
N GLN C 52 7.01 -7.02 -2.60
CA GLN C 52 8.34 -7.34 -1.99
C GLN C 52 8.11 -8.04 -0.64
N THR C 53 8.99 -8.94 -0.24
CA THR C 53 8.81 -9.65 1.08
C THR C 53 10.14 -9.77 1.82
N ARG C 54 10.07 -10.03 3.10
CA ARG C 54 11.31 -10.16 3.93
C ARG C 54 11.04 -11.12 5.09
N ASN C 55 12.07 -11.68 5.67
CA ASN C 55 11.85 -12.63 6.80
C ASN C 55 10.92 -11.97 7.83
N ARG C 56 9.96 -12.70 8.33
CA ARG C 56 9.01 -12.11 9.33
C ARG C 56 9.82 -11.44 10.44
N LYS C 57 9.61 -10.18 10.66
CA LYS C 57 10.38 -9.47 11.72
C LYS C 57 9.95 -9.95 13.10
N VAL C 58 10.49 -9.37 14.14
CA VAL C 58 10.13 -9.79 15.52
C VAL C 58 8.61 -9.98 15.62
N SER C 59 8.16 -10.88 16.45
CA SER C 59 6.70 -11.10 16.57
C SER C 59 6.06 -9.83 17.11
N SER C 60 4.93 -9.44 16.56
CA SER C 60 4.24 -8.21 17.03
C SER C 60 2.76 -8.50 17.29
N LYS C 61 2.24 -7.95 18.36
CA LYS C 61 0.82 -8.18 18.72
C LYS C 61 0.48 -7.30 19.92
N GLY C 62 -0.65 -7.51 20.55
CA GLY C 62 -1.02 -6.68 21.72
C GLY C 62 -0.06 -6.97 22.89
N LYS C 63 1.22 -6.98 22.63
CA LYS C 63 2.22 -7.26 23.70
C LYS C 63 2.08 -6.21 24.81
N LYS C 64 1.99 -4.95 24.43
CA LYS C 64 1.84 -3.87 25.44
C LYS C 64 0.46 -3.97 26.08
N ARG C 65 0.37 -3.76 27.36
CA ARG C 65 -0.97 -3.84 28.06
C ARG C 65 -1.09 -2.70 29.06
N ARG C 66 -2.20 -2.01 29.06
CA ARG C 66 -2.39 -0.88 30.01
C ARG C 66 -3.20 -1.38 31.21
ZN ZN D . 0.11 2.58 -5.87
N LYS C 1 -12.99 -6.39 -2.03
CA LYS C 1 -13.31 -6.08 -3.45
C LYS C 1 -12.02 -5.73 -4.20
N ARG C 2 -11.32 -6.72 -4.68
CA ARG C 2 -10.04 -6.49 -5.42
C ARG C 2 -10.30 -6.59 -6.92
N ALA C 3 -11.52 -6.85 -7.30
CA ALA C 3 -11.83 -6.99 -8.75
C ALA C 3 -11.86 -5.61 -9.42
N GLY C 4 -10.96 -5.36 -10.32
CA GLY C 4 -10.94 -4.05 -11.03
C GLY C 4 -10.22 -2.99 -10.18
N THR C 5 -9.97 -3.26 -8.93
CA THR C 5 -9.29 -2.22 -8.09
C THR C 5 -7.86 -2.03 -8.58
N VAL C 6 -7.59 -0.87 -9.14
CA VAL C 6 -6.21 -0.57 -9.62
C VAL C 6 -5.72 0.62 -8.79
N CYS C 7 -4.49 0.65 -8.39
CA CYS C 7 -4.02 1.79 -7.57
C CYS C 7 -4.12 3.08 -8.37
N SER C 8 -4.92 3.98 -7.91
CA SER C 8 -5.09 5.27 -8.62
C SER C 8 -3.76 6.01 -8.71
N ASN C 9 -2.98 5.98 -7.65
CA ASN C 9 -1.69 6.73 -7.69
C ASN C 9 -0.63 6.03 -8.53
N CYS C 10 -0.51 4.70 -8.49
CA CYS C 10 0.56 4.02 -9.30
C CYS C 10 0.01 2.87 -10.15
N GLN C 11 -1.29 2.77 -10.32
CA GLN C 11 -1.89 1.72 -11.21
C GLN C 11 -1.54 0.29 -10.80
N THR C 12 -0.83 0.05 -9.74
CA THR C 12 -0.54 -1.37 -9.41
C THR C 12 -1.87 -2.07 -9.12
N SER C 13 -1.99 -3.34 -9.44
CA SER C 13 -3.27 -4.08 -9.14
C SER C 13 -2.96 -5.07 -8.01
N THR C 14 -1.70 -5.22 -7.73
CA THR C 14 -1.27 -6.13 -6.63
C THR C 14 -0.91 -5.26 -5.42
N THR C 15 -1.51 -5.52 -4.29
CA THR C 15 -1.21 -4.69 -3.09
C THR C 15 -1.34 -5.56 -1.85
N THR C 16 -0.63 -5.24 -0.79
CA THR C 16 -0.76 -6.04 0.44
C THR C 16 -2.10 -5.69 1.09
N LEU C 17 -2.46 -4.42 1.08
CA LEU C 17 -3.76 -3.99 1.67
C LEU C 17 -4.32 -2.81 0.88
N TRP C 18 -5.57 -2.83 0.52
CA TRP C 18 -6.14 -1.70 -0.26
C TRP C 18 -6.46 -0.53 0.66
N ARG C 19 -5.91 0.61 0.35
CA ARG C 19 -6.14 1.84 1.16
C ARG C 19 -6.89 2.88 0.34
N ARG C 20 -7.97 3.43 0.82
CA ARG C 20 -8.66 4.47 0.01
C ARG C 20 -7.92 5.79 0.25
N SER C 21 -7.82 6.64 -0.73
CA SER C 21 -7.12 7.95 -0.52
C SER C 21 -8.15 9.00 -0.06
N PRO C 22 -7.70 10.06 0.58
CA PRO C 22 -8.62 11.11 1.08
C PRO C 22 -9.61 11.61 0.01
N MET C 23 -9.30 11.42 -1.25
CA MET C 23 -10.22 11.91 -2.33
C MET C 23 -11.17 10.78 -2.74
N GLY C 24 -10.92 9.58 -2.27
CA GLY C 24 -11.80 8.43 -2.64
C GLY C 24 -11.20 7.72 -3.84
N ASP C 25 -9.92 7.89 -4.06
CA ASP C 25 -9.23 7.24 -5.21
C ASP C 25 -8.53 5.95 -4.72
N PRO C 26 -8.94 4.78 -5.13
CA PRO C 26 -8.26 3.53 -4.67
C PRO C 26 -6.74 3.59 -4.81
N VAL C 27 -6.02 3.34 -3.74
CA VAL C 27 -4.52 3.35 -3.81
C VAL C 27 -3.95 2.09 -3.15
N CYS C 28 -2.73 1.73 -3.47
CA CYS C 28 -2.13 0.52 -2.86
C CYS C 28 -1.55 0.88 -1.49
N ASN C 29 -1.40 -0.07 -0.62
CA ASN C 29 -0.90 0.24 0.76
C ASN C 29 0.36 1.09 0.69
N ALA C 30 1.20 0.89 -0.28
CA ALA C 30 2.45 1.71 -0.36
C ALA C 30 2.11 3.18 -0.67
N CYS C 31 1.41 3.43 -1.74
CA CYS C 31 1.06 4.86 -2.09
C CYS C 31 0.30 5.51 -0.94
N GLY C 32 -0.64 4.82 -0.37
CA GLY C 32 -1.43 5.42 0.73
C GLY C 32 -0.50 6.00 1.79
N LEU C 33 0.48 5.24 2.20
CA LEU C 33 1.40 5.75 3.25
C LEU C 33 2.28 6.88 2.71
N TYR C 34 2.93 6.69 1.60
CA TYR C 34 3.80 7.79 1.06
C TYR C 34 2.94 9.02 0.77
N TYR C 35 1.78 8.84 0.24
CA TYR C 35 0.89 9.99 -0.08
C TYR C 35 0.52 10.73 1.19
N LYS C 36 0.03 10.04 2.19
CA LYS C 36 -0.36 10.72 3.44
C LYS C 36 0.84 11.43 4.07
N LEU C 37 1.98 10.83 4.07
CA LEU C 37 3.16 11.49 4.67
C LEU C 37 3.41 12.81 3.95
N HIS C 38 3.41 12.80 2.65
CA HIS C 38 3.61 14.06 1.87
C HIS C 38 2.26 14.47 1.27
N GLN C 39 1.83 13.72 0.26
CA GLN C 39 0.53 13.98 -0.47
C GLN C 39 0.85 14.38 -1.91
N VAL C 40 1.53 13.52 -2.61
CA VAL C 40 1.91 13.75 -4.02
C VAL C 40 1.93 12.40 -4.73
N ASN C 41 1.85 12.38 -6.03
CA ASN C 41 1.87 11.06 -6.74
C ASN C 41 3.32 10.62 -6.97
N ARG C 42 3.65 9.41 -6.59
CA ARG C 42 5.04 8.91 -6.76
C ARG C 42 5.17 8.17 -8.12
N PRO C 43 6.17 8.47 -8.95
CA PRO C 43 6.29 7.76 -10.25
C PRO C 43 6.13 6.23 -10.13
N LEU C 44 5.65 5.60 -11.17
CA LEU C 44 5.44 4.12 -11.13
C LEU C 44 6.78 3.40 -11.01
N THR C 45 7.84 3.96 -11.51
CA THR C 45 9.15 3.27 -11.41
C THR C 45 9.36 2.78 -9.98
N MET C 46 8.57 3.28 -9.05
CA MET C 46 8.74 2.85 -7.62
C MET C 46 8.05 1.50 -7.39
N ARG C 47 6.87 1.31 -7.89
CA ARG C 47 6.14 0.02 -7.67
C ARG C 47 6.65 -1.06 -8.62
N LYS C 48 6.21 -2.28 -8.42
CA LYS C 48 6.67 -3.42 -9.28
C LYS C 48 5.47 -4.30 -9.61
N ASP C 49 5.58 -5.09 -10.65
CA ASP C 49 4.45 -5.98 -11.05
C ASP C 49 3.84 -6.65 -9.82
N GLY C 50 4.43 -7.74 -9.36
CA GLY C 50 3.88 -8.44 -8.17
C GLY C 50 4.20 -7.64 -6.90
N ILE C 51 3.94 -8.21 -5.75
CA ILE C 51 4.25 -7.49 -4.48
C ILE C 51 5.68 -7.79 -4.03
N GLN C 52 6.33 -6.81 -3.51
CA GLN C 52 7.73 -7.03 -3.01
C GLN C 52 7.63 -7.70 -1.65
N THR C 53 8.66 -8.40 -1.23
CA THR C 53 8.58 -9.11 0.09
C THR C 53 9.91 -9.08 0.85
N ARG C 54 9.84 -9.30 2.12
CA ARG C 54 11.06 -9.31 3.00
C ARG C 54 10.83 -10.28 4.16
N ASN C 55 11.86 -10.56 4.92
CA ASN C 55 11.69 -11.49 6.06
C ASN C 55 10.61 -10.94 6.98
N ARG C 56 9.81 -11.81 7.52
CA ARG C 56 8.70 -11.37 8.41
C ARG C 56 9.24 -10.70 9.67
N LYS C 57 8.79 -9.50 9.94
CA LYS C 57 9.26 -8.77 11.14
C LYS C 57 8.97 -9.62 12.39
N VAL C 58 9.88 -9.64 13.31
CA VAL C 58 9.68 -10.42 14.56
C VAL C 58 8.31 -10.12 15.15
N SER C 59 7.90 -10.86 16.15
CA SER C 59 6.57 -10.60 16.79
C SER C 59 6.76 -9.66 17.97
N SER C 60 6.13 -8.51 17.94
CA SER C 60 6.26 -7.54 19.07
C SER C 60 4.86 -7.09 19.52
N LYS C 61 4.74 -6.61 20.73
CA LYS C 61 3.42 -6.16 21.26
C LYS C 61 3.54 -4.74 21.81
N GLY C 62 2.53 -3.94 21.63
CA GLY C 62 2.58 -2.54 22.14
C GLY C 62 1.16 -2.01 22.30
N LYS C 63 0.44 -2.48 23.29
CA LYS C 63 -0.95 -2.01 23.49
C LYS C 63 -0.93 -0.64 24.15
N LYS C 64 -1.92 0.18 23.90
CA LYS C 64 -1.94 1.53 24.52
C LYS C 64 -1.97 1.35 26.04
N ARG C 65 -2.72 0.39 26.52
CA ARG C 65 -2.79 0.11 28.00
C ARG C 65 -2.34 -1.31 28.28
N ARG C 66 -1.53 -1.51 29.29
CA ARG C 66 -1.06 -2.88 29.64
C ARG C 66 -1.96 -3.46 30.72
ZN ZN D . 0.20 2.58 -5.60
N LYS C 1 -15.40 -6.12 -3.97
CA LYS C 1 -14.98 -4.77 -4.44
C LYS C 1 -13.53 -4.83 -4.95
N ARG C 2 -12.78 -5.85 -4.57
CA ARG C 2 -11.38 -5.97 -5.06
C ARG C 2 -11.41 -6.21 -6.57
N ALA C 3 -12.33 -7.00 -7.02
CA ALA C 3 -12.43 -7.29 -8.49
C ALA C 3 -12.34 -6.00 -9.32
N GLY C 4 -11.29 -5.86 -10.09
CA GLY C 4 -11.16 -4.64 -10.97
C GLY C 4 -10.48 -3.48 -10.23
N THR C 5 -10.23 -3.61 -8.97
CA THR C 5 -9.60 -2.48 -8.21
C THR C 5 -8.16 -2.26 -8.66
N VAL C 6 -7.88 -1.10 -9.18
CA VAL C 6 -6.49 -0.76 -9.62
C VAL C 6 -6.06 0.49 -8.85
N CYS C 7 -4.82 0.58 -8.45
CA CYS C 7 -4.38 1.77 -7.69
C CYS C 7 -4.58 3.03 -8.52
N SER C 8 -5.38 3.93 -8.01
CA SER C 8 -5.64 5.19 -8.75
C SER C 8 -4.32 5.97 -8.94
N ASN C 9 -3.48 6.00 -7.94
CA ASN C 9 -2.21 6.77 -8.09
C ASN C 9 -1.19 6.02 -8.94
N CYS C 10 -1.06 4.70 -8.82
CA CYS C 10 -0.01 3.99 -9.65
C CYS C 10 -0.56 2.76 -10.39
N GLN C 11 -1.85 2.60 -10.50
CA GLN C 11 -2.44 1.46 -11.28
C GLN C 11 -1.98 0.07 -10.82
N THR C 12 -1.16 -0.06 -9.82
CA THR C 12 -0.77 -1.45 -9.42
C THR C 12 -2.03 -2.21 -9.03
N SER C 13 -2.03 -3.53 -9.07
CA SER C 13 -3.26 -4.31 -8.66
C SER C 13 -2.84 -5.43 -7.71
N THR C 14 -1.61 -5.40 -7.27
CA THR C 14 -1.08 -6.45 -6.33
C THR C 14 -0.76 -5.80 -4.99
N THR C 15 -1.68 -5.09 -4.47
CA THR C 15 -1.42 -4.37 -3.19
C THR C 15 -1.52 -5.30 -1.99
N THR C 16 -0.77 -5.04 -0.94
CA THR C 16 -0.87 -5.90 0.26
C THR C 16 -2.18 -5.55 0.96
N LEU C 17 -2.53 -4.28 0.98
CA LEU C 17 -3.81 -3.85 1.61
C LEU C 17 -4.39 -2.68 0.80
N TRP C 18 -5.65 -2.73 0.47
CA TRP C 18 -6.27 -1.63 -0.32
C TRP C 18 -6.58 -0.45 0.60
N ARG C 19 -6.11 0.71 0.23
CA ARG C 19 -6.34 1.95 1.03
C ARG C 19 -7.15 2.96 0.22
N ARG C 20 -8.18 3.54 0.76
CA ARG C 20 -8.95 4.56 -0.01
C ARG C 20 -8.23 5.90 0.16
N SER C 21 -8.22 6.73 -0.86
CA SER C 21 -7.55 8.06 -0.73
C SER C 21 -8.57 9.09 -0.25
N PRO C 22 -8.15 10.14 0.43
CA PRO C 22 -9.11 11.17 0.94
C PRO C 22 -10.17 11.60 -0.10
N MET C 23 -9.95 11.38 -1.37
CA MET C 23 -10.95 11.79 -2.41
C MET C 23 -11.87 10.63 -2.76
N GLY C 24 -11.55 9.44 -2.34
CA GLY C 24 -12.40 8.26 -2.66
C GLY C 24 -11.83 7.53 -3.88
N ASP C 25 -10.54 7.64 -4.12
CA ASP C 25 -9.90 6.97 -5.28
C ASP C 25 -9.08 5.75 -4.78
N PRO C 26 -9.44 4.52 -5.11
CA PRO C 26 -8.65 3.35 -4.63
C PRO C 26 -7.14 3.49 -4.84
N VAL C 27 -6.35 3.29 -3.80
CA VAL C 27 -4.85 3.38 -3.94
C VAL C 27 -4.21 2.17 -3.25
N CYS C 28 -2.99 1.84 -3.61
CA CYS C 28 -2.31 0.69 -2.97
C CYS C 28 -1.69 1.15 -1.65
N ASN C 29 -1.51 0.25 -0.73
CA ASN C 29 -0.96 0.63 0.61
C ASN C 29 0.30 1.49 0.47
N ALA C 30 1.17 1.18 -0.42
CA ALA C 30 2.41 2.00 -0.54
C ALA C 30 2.05 3.45 -0.95
N CYS C 31 1.27 3.62 -2.01
CA CYS C 31 0.92 5.02 -2.44
C CYS C 31 0.24 5.76 -1.30
N GLY C 32 -0.67 5.14 -0.62
CA GLY C 32 -1.38 5.85 0.47
C GLY C 32 -0.36 6.39 1.48
N LEU C 33 0.54 5.57 1.93
CA LEU C 33 1.55 6.04 2.91
C LEU C 33 2.50 7.05 2.28
N TYR C 34 3.08 6.75 1.15
CA TYR C 34 4.02 7.74 0.52
C TYR C 34 3.25 9.03 0.23
N TYR C 35 2.09 8.91 -0.34
CA TYR C 35 1.28 10.11 -0.69
C TYR C 35 0.91 10.89 0.58
N LYS C 36 0.47 10.24 1.60
CA LYS C 36 0.08 11.00 2.82
C LYS C 36 1.28 11.78 3.37
N LEU C 37 2.43 11.19 3.40
CA LEU C 37 3.62 11.91 3.95
C LEU C 37 4.05 13.07 3.03
N HIS C 38 4.03 12.88 1.72
CA HIS C 38 4.50 13.98 0.79
C HIS C 38 3.40 14.43 -0.18
N GLN C 39 2.17 14.01 0.01
CA GLN C 39 1.04 14.41 -0.89
C GLN C 39 1.46 14.64 -2.35
N VAL C 40 2.30 13.79 -2.88
CA VAL C 40 2.70 13.89 -4.32
C VAL C 40 2.74 12.48 -4.90
N ASN C 41 2.60 12.35 -6.19
CA ASN C 41 2.59 10.99 -6.82
C ASN C 41 4.02 10.49 -7.07
N ARG C 42 4.35 9.31 -6.61
CA ARG C 42 5.74 8.76 -6.80
C ARG C 42 5.80 7.90 -8.10
N PRO C 43 6.82 8.06 -8.95
CA PRO C 43 6.92 7.25 -10.20
C PRO C 43 6.61 5.75 -9.98
N LEU C 44 6.12 5.09 -11.01
CA LEU C 44 5.79 3.65 -10.88
C LEU C 44 7.06 2.81 -10.77
N THR C 45 8.14 3.26 -11.33
CA THR C 45 9.40 2.47 -11.25
C THR C 45 9.63 2.00 -9.80
N MET C 46 8.88 2.55 -8.87
CA MET C 46 9.03 2.14 -7.44
C MET C 46 8.51 0.71 -7.25
N ARG C 47 7.34 0.41 -7.77
CA ARG C 47 6.76 -0.95 -7.61
C ARG C 47 7.31 -1.92 -8.65
N LYS C 48 7.00 -3.19 -8.50
CA LYS C 48 7.46 -4.22 -9.47
C LYS C 48 6.30 -5.20 -9.71
N ASP C 49 6.41 -6.04 -10.70
CA ASP C 49 5.30 -7.01 -11.02
C ASP C 49 4.66 -7.56 -9.74
N GLY C 50 5.20 -8.61 -9.19
CA GLY C 50 4.61 -9.21 -7.96
C GLY C 50 4.82 -8.27 -6.78
N ILE C 51 4.47 -8.70 -5.58
CA ILE C 51 4.66 -7.85 -4.39
C ILE C 51 6.05 -8.10 -3.81
N GLN C 52 6.70 -7.07 -3.36
CA GLN C 52 8.06 -7.24 -2.76
C GLN C 52 7.92 -7.84 -1.37
N THR C 53 8.87 -8.65 -0.93
CA THR C 53 8.77 -9.27 0.43
C THR C 53 10.14 -9.29 1.11
N ARG C 54 10.12 -9.38 2.41
CA ARG C 54 11.39 -9.41 3.22
C ARG C 54 11.17 -10.28 4.46
N ASN C 55 12.24 -10.66 5.13
CA ASN C 55 12.08 -11.50 6.35
C ASN C 55 11.03 -10.86 7.27
N ARG C 56 10.18 -11.68 7.83
CA ARG C 56 9.09 -11.16 8.70
C ARG C 56 9.64 -10.50 9.97
N LYS C 57 9.16 -9.33 10.26
CA LYS C 57 9.62 -8.58 11.47
C LYS C 57 9.63 -9.52 12.70
N VAL C 58 10.36 -9.14 13.72
CA VAL C 58 10.43 -9.97 14.96
C VAL C 58 9.02 -10.09 15.55
N SER C 59 8.70 -11.21 16.15
CA SER C 59 7.35 -11.38 16.76
C SER C 59 7.41 -10.90 18.21
N SER C 60 8.05 -9.80 18.45
CA SER C 60 8.17 -9.26 19.83
C SER C 60 6.78 -9.00 20.40
N LYS C 61 5.87 -8.52 19.58
CA LYS C 61 4.49 -8.23 20.05
C LYS C 61 3.49 -9.02 19.21
N GLY C 62 2.44 -9.48 19.82
CA GLY C 62 1.42 -10.26 19.07
C GLY C 62 0.26 -10.62 19.99
N LYS C 63 0.54 -10.80 21.27
CA LYS C 63 -0.55 -11.16 22.24
C LYS C 63 -0.65 -10.08 23.33
N LYS C 64 -1.85 -9.65 23.63
CA LYS C 64 -2.05 -8.59 24.67
C LYS C 64 -2.32 -9.24 26.04
N ARG C 65 -3.53 -9.68 26.26
CA ARG C 65 -3.88 -10.31 27.57
C ARG C 65 -4.96 -11.37 27.35
N ARG C 66 -4.74 -12.59 27.78
CA ARG C 66 -5.77 -13.65 27.58
C ARG C 66 -5.64 -14.70 28.69
ZN ZN D . -0.16 2.67 -5.86
N LYS C 1 -13.59 -6.75 -4.40
CA LYS C 1 -13.00 -5.52 -3.80
C LYS C 1 -11.75 -5.15 -4.59
N ARG C 2 -11.12 -6.13 -5.21
CA ARG C 2 -9.90 -5.87 -6.04
C ARG C 2 -10.27 -5.91 -7.52
N ALA C 3 -11.49 -6.28 -7.84
CA ALA C 3 -11.90 -6.33 -9.26
C ALA C 3 -12.02 -4.90 -9.82
N GLY C 4 -11.24 -4.58 -10.81
CA GLY C 4 -11.31 -3.21 -11.40
C GLY C 4 -10.54 -2.21 -10.52
N THR C 5 -10.23 -2.55 -9.30
CA THR C 5 -9.51 -1.58 -8.44
C THR C 5 -8.07 -1.41 -8.94
N VAL C 6 -7.73 -0.22 -9.36
CA VAL C 6 -6.33 0.07 -9.82
C VAL C 6 -5.81 1.20 -8.95
N CYS C 7 -4.58 1.18 -8.56
CA CYS C 7 -4.08 2.27 -7.70
C CYS C 7 -4.19 3.60 -8.42
N SER C 8 -4.96 4.50 -7.88
CA SER C 8 -5.12 5.83 -8.50
C SER C 8 -3.75 6.53 -8.57
N ASN C 9 -2.95 6.40 -7.55
CA ASN C 9 -1.63 7.10 -7.57
C ASN C 9 -0.64 6.41 -8.51
N CYS C 10 -0.59 5.08 -8.58
CA CYS C 10 0.43 4.43 -9.48
C CYS C 10 -0.18 3.29 -10.33
N GLN C 11 -1.47 3.19 -10.43
CA GLN C 11 -2.09 2.13 -11.30
C GLN C 11 -1.67 0.69 -10.94
N THR C 12 -0.86 0.46 -9.95
CA THR C 12 -0.52 -0.97 -9.65
C THR C 12 -1.83 -1.68 -9.30
N SER C 13 -1.95 -2.96 -9.60
CA SER C 13 -3.22 -3.70 -9.26
C SER C 13 -2.90 -4.71 -8.16
N THR C 14 -1.64 -4.87 -7.88
CA THR C 14 -1.20 -5.81 -6.81
C THR C 14 -0.90 -4.95 -5.58
N THR C 15 -1.58 -5.18 -4.49
CA THR C 15 -1.31 -4.36 -3.27
C THR C 15 -1.48 -5.22 -2.02
N THR C 16 -0.75 -4.93 -0.99
CA THR C 16 -0.91 -5.71 0.25
C THR C 16 -2.24 -5.29 0.87
N LEU C 17 -2.54 -4.01 0.84
CA LEU C 17 -3.84 -3.53 1.41
C LEU C 17 -4.33 -2.32 0.60
N TRP C 18 -5.58 -2.32 0.21
CA TRP C 18 -6.13 -1.16 -0.56
C TRP C 18 -6.45 -0.03 0.42
N ARG C 19 -5.98 1.17 0.17
CA ARG C 19 -6.26 2.32 1.11
C ARG C 19 -7.10 3.38 0.39
N ARG C 20 -8.28 3.69 0.87
CA ARG C 20 -9.06 4.77 0.19
C ARG C 20 -8.32 6.09 0.41
N SER C 21 -8.26 6.96 -0.56
CA SER C 21 -7.53 8.26 -0.37
C SER C 21 -8.50 9.35 0.13
N PRO C 22 -8.01 10.37 0.80
CA PRO C 22 -8.87 11.47 1.30
C PRO C 22 -9.84 12.03 0.22
N MET C 23 -9.53 11.84 -1.03
CA MET C 23 -10.41 12.37 -2.12
C MET C 23 -11.38 11.29 -2.59
N GLY C 24 -11.13 10.07 -2.21
CA GLY C 24 -12.02 8.94 -2.64
C GLY C 24 -11.38 8.22 -3.83
N ASP C 25 -10.09 8.37 -4.02
CA ASP C 25 -9.39 7.71 -5.18
C ASP C 25 -8.63 6.45 -4.70
N PRO C 26 -9.05 5.25 -5.05
CA PRO C 26 -8.31 4.02 -4.61
C PRO C 26 -6.79 4.09 -4.81
N VAL C 27 -6.02 3.66 -3.84
CA VAL C 27 -4.52 3.67 -3.98
C VAL C 27 -3.94 2.40 -3.36
N CYS C 28 -2.72 2.04 -3.70
CA CYS C 28 -2.11 0.81 -3.11
C CYS C 28 -1.48 1.14 -1.75
N ASN C 29 -1.36 0.15 -0.91
CA ASN C 29 -0.78 0.36 0.46
C ASN C 29 0.45 1.27 0.42
N ALA C 30 1.33 1.05 -0.52
CA ALA C 30 2.56 1.90 -0.56
C ALA C 30 2.23 3.37 -0.89
N CYS C 31 1.48 3.64 -1.93
CA CYS C 31 1.17 5.06 -2.26
C CYS C 31 0.46 5.73 -1.09
N GLY C 32 -0.49 5.07 -0.48
CA GLY C 32 -1.21 5.71 0.63
C GLY C 32 -0.22 6.29 1.64
N LEU C 33 0.76 5.53 2.00
CA LEU C 33 1.76 5.99 2.99
C LEU C 33 2.69 7.05 2.39
N TYR C 34 3.30 6.76 1.28
CA TYR C 34 4.20 7.77 0.66
C TYR C 34 3.42 9.04 0.35
N TYR C 35 2.23 8.89 -0.16
CA TYR C 35 1.41 10.08 -0.51
C TYR C 35 1.08 10.89 0.75
N LYS C 36 0.59 10.26 1.77
CA LYS C 36 0.22 11.02 3.01
C LYS C 36 1.44 11.76 3.57
N LEU C 37 2.59 11.15 3.61
CA LEU C 37 3.77 11.87 4.17
C LEU C 37 4.02 13.13 3.33
N HIS C 38 4.04 13.02 2.04
CA HIS C 38 4.24 14.23 1.19
C HIS C 38 2.88 14.65 0.64
N GLN C 39 2.37 13.86 -0.29
CA GLN C 39 1.04 14.12 -0.97
C GLN C 39 1.32 14.51 -2.42
N VAL C 40 1.99 13.65 -3.12
CA VAL C 40 2.33 13.89 -4.55
C VAL C 40 2.44 12.53 -5.26
N ASN C 41 2.40 12.51 -6.56
CA ASN C 41 2.48 11.22 -7.30
C ASN C 41 3.95 10.82 -7.51
N ARG C 42 4.28 9.56 -7.34
CA ARG C 42 5.70 9.09 -7.52
C ARG C 42 5.81 8.20 -8.79
N PRO C 43 6.82 8.40 -9.64
CA PRO C 43 6.96 7.55 -10.86
C PRO C 43 6.75 6.05 -10.56
N LEU C 44 6.29 5.31 -11.52
CA LEU C 44 6.03 3.86 -11.31
C LEU C 44 7.33 3.07 -11.20
N THR C 45 8.45 3.67 -11.49
CA THR C 45 9.74 2.91 -11.40
C THR C 45 9.79 2.10 -10.10
N MET C 46 8.94 2.44 -9.15
CA MET C 46 8.94 1.73 -7.83
C MET C 46 8.10 0.45 -7.87
N ARG C 47 7.04 0.42 -8.65
CA ARG C 47 6.17 -0.79 -8.67
C ARG C 47 6.85 -1.95 -9.41
N LYS C 48 6.49 -3.14 -9.03
CA LYS C 48 7.04 -4.38 -9.67
C LYS C 48 5.85 -5.31 -9.94
N ASP C 49 5.99 -6.26 -10.84
CA ASP C 49 4.85 -7.18 -11.16
C ASP C 49 4.09 -7.57 -9.89
N GLY C 50 4.53 -8.63 -9.26
CA GLY C 50 3.84 -9.09 -8.02
C GLY C 50 4.19 -8.16 -6.87
N ILE C 51 3.88 -8.57 -5.66
CA ILE C 51 4.19 -7.72 -4.48
C ILE C 51 5.59 -8.07 -3.94
N GLN C 52 6.29 -7.08 -3.47
CA GLN C 52 7.66 -7.33 -2.90
C GLN C 52 7.50 -7.91 -1.49
N THR C 53 8.45 -8.68 -1.01
CA THR C 53 8.31 -9.29 0.35
C THR C 53 9.65 -9.33 1.09
N ARG C 54 9.58 -9.49 2.38
CA ARG C 54 10.82 -9.55 3.21
C ARG C 54 10.60 -10.40 4.46
N ASN C 55 11.66 -10.70 5.16
CA ASN C 55 11.55 -11.55 6.38
C ASN C 55 10.75 -10.83 7.47
N ARG C 56 9.92 -11.56 8.17
CA ARG C 56 9.11 -10.93 9.25
C ARG C 56 10.02 -10.47 10.40
N LYS C 57 9.91 -9.23 10.80
CA LYS C 57 10.75 -8.73 11.91
C LYS C 57 10.39 -9.43 13.21
N VAL C 58 10.97 -9.00 14.30
CA VAL C 58 10.66 -9.64 15.61
C VAL C 58 9.15 -9.74 15.79
N SER C 59 8.67 -10.82 16.32
CA SER C 59 7.20 -10.94 16.52
C SER C 59 6.79 -10.09 17.71
N SER C 60 6.15 -8.97 17.47
CA SER C 60 5.74 -8.10 18.60
C SER C 60 4.64 -7.14 18.14
N LYS C 61 3.73 -6.80 19.01
CA LYS C 61 2.63 -5.87 18.62
C LYS C 61 3.07 -4.43 18.88
N GLY C 62 3.03 -3.99 20.11
CA GLY C 62 3.46 -2.60 20.40
C GLY C 62 3.38 -2.33 21.91
N LYS C 63 2.29 -2.66 22.53
CA LYS C 63 2.18 -2.41 23.99
C LYS C 63 3.20 -3.28 24.74
N LYS C 64 4.29 -2.69 25.15
CA LYS C 64 5.32 -3.47 25.90
C LYS C 64 4.75 -3.83 27.27
N ARG C 65 4.04 -2.92 27.87
CA ARG C 65 3.45 -3.20 29.21
C ARG C 65 2.26 -4.15 29.03
N ARG C 66 2.14 -5.16 29.85
CA ARG C 66 1.00 -6.11 29.69
C ARG C 66 -0.31 -5.31 29.61
ZN ZN D . 0.17 2.88 -5.82
N LYS C 1 -14.50 -3.89 -2.37
CA LYS C 1 -14.46 -4.52 -3.72
C LYS C 1 -13.01 -4.61 -4.21
N ARG C 2 -12.25 -5.53 -3.68
CA ARG C 2 -10.83 -5.70 -4.11
C ARG C 2 -10.79 -6.06 -5.60
N ALA C 3 -11.69 -6.89 -6.03
CA ALA C 3 -11.72 -7.32 -7.46
C ALA C 3 -11.73 -6.11 -8.40
N GLY C 4 -10.76 -6.04 -9.28
CA GLY C 4 -10.72 -4.90 -10.25
C GLY C 4 -10.07 -3.67 -9.62
N THR C 5 -9.87 -3.67 -8.33
CA THR C 5 -9.25 -2.49 -7.67
C THR C 5 -7.85 -2.25 -8.21
N VAL C 6 -7.65 -1.09 -8.78
CA VAL C 6 -6.32 -0.71 -9.32
C VAL C 6 -5.89 0.56 -8.61
N CYS C 7 -4.65 0.71 -8.27
CA CYS C 7 -4.22 1.94 -7.57
C CYS C 7 -4.42 3.14 -8.45
N SER C 8 -5.29 4.02 -8.04
CA SER C 8 -5.55 5.23 -8.84
C SER C 8 -4.26 6.03 -8.96
N ASN C 9 -3.48 6.11 -7.90
CA ASN C 9 -2.23 6.91 -7.97
C ASN C 9 -1.15 6.23 -8.83
N CYS C 10 -0.98 4.91 -8.76
CA CYS C 10 0.11 4.27 -9.57
C CYS C 10 -0.40 3.05 -10.37
N GLN C 11 -1.69 2.88 -10.48
CA GLN C 11 -2.26 1.76 -11.29
C GLN C 11 -1.76 0.37 -10.89
N THR C 12 -0.94 0.25 -9.88
CA THR C 12 -0.49 -1.12 -9.50
C THR C 12 -1.71 -1.92 -9.01
N SER C 13 -1.65 -3.24 -9.04
CA SER C 13 -2.83 -4.06 -8.56
C SER C 13 -2.35 -5.16 -7.62
N THR C 14 -1.10 -5.12 -7.23
CA THR C 14 -0.55 -6.14 -6.29
C THR C 14 -0.30 -5.50 -4.93
N THR C 15 -1.27 -4.79 -4.44
CA THR C 15 -1.11 -4.06 -3.15
C THR C 15 -1.21 -5.00 -1.96
N THR C 16 -0.50 -4.71 -0.91
CA THR C 16 -0.61 -5.56 0.31
C THR C 16 -1.92 -5.17 0.99
N LEU C 17 -2.27 -3.90 0.96
CA LEU C 17 -3.55 -3.45 1.60
C LEU C 17 -4.11 -2.24 0.82
N TRP C 18 -5.37 -2.26 0.48
CA TRP C 18 -5.98 -1.11 -0.26
C TRP C 18 -6.33 0.02 0.73
N ARG C 19 -5.91 1.23 0.43
CA ARG C 19 -6.21 2.38 1.34
C ARG C 19 -7.10 3.39 0.59
N ARG C 20 -8.25 3.74 1.08
CA ARG C 20 -9.05 4.74 0.32
C ARG C 20 -8.40 6.12 0.53
N SER C 21 -8.40 6.97 -0.47
CA SER C 21 -7.76 8.32 -0.32
C SER C 21 -8.81 9.34 0.15
N PRO C 22 -8.39 10.42 0.77
CA PRO C 22 -9.36 11.46 1.25
C PRO C 22 -10.36 11.88 0.17
N MET C 23 -10.06 11.65 -1.09
CA MET C 23 -10.99 12.04 -2.19
C MET C 23 -11.84 10.84 -2.60
N GLY C 24 -11.47 9.66 -2.16
CA GLY C 24 -12.24 8.44 -2.52
C GLY C 24 -11.57 7.76 -3.72
N ASP C 25 -10.28 7.90 -3.87
CA ASP C 25 -9.57 7.27 -5.03
C ASP C 25 -8.78 6.04 -4.53
N PRO C 26 -9.16 4.83 -4.88
CA PRO C 26 -8.41 3.62 -4.40
C PRO C 26 -6.89 3.74 -4.63
N VAL C 27 -6.09 3.38 -3.64
CA VAL C 27 -4.60 3.44 -3.82
C VAL C 27 -3.93 2.24 -3.16
N CYS C 28 -2.72 1.92 -3.55
CA CYS C 28 -2.01 0.78 -2.94
C CYS C 28 -1.35 1.25 -1.63
N ASN C 29 -1.09 0.35 -0.72
CA ASN C 29 -0.51 0.76 0.59
C ASN C 29 0.70 1.67 0.41
N ALA C 30 1.56 1.39 -0.51
CA ALA C 30 2.76 2.25 -0.69
C ALA C 30 2.34 3.70 -1.02
N CYS C 31 1.56 3.90 -2.07
CA CYS C 31 1.14 5.29 -2.43
C CYS C 31 0.47 5.97 -1.24
N GLY C 32 -0.45 5.31 -0.63
CA GLY C 32 -1.17 5.93 0.51
C GLY C 32 -0.17 6.47 1.52
N LEU C 33 0.77 5.68 1.94
CA LEU C 33 1.74 6.17 2.95
C LEU C 33 2.66 7.23 2.35
N TYR C 34 3.33 6.96 1.27
CA TYR C 34 4.24 8.00 0.68
C TYR C 34 3.44 9.24 0.32
N TYR C 35 2.33 9.08 -0.32
CA TYR C 35 1.52 10.25 -0.73
C TYR C 35 1.14 11.06 0.50
N LYS C 36 0.77 10.40 1.56
CA LYS C 36 0.38 11.12 2.80
C LYS C 36 1.55 11.99 3.28
N LEU C 37 2.74 11.49 3.33
CA LEU C 37 3.88 12.32 3.82
C LEU C 37 4.04 13.55 2.92
N HIS C 38 4.25 13.37 1.65
CA HIS C 38 4.39 14.54 0.73
C HIS C 38 3.03 14.82 0.09
N GLN C 39 2.65 13.95 -0.82
CA GLN C 39 1.33 14.05 -1.58
C GLN C 39 1.61 14.38 -3.04
N VAL C 40 2.40 13.56 -3.68
CA VAL C 40 2.72 13.74 -5.12
C VAL C 40 2.78 12.36 -5.78
N ASN C 41 2.58 12.30 -7.06
CA ASN C 41 2.63 10.97 -7.76
C ASN C 41 4.08 10.65 -8.15
N ARG C 42 4.50 9.41 -8.05
CA ARG C 42 5.91 9.03 -8.44
C ARG C 42 5.90 8.42 -9.86
N PRO C 43 6.97 8.58 -10.64
CA PRO C 43 6.98 7.98 -12.01
C PRO C 43 6.91 6.44 -12.00
N LEU C 44 6.05 5.91 -11.17
CA LEU C 44 5.88 4.43 -11.08
C LEU C 44 7.25 3.72 -11.01
N THR C 45 8.26 4.39 -10.55
CA THR C 45 9.59 3.74 -10.46
C THR C 45 9.60 2.71 -9.31
N MET C 46 8.61 2.75 -8.46
CA MET C 46 8.59 1.79 -7.30
C MET C 46 7.70 0.58 -7.58
N ARG C 47 6.87 0.63 -8.59
CA ARG C 47 5.98 -0.55 -8.85
C ARG C 47 6.75 -1.63 -9.62
N LYS C 48 6.55 -2.86 -9.25
CA LYS C 48 7.24 -4.00 -9.94
C LYS C 48 6.14 -4.97 -10.40
N ASP C 49 6.43 -6.24 -10.51
CA ASP C 49 5.37 -7.20 -10.93
C ASP C 49 4.64 -7.68 -9.68
N GLY C 50 5.16 -8.69 -9.03
CA GLY C 50 4.50 -9.19 -7.80
C GLY C 50 4.79 -8.22 -6.64
N ILE C 51 4.53 -8.63 -5.43
CA ILE C 51 4.79 -7.74 -4.26
C ILE C 51 6.20 -7.99 -3.72
N GLN C 52 6.85 -6.96 -3.27
CA GLN C 52 8.20 -7.11 -2.70
C GLN C 52 8.06 -7.80 -1.35
N THR C 53 9.04 -8.58 -0.95
CA THR C 53 8.92 -9.29 0.36
C THR C 53 10.25 -9.29 1.10
N ARG C 54 10.19 -9.45 2.39
CA ARG C 54 11.41 -9.46 3.23
C ARG C 54 11.22 -10.40 4.42
N ASN C 55 12.27 -10.77 5.08
CA ASN C 55 12.14 -11.70 6.24
C ASN C 55 11.16 -11.09 7.25
N ARG C 56 10.28 -11.89 7.78
CA ARG C 56 9.29 -11.37 8.77
C ARG C 56 10.02 -10.83 10.00
N LYS C 57 9.68 -9.64 10.43
CA LYS C 57 10.36 -9.05 11.61
C LYS C 57 10.17 -9.96 12.83
N VAL C 58 10.54 -9.48 14.00
CA VAL C 58 10.38 -10.29 15.22
C VAL C 58 8.89 -10.59 15.43
N SER C 59 8.56 -11.77 15.87
CA SER C 59 7.13 -12.10 16.11
C SER C 59 6.77 -11.73 17.54
N SER C 60 5.94 -10.74 17.72
CA SER C 60 5.56 -10.31 19.10
C SER C 60 4.11 -10.71 19.39
N LYS C 61 3.93 -11.58 20.36
CA LYS C 61 2.56 -12.06 20.72
C LYS C 61 2.54 -12.40 22.22
N GLY C 62 1.71 -11.75 22.99
CA GLY C 62 1.67 -12.05 24.46
C GLY C 62 0.56 -11.24 25.13
N LYS C 63 -0.58 -11.15 24.50
CA LYS C 63 -1.70 -10.38 25.11
C LYS C 63 -2.57 -11.31 25.95
N LYS C 64 -2.88 -10.91 27.17
CA LYS C 64 -3.71 -11.78 28.07
C LYS C 64 -5.06 -11.11 28.32
N ARG C 65 -5.55 -10.35 27.38
CA ARG C 65 -6.85 -9.67 27.58
C ARG C 65 -7.91 -10.70 28.00
N ARG C 66 -8.69 -10.39 29.00
CA ARG C 66 -9.73 -11.35 29.47
C ARG C 66 -10.93 -11.31 28.52
ZN ZN D . 0.02 2.91 -5.82
N LYS C 1 -12.95 -6.17 -1.65
CA LYS C 1 -13.33 -6.06 -3.08
C LYS C 1 -12.07 -5.76 -3.92
N ARG C 2 -11.42 -6.79 -4.42
CA ARG C 2 -10.18 -6.56 -5.25
C ARG C 2 -10.55 -6.64 -6.73
N ALA C 3 -11.79 -6.96 -7.03
CA ALA C 3 -12.21 -7.06 -8.46
C ALA C 3 -12.33 -5.66 -9.08
N GLY C 4 -11.50 -5.36 -10.03
CA GLY C 4 -11.55 -4.02 -10.70
C GLY C 4 -10.77 -2.99 -9.88
N THR C 5 -10.41 -3.32 -8.67
CA THR C 5 -9.66 -2.33 -7.83
C THR C 5 -8.26 -2.09 -8.39
N VAL C 6 -8.02 -0.88 -8.84
CA VAL C 6 -6.66 -0.52 -9.37
C VAL C 6 -6.16 0.66 -8.55
N CYS C 7 -4.90 0.72 -8.22
CA CYS C 7 -4.40 1.86 -7.41
C CYS C 7 -4.56 3.16 -8.18
N SER C 8 -5.31 4.07 -7.65
CA SER C 8 -5.52 5.35 -8.35
C SER C 8 -4.18 6.10 -8.48
N ASN C 9 -3.35 6.07 -7.46
CA ASN C 9 -2.06 6.81 -7.56
C ASN C 9 -1.06 6.10 -8.48
N CYS C 10 -0.94 4.77 -8.45
CA CYS C 10 0.08 4.09 -9.34
C CYS C 10 -0.53 2.97 -10.18
N GLN C 11 -1.84 2.86 -10.26
CA GLN C 11 -2.49 1.82 -11.12
C GLN C 11 -2.05 0.38 -10.81
N THR C 12 -1.21 0.13 -9.86
CA THR C 12 -0.85 -1.29 -9.61
C THR C 12 -2.13 -2.03 -9.18
N SER C 13 -2.25 -3.31 -9.47
CA SER C 13 -3.49 -4.06 -9.04
C SER C 13 -3.10 -4.99 -7.88
N THR C 14 -1.82 -5.11 -7.65
CA THR C 14 -1.32 -5.97 -6.53
C THR C 14 -1.00 -5.08 -5.34
N THR C 15 -1.61 -5.33 -4.22
CA THR C 15 -1.34 -4.50 -3.02
C THR C 15 -1.42 -5.37 -1.78
N THR C 16 -0.68 -5.06 -0.77
CA THR C 16 -0.77 -5.88 0.48
C THR C 16 -2.09 -5.53 1.15
N LEU C 17 -2.45 -4.26 1.13
CA LEU C 17 -3.75 -3.84 1.72
C LEU C 17 -4.31 -2.69 0.89
N TRP C 18 -5.56 -2.75 0.53
CA TRP C 18 -6.16 -1.64 -0.25
C TRP C 18 -6.48 -0.50 0.70
N ARG C 19 -6.04 0.68 0.35
CA ARG C 19 -6.29 1.87 1.21
C ARG C 19 -7.12 2.90 0.44
N ARG C 20 -8.19 3.40 1.00
CA ARG C 20 -8.98 4.41 0.26
C ARG C 20 -8.26 5.76 0.46
N SER C 21 -8.31 6.64 -0.50
CA SER C 21 -7.61 7.96 -0.33
C SER C 21 -8.60 8.97 0.27
N PRO C 22 -8.11 10.03 0.88
CA PRO C 22 -9.00 11.05 1.48
C PRO C 22 -10.02 11.57 0.45
N MET C 23 -9.76 11.36 -0.82
CA MET C 23 -10.70 11.83 -1.88
C MET C 23 -11.69 10.72 -2.24
N GLY C 24 -11.43 9.52 -1.81
CA GLY C 24 -12.35 8.38 -2.13
C GLY C 24 -11.80 7.58 -3.32
N ASP C 25 -10.51 7.67 -3.57
CA ASP C 25 -9.90 6.93 -4.71
C ASP C 25 -9.14 5.68 -4.18
N PRO C 26 -9.33 4.50 -4.75
CA PRO C 26 -8.57 3.30 -4.25
C PRO C 26 -7.06 3.43 -4.49
N VAL C 27 -6.26 3.22 -3.47
CA VAL C 27 -4.76 3.30 -3.65
C VAL C 27 -4.11 2.07 -2.99
N CYS C 28 -2.90 1.75 -3.38
CA CYS C 28 -2.22 0.59 -2.77
C CYS C 28 -1.59 1.04 -1.43
N ASN C 29 -1.44 0.14 -0.50
CA ASN C 29 -0.91 0.52 0.84
C ASN C 29 0.38 1.35 0.73
N ALA C 30 1.15 1.15 -0.29
CA ALA C 30 2.40 1.93 -0.42
C ALA C 30 2.06 3.39 -0.80
N CYS C 31 1.27 3.59 -1.83
CA CYS C 31 0.93 5.00 -2.23
C CYS C 31 0.24 5.71 -1.06
N GLY C 32 -0.64 5.06 -0.40
CA GLY C 32 -1.34 5.74 0.72
C GLY C 32 -0.31 6.33 1.69
N LEU C 33 0.68 5.55 2.05
CA LEU C 33 1.71 6.06 3.01
C LEU C 33 2.63 7.07 2.31
N TYR C 34 3.22 6.72 1.20
CA TYR C 34 4.12 7.68 0.50
C TYR C 34 3.35 8.94 0.13
N TYR C 35 2.17 8.79 -0.38
CA TYR C 35 1.37 9.98 -0.77
C TYR C 35 1.05 10.82 0.46
N LYS C 36 0.58 10.22 1.50
CA LYS C 36 0.26 11.01 2.71
C LYS C 36 1.52 11.71 3.22
N LEU C 37 2.63 11.05 3.20
CA LEU C 37 3.88 11.69 3.71
C LEU C 37 4.39 12.77 2.74
N HIS C 38 4.43 12.49 1.45
CA HIS C 38 4.97 13.52 0.48
C HIS C 38 3.85 14.13 -0.37
N GLN C 39 2.65 13.61 -0.32
CA GLN C 39 1.51 14.17 -1.12
C GLN C 39 1.96 14.58 -2.54
N VAL C 40 2.59 13.66 -3.22
CA VAL C 40 3.01 13.88 -4.63
C VAL C 40 2.99 12.50 -5.30
N ASN C 41 2.86 12.44 -6.59
CA ASN C 41 2.82 11.09 -7.24
C ASN C 41 4.24 10.57 -7.54
N ARG C 42 4.57 9.40 -7.04
CA ARG C 42 5.94 8.84 -7.28
C ARG C 42 5.94 8.00 -8.57
N PRO C 43 6.82 8.24 -9.53
CA PRO C 43 6.83 7.41 -10.76
C PRO C 43 6.80 5.91 -10.42
N LEU C 44 6.26 5.11 -11.30
CA LEU C 44 6.17 3.65 -11.03
C LEU C 44 7.56 3.00 -10.96
N THR C 45 8.55 3.73 -10.55
CA THR C 45 9.91 3.12 -10.49
C THR C 45 9.98 2.05 -9.40
N MET C 46 9.03 2.05 -8.47
CA MET C 46 9.07 1.03 -7.36
C MET C 46 8.00 -0.06 -7.55
N ARG C 47 7.15 0.05 -8.54
CA ARG C 47 6.09 -1.00 -8.72
C ARG C 47 6.64 -2.22 -9.47
N LYS C 48 6.23 -3.38 -9.06
CA LYS C 48 6.68 -4.64 -9.73
C LYS C 48 5.46 -5.56 -9.93
N ASP C 49 5.55 -6.49 -10.84
CA ASP C 49 4.38 -7.40 -11.09
C ASP C 49 3.80 -7.88 -9.76
N GLY C 50 4.37 -8.92 -9.20
CA GLY C 50 3.84 -9.44 -7.91
C GLY C 50 4.17 -8.45 -6.78
N ILE C 51 3.90 -8.82 -5.56
CA ILE C 51 4.22 -7.91 -4.42
C ILE C 51 5.63 -8.22 -3.89
N GLN C 52 6.29 -7.24 -3.35
CA GLN C 52 7.65 -7.47 -2.80
C GLN C 52 7.51 -8.12 -1.43
N THR C 53 8.47 -8.92 -1.02
CA THR C 53 8.33 -9.61 0.31
C THR C 53 9.70 -9.78 0.99
N ARG C 54 9.68 -10.03 2.27
CA ARG C 54 10.94 -10.21 3.04
C ARG C 54 10.70 -11.14 4.23
N ASN C 55 11.76 -11.67 4.78
CA ASN C 55 11.60 -12.57 5.95
C ASN C 55 10.73 -11.87 7.00
N ARG C 56 9.93 -12.63 7.71
CA ARG C 56 9.03 -12.02 8.73
C ARG C 56 9.86 -11.32 9.81
N LYS C 57 9.63 -10.04 10.01
CA LYS C 57 10.41 -9.31 11.05
C LYS C 57 10.14 -9.92 12.43
N VAL C 58 10.58 -9.27 13.47
CA VAL C 58 10.36 -9.80 14.84
C VAL C 58 8.88 -9.95 15.10
N SER C 59 8.49 -10.89 15.93
CA SER C 59 7.05 -11.08 16.22
C SER C 59 6.60 -10.04 17.24
N SER C 60 5.40 -9.54 17.09
CA SER C 60 4.88 -8.51 18.04
C SER C 60 3.38 -8.74 18.25
N LYS C 61 2.95 -8.85 19.50
CA LYS C 61 1.50 -9.08 19.80
C LYS C 61 0.84 -7.79 20.30
N GLY C 62 -0.28 -7.43 19.73
CA GLY C 62 -0.98 -6.18 20.15
C GLY C 62 -2.12 -6.53 21.12
N LYS C 63 -2.24 -7.77 21.51
CA LYS C 63 -3.34 -8.15 22.45
C LYS C 63 -3.18 -7.40 23.76
N LYS C 64 -1.97 -7.25 24.25
CA LYS C 64 -1.78 -6.54 25.54
C LYS C 64 -0.43 -5.82 25.53
N ARG C 65 -0.33 -4.71 26.21
CA ARG C 65 0.95 -3.93 26.23
C ARG C 65 1.74 -4.28 27.48
N ARG C 66 1.37 -5.33 28.15
CA ARG C 66 2.08 -5.75 29.39
C ARG C 66 2.23 -7.27 29.40
ZN ZN D . -0.10 2.64 -5.65
N LYS C 1 -13.60 -10.00 -7.55
CA LYS C 1 -14.43 -8.88 -7.03
C LYS C 1 -13.51 -7.68 -6.75
N ARG C 2 -13.25 -7.39 -5.50
CA ARG C 2 -12.37 -6.23 -5.16
C ARG C 2 -11.01 -6.38 -5.85
N ALA C 3 -10.58 -7.58 -6.14
CA ALA C 3 -9.25 -7.75 -6.77
C ALA C 3 -9.28 -7.23 -8.22
N GLY C 4 -8.49 -6.22 -8.50
CA GLY C 4 -8.48 -5.61 -9.86
C GLY C 4 -8.53 -4.09 -9.68
N THR C 5 -9.03 -3.65 -8.56
CA THR C 5 -9.08 -2.20 -8.25
C THR C 5 -7.71 -1.60 -8.56
N VAL C 6 -7.48 -1.11 -9.75
CA VAL C 6 -6.12 -0.59 -10.05
C VAL C 6 -5.80 0.61 -9.18
N CYS C 7 -4.58 0.68 -8.73
CA CYS C 7 -4.13 1.80 -7.88
C CYS C 7 -4.29 3.12 -8.62
N SER C 8 -5.03 4.03 -8.05
CA SER C 8 -5.22 5.34 -8.70
C SER C 8 -3.89 6.05 -8.89
N ASN C 9 -3.00 5.98 -7.93
CA ASN C 9 -1.70 6.70 -8.08
C ASN C 9 -0.71 5.93 -8.97
N CYS C 10 -0.62 4.62 -8.88
CA CYS C 10 0.40 3.89 -9.73
C CYS C 10 -0.21 2.70 -10.49
N GLN C 11 -1.51 2.63 -10.62
CA GLN C 11 -2.15 1.54 -11.41
C GLN C 11 -1.79 0.12 -10.93
N THR C 12 -0.96 -0.05 -9.94
CA THR C 12 -0.65 -1.45 -9.53
C THR C 12 -1.96 -2.13 -9.09
N SER C 13 -2.17 -3.38 -9.43
CA SER C 13 -3.43 -4.09 -8.99
C SER C 13 -3.08 -5.01 -7.83
N THR C 14 -1.79 -5.17 -7.60
CA THR C 14 -1.33 -6.04 -6.48
C THR C 14 -0.98 -5.15 -5.29
N THR C 15 -1.63 -5.34 -4.17
CA THR C 15 -1.33 -4.49 -2.99
C THR C 15 -1.52 -5.31 -1.71
N THR C 16 -0.80 -4.99 -0.68
CA THR C 16 -0.99 -5.75 0.59
C THR C 16 -2.29 -5.27 1.23
N LEU C 17 -2.59 -3.99 1.14
CA LEU C 17 -3.86 -3.49 1.74
C LEU C 17 -4.38 -2.32 0.90
N TRP C 18 -5.65 -2.32 0.57
CA TRP C 18 -6.21 -1.21 -0.25
C TRP C 18 -6.55 -0.02 0.65
N ARG C 19 -6.14 1.17 0.26
CA ARG C 19 -6.42 2.40 1.06
C ARG C 19 -7.31 3.34 0.23
N ARG C 20 -8.46 3.73 0.69
CA ARG C 20 -9.30 4.66 -0.11
C ARG C 20 -8.89 6.10 0.25
N SER C 21 -7.88 6.64 -0.40
CA SER C 21 -7.37 8.02 -0.08
C SER C 21 -8.50 8.96 0.41
N PRO C 22 -8.15 10.02 1.13
CA PRO C 22 -9.16 10.98 1.66
C PRO C 22 -10.18 11.46 0.61
N MET C 23 -9.95 11.15 -0.65
CA MET C 23 -10.90 11.61 -1.71
C MET C 23 -11.83 10.46 -2.10
N GLY C 24 -11.52 9.27 -1.68
CA GLY C 24 -12.38 8.10 -2.03
C GLY C 24 -11.86 7.46 -3.32
N ASP C 25 -10.59 7.59 -3.59
CA ASP C 25 -10.00 6.98 -4.83
C ASP C 25 -9.18 5.73 -4.42
N PRO C 26 -9.17 4.67 -5.20
CA PRO C 26 -8.38 3.45 -4.83
C PRO C 26 -6.86 3.64 -5.03
N VAL C 27 -6.07 3.37 -4.01
CA VAL C 27 -4.57 3.46 -4.16
C VAL C 27 -3.94 2.26 -3.44
N CYS C 28 -2.73 1.88 -3.81
CA CYS C 28 -2.09 0.73 -3.12
C CYS C 28 -1.46 1.18 -1.79
N ASN C 29 -1.37 0.29 -0.84
CA ASN C 29 -0.83 0.65 0.51
C ASN C 29 0.46 1.46 0.41
N ALA C 30 1.27 1.22 -0.56
CA ALA C 30 2.53 2.00 -0.66
C ALA C 30 2.26 3.45 -1.11
N CYS C 31 1.47 3.64 -2.15
CA CYS C 31 1.19 5.04 -2.63
C CYS C 31 0.55 5.87 -1.53
N GLY C 32 -0.36 5.31 -0.79
CA GLY C 32 -1.03 6.11 0.26
C GLY C 32 -0.01 6.63 1.27
N LEU C 33 0.87 5.79 1.71
CA LEU C 33 1.88 6.25 2.70
C LEU C 33 2.86 7.23 2.01
N TYR C 34 3.38 6.87 0.89
CA TYR C 34 4.32 7.79 0.19
C TYR C 34 3.62 9.11 -0.13
N TYR C 35 2.42 9.03 -0.65
CA TYR C 35 1.68 10.26 -1.02
C TYR C 35 1.39 11.11 0.23
N LYS C 36 0.92 10.52 1.28
CA LYS C 36 0.62 11.33 2.50
C LYS C 36 1.87 12.04 3.01
N LEU C 37 2.98 11.37 3.03
CA LEU C 37 4.23 12.03 3.54
C LEU C 37 4.74 13.12 2.57
N HIS C 38 4.69 12.87 1.28
CA HIS C 38 5.23 13.90 0.31
C HIS C 38 4.11 14.50 -0.56
N GLN C 39 2.92 13.98 -0.52
CA GLN C 39 1.80 14.55 -1.32
C GLN C 39 2.26 14.96 -2.73
N VAL C 40 2.85 14.03 -3.44
CA VAL C 40 3.30 14.27 -4.84
C VAL C 40 3.19 12.95 -5.60
N ASN C 41 3.02 13.00 -6.88
CA ASN C 41 2.92 11.73 -7.66
C ASN C 41 4.32 11.25 -8.02
N ARG C 42 4.65 10.02 -7.69
CA ARG C 42 6.01 9.48 -7.99
C ARG C 42 5.96 8.60 -9.27
N PRO C 43 6.89 8.73 -10.21
CA PRO C 43 6.84 7.87 -11.43
C PRO C 43 6.65 6.38 -11.08
N LEU C 44 6.07 5.62 -11.96
CA LEU C 44 5.84 4.16 -11.70
C LEU C 44 7.18 3.43 -11.53
N THR C 45 8.25 4.12 -11.27
CA THR C 45 9.56 3.43 -11.09
C THR C 45 9.50 2.56 -9.82
N MET C 46 8.55 2.80 -8.95
CA MET C 46 8.46 1.99 -7.68
C MET C 46 7.46 0.85 -7.87
N ARG C 47 6.81 0.82 -8.99
CA ARG C 47 5.78 -0.24 -9.25
C ARG C 47 6.43 -1.55 -9.69
N LYS C 48 6.12 -2.64 -9.01
CA LYS C 48 6.67 -3.99 -9.38
C LYS C 48 5.47 -4.93 -9.59
N ASP C 49 5.52 -5.77 -10.60
CA ASP C 49 4.36 -6.68 -10.87
C ASP C 49 3.80 -7.25 -9.56
N GLY C 50 4.37 -8.32 -9.06
CA GLY C 50 3.84 -8.91 -7.78
C GLY C 50 4.17 -8.02 -6.59
N ILE C 51 3.86 -8.47 -5.40
CA ILE C 51 4.17 -7.67 -4.18
C ILE C 51 5.58 -8.01 -3.70
N GLN C 52 6.33 -7.03 -3.28
CA GLN C 52 7.70 -7.31 -2.78
C GLN C 52 7.58 -7.98 -1.42
N THR C 53 8.51 -8.83 -1.06
CA THR C 53 8.42 -9.53 0.27
C THR C 53 9.80 -9.63 0.92
N ARG C 54 9.82 -9.76 2.22
CA ARG C 54 11.11 -9.87 2.97
C ARG C 54 10.93 -10.81 4.18
N ASN C 55 12.01 -11.20 4.79
CA ASN C 55 11.92 -12.11 5.97
C ASN C 55 11.09 -11.42 7.06
N ARG C 56 10.19 -12.13 7.67
CA ARG C 56 9.32 -11.52 8.72
C ARG C 56 10.17 -10.95 9.87
N LYS C 57 9.91 -9.72 10.24
CA LYS C 57 10.68 -9.08 11.35
C LYS C 57 10.42 -9.80 12.68
N VAL C 58 10.85 -9.23 13.76
CA VAL C 58 10.63 -9.88 15.08
C VAL C 58 9.13 -10.02 15.35
N SER C 59 8.72 -11.10 15.93
CA SER C 59 7.28 -11.28 16.22
C SER C 59 6.96 -10.60 17.55
N SER C 60 6.20 -9.52 17.53
CA SER C 60 5.85 -8.79 18.78
C SER C 60 4.34 -8.83 19.01
N LYS C 61 3.92 -9.39 20.12
CA LYS C 61 2.46 -9.47 20.42
C LYS C 61 2.11 -8.39 21.43
N GLY C 62 1.25 -7.47 21.07
CA GLY C 62 0.88 -6.40 22.03
C GLY C 62 -0.24 -5.53 21.44
N LYS C 63 -0.92 -4.78 22.27
CA LYS C 63 -2.01 -3.90 21.77
C LYS C 63 -2.19 -2.76 22.75
N LYS C 64 -2.69 -1.64 22.31
CA LYS C 64 -2.89 -0.50 23.25
C LYS C 64 -3.84 -0.96 24.38
N ARG C 65 -4.88 -1.66 24.03
CA ARG C 65 -5.84 -2.15 25.08
C ARG C 65 -5.64 -3.67 25.27
N ARG C 66 -5.48 -4.09 26.48
CA ARG C 66 -5.29 -5.55 26.75
C ARG C 66 -6.65 -6.22 26.88
ZN ZN D . 0.14 2.61 -6.02
N LYS C 1 -15.44 -5.58 -2.60
CA LYS C 1 -15.25 -4.50 -3.62
C LYS C 1 -13.81 -4.55 -4.13
N ARG C 2 -13.05 -5.53 -3.71
CA ARG C 2 -11.66 -5.65 -4.21
C ARG C 2 -11.69 -5.85 -5.72
N ALA C 3 -12.63 -6.63 -6.16
CA ALA C 3 -12.78 -6.92 -7.62
C ALA C 3 -12.77 -5.63 -8.45
N GLY C 4 -11.86 -5.53 -9.39
CA GLY C 4 -11.81 -4.32 -10.27
C GLY C 4 -11.02 -3.18 -9.61
N THR C 5 -10.67 -3.32 -8.37
CA THR C 5 -9.92 -2.20 -7.70
C THR C 5 -8.53 -2.05 -8.31
N VAL C 6 -8.28 -0.93 -8.95
CA VAL C 6 -6.93 -0.66 -9.52
C VAL C 6 -6.41 0.60 -8.85
N CYS C 7 -5.16 0.65 -8.54
CA CYS C 7 -4.62 1.86 -7.84
C CYS C 7 -4.78 3.09 -8.71
N SER C 8 -5.55 4.01 -8.22
CA SER C 8 -5.78 5.27 -8.97
C SER C 8 -4.44 5.99 -9.19
N ASN C 9 -3.58 6.00 -8.19
CA ASN C 9 -2.29 6.72 -8.36
C ASN C 9 -1.32 5.97 -9.27
N CYS C 10 -1.23 4.64 -9.18
CA CYS C 10 -0.23 3.91 -10.06
C CYS C 10 -0.85 2.73 -10.80
N GLN C 11 -2.15 2.63 -10.88
CA GLN C 11 -2.79 1.51 -11.65
C GLN C 11 -2.37 0.12 -11.17
N THR C 12 -1.49 0.00 -10.20
CA THR C 12 -1.11 -1.38 -9.78
C THR C 12 -2.35 -2.11 -9.24
N SER C 13 -2.41 -3.42 -9.34
CA SER C 13 -3.60 -4.18 -8.80
C SER C 13 -3.12 -5.30 -7.87
N THR C 14 -1.83 -5.34 -7.59
CA THR C 14 -1.28 -6.40 -6.68
C THR C 14 -0.96 -5.76 -5.32
N THR C 15 -1.90 -5.04 -4.79
CA THR C 15 -1.65 -4.32 -3.50
C THR C 15 -1.75 -5.25 -2.30
N THR C 16 -0.98 -4.98 -1.27
CA THR C 16 -1.06 -5.80 -0.04
C THR C 16 -2.33 -5.37 0.71
N LEU C 17 -2.62 -4.09 0.75
CA LEU C 17 -3.84 -3.58 1.46
C LEU C 17 -4.41 -2.37 0.69
N TRP C 18 -5.69 -2.34 0.43
CA TRP C 18 -6.27 -1.18 -0.31
C TRP C 18 -6.51 -0.01 0.64
N ARG C 19 -6.07 1.17 0.27
CA ARG C 19 -6.25 2.38 1.14
C ARG C 19 -7.11 3.40 0.40
N ARG C 20 -8.23 3.83 0.93
CA ARG C 20 -9.00 4.86 0.18
C ARG C 20 -8.19 6.15 0.27
N SER C 21 -8.14 6.92 -0.79
CA SER C 21 -7.34 8.19 -0.74
C SER C 21 -8.21 9.32 -0.16
N PRO C 22 -7.61 10.30 0.50
CA PRO C 22 -8.39 11.41 1.09
C PRO C 22 -9.44 12.00 0.12
N MET C 23 -9.22 11.86 -1.17
CA MET C 23 -10.20 12.41 -2.16
C MET C 23 -11.23 11.34 -2.54
N GLY C 24 -10.96 10.10 -2.21
CA GLY C 24 -11.93 9.00 -2.53
C GLY C 24 -11.45 8.22 -3.77
N ASP C 25 -10.18 8.23 -4.04
CA ASP C 25 -9.64 7.49 -5.23
C ASP C 25 -8.88 6.23 -4.73
N PRO C 26 -9.34 5.02 -5.00
CA PRO C 26 -8.62 3.81 -4.52
C PRO C 26 -7.11 3.84 -4.83
N VAL C 27 -6.29 3.48 -3.87
CA VAL C 27 -4.80 3.47 -4.10
C VAL C 27 -4.20 2.22 -3.46
N CYS C 28 -3.02 1.83 -3.89
CA CYS C 28 -2.38 0.63 -3.29
C CYS C 28 -1.67 0.99 -1.98
N ASN C 29 -1.54 0.03 -1.12
CA ASN C 29 -0.90 0.25 0.22
C ASN C 29 0.30 1.18 0.12
N ALA C 30 1.14 1.01 -0.86
CA ALA C 30 2.34 1.89 -0.95
C ALA C 30 1.98 3.33 -1.38
N CYS C 31 1.18 3.51 -2.41
CA CYS C 31 0.84 4.91 -2.84
C CYS C 31 0.13 5.63 -1.70
N GLY C 32 -0.83 4.99 -1.11
CA GLY C 32 -1.59 5.66 -0.02
C GLY C 32 -0.64 6.18 1.06
N LEU C 33 0.18 5.32 1.59
CA LEU C 33 1.12 5.76 2.65
C LEU C 33 2.11 6.78 2.08
N TYR C 34 2.68 6.52 0.95
CA TYR C 34 3.64 7.51 0.36
C TYR C 34 2.95 8.85 0.12
N TYR C 35 1.77 8.81 -0.44
CA TYR C 35 1.04 10.06 -0.75
C TYR C 35 0.64 10.78 0.53
N LYS C 36 0.10 10.10 1.48
CA LYS C 36 -0.32 10.80 2.72
C LYS C 36 0.89 11.46 3.37
N LEU C 37 2.01 10.82 3.40
CA LEU C 37 3.22 11.43 4.03
C LEU C 37 3.77 12.60 3.18
N HIS C 38 3.81 12.46 1.87
CA HIS C 38 4.38 13.57 1.01
C HIS C 38 3.33 14.16 0.06
N GLN C 39 2.12 13.70 0.10
CA GLN C 39 1.03 14.25 -0.79
C GLN C 39 1.54 14.67 -2.17
N VAL C 40 2.39 13.89 -2.76
CA VAL C 40 2.90 14.19 -4.12
C VAL C 40 3.00 12.88 -4.89
N ASN C 41 2.93 12.94 -6.18
CA ASN C 41 3.04 11.68 -6.99
C ASN C 41 4.53 11.37 -7.22
N ARG C 42 4.85 10.14 -7.53
CA ARG C 42 6.30 9.77 -7.77
C ARG C 42 6.38 8.79 -8.95
N PRO C 43 7.48 8.77 -9.69
CA PRO C 43 7.61 7.83 -10.83
C PRO C 43 7.15 6.40 -10.46
N LEU C 44 6.66 5.65 -11.41
CA LEU C 44 6.19 4.27 -11.13
C LEU C 44 7.36 3.31 -11.03
N THR C 45 8.49 3.67 -11.58
CA THR C 45 9.66 2.75 -11.51
C THR C 45 9.88 2.29 -10.06
N MET C 46 9.16 2.85 -9.13
CA MET C 46 9.33 2.43 -7.71
C MET C 46 8.63 1.08 -7.47
N ARG C 47 7.49 0.89 -8.06
CA ARG C 47 6.74 -0.38 -7.86
C ARG C 47 7.40 -1.51 -8.67
N LYS C 48 7.20 -2.74 -8.25
CA LYS C 48 7.78 -3.90 -8.97
C LYS C 48 6.69 -4.59 -9.78
N ASP C 49 6.99 -5.73 -10.36
CA ASP C 49 5.97 -6.49 -11.14
C ASP C 49 5.25 -7.46 -10.21
N GLY C 50 5.56 -7.43 -8.94
CA GLY C 50 4.89 -8.33 -7.95
C GLY C 50 4.92 -7.66 -6.57
N ILE C 51 4.37 -8.29 -5.56
CA ILE C 51 4.40 -7.68 -4.20
C ILE C 51 5.73 -8.07 -3.53
N GLN C 52 6.33 -7.14 -2.83
CA GLN C 52 7.63 -7.42 -2.16
C GLN C 52 7.44 -8.16 -0.83
N THR C 53 8.34 -9.05 -0.51
CA THR C 53 8.26 -9.79 0.77
C THR C 53 9.65 -9.81 1.41
N ARG C 54 9.69 -9.95 2.69
CA ARG C 54 10.98 -9.96 3.43
C ARG C 54 10.86 -10.81 4.69
N ASN C 55 11.96 -11.20 5.26
CA ASN C 55 11.88 -12.02 6.50
C ASN C 55 11.04 -11.25 7.52
N ARG C 56 10.16 -11.92 8.19
CA ARG C 56 9.29 -11.24 9.19
C ARG C 56 10.12 -10.72 10.36
N LYS C 57 9.90 -9.50 10.78
CA LYS C 57 10.68 -8.95 11.91
C LYS C 57 10.36 -9.72 13.19
N VAL C 58 10.81 -9.24 14.33
CA VAL C 58 10.55 -9.96 15.59
C VAL C 58 9.04 -10.08 15.81
N SER C 59 8.61 -11.14 16.44
CA SER C 59 7.15 -11.32 16.67
C SER C 59 6.69 -10.40 17.80
N SER C 60 5.43 -10.04 17.81
CA SER C 60 4.90 -9.16 18.88
C SER C 60 3.39 -9.43 19.05
N LYS C 61 2.87 -9.15 20.20
CA LYS C 61 1.41 -9.39 20.46
C LYS C 61 0.87 -8.25 21.34
N GLY C 62 -0.42 -8.06 21.34
CA GLY C 62 -1.01 -6.95 22.15
C GLY C 62 -0.52 -7.02 23.61
N LYS C 63 0.63 -6.45 23.89
CA LYS C 63 1.17 -6.45 25.28
C LYS C 63 1.34 -5.00 25.75
N LYS C 64 0.56 -4.58 26.70
CA LYS C 64 0.68 -3.18 27.22
C LYS C 64 0.34 -3.15 28.71
N ARG C 65 0.56 -2.04 29.35
CA ARG C 65 0.26 -1.93 30.81
C ARG C 65 -1.25 -2.03 31.03
N ARG C 66 -1.91 -2.84 30.25
CA ARG C 66 -3.39 -2.99 30.40
C ARG C 66 -3.72 -3.43 31.82
ZN ZN D . -0.26 2.58 -6.27
N LYS C 1 -14.34 -5.17 -1.90
CA LYS C 1 -14.56 -5.14 -3.37
C LYS C 1 -13.20 -5.08 -4.07
N ARG C 2 -12.43 -6.13 -3.96
CA ARG C 2 -11.09 -6.17 -4.62
C ARG C 2 -11.28 -6.25 -6.15
N ALA C 3 -12.30 -6.93 -6.59
CA ALA C 3 -12.55 -7.07 -8.05
C ALA C 3 -12.53 -5.71 -8.75
N GLY C 4 -11.63 -5.51 -9.67
CA GLY C 4 -11.58 -4.21 -10.42
C GLY C 4 -10.79 -3.15 -9.64
N THR C 5 -10.46 -3.41 -8.41
CA THR C 5 -9.70 -2.38 -7.63
C THR C 5 -8.30 -2.19 -8.20
N VAL C 6 -8.04 -1.05 -8.78
CA VAL C 6 -6.68 -0.75 -9.33
C VAL C 6 -6.18 0.49 -8.61
N CYS C 7 -4.94 0.56 -8.27
CA CYS C 7 -4.44 1.75 -7.55
C CYS C 7 -4.62 2.99 -8.39
N SER C 8 -5.40 3.90 -7.90
CA SER C 8 -5.66 5.16 -8.62
C SER C 8 -4.34 5.90 -8.85
N ASN C 9 -3.46 5.91 -7.87
CA ASN C 9 -2.20 6.68 -8.05
C ASN C 9 -1.19 5.91 -8.94
N CYS C 10 -1.07 4.60 -8.83
CA CYS C 10 -0.05 3.88 -9.68
C CYS C 10 -0.63 2.67 -10.44
N GLN C 11 -1.93 2.57 -10.55
CA GLN C 11 -2.55 1.44 -11.34
C GLN C 11 -2.09 0.04 -10.88
N THR C 12 -1.23 -0.08 -9.91
CA THR C 12 -0.83 -1.45 -9.49
C THR C 12 -2.08 -2.18 -8.96
N SER C 13 -2.14 -3.48 -9.08
CA SER C 13 -3.34 -4.25 -8.56
C SER C 13 -2.88 -5.32 -7.57
N THR C 14 -1.60 -5.36 -7.29
CA THR C 14 -1.05 -6.38 -6.34
C THR C 14 -0.79 -5.74 -4.97
N THR C 15 -1.75 -5.06 -4.44
CA THR C 15 -1.54 -4.36 -3.14
C THR C 15 -1.66 -5.32 -1.95
N THR C 16 -0.90 -5.07 -0.93
CA THR C 16 -1.00 -5.94 0.28
C THR C 16 -2.29 -5.57 1.01
N LEU C 17 -2.60 -4.29 1.07
CA LEU C 17 -3.86 -3.84 1.74
C LEU C 17 -4.41 -2.64 0.96
N TRP C 18 -5.67 -2.65 0.63
CA TRP C 18 -6.24 -1.51 -0.15
C TRP C 18 -6.52 -0.32 0.77
N ARG C 19 -6.07 0.84 0.37
CA ARG C 19 -6.26 2.08 1.18
C ARG C 19 -7.04 3.12 0.39
N ARG C 20 -8.04 3.74 0.96
CA ARG C 20 -8.79 4.79 0.21
C ARG C 20 -8.01 6.10 0.36
N SER C 21 -8.01 6.95 -0.64
CA SER C 21 -7.26 8.24 -0.54
C SER C 21 -8.20 9.35 -0.04
N PRO C 22 -7.66 10.46 0.44
CA PRO C 22 -8.51 11.58 0.93
C PRO C 22 -9.60 12.02 -0.07
N MET C 23 -9.40 11.77 -1.34
CA MET C 23 -10.42 12.18 -2.35
C MET C 23 -11.35 11.00 -2.63
N GLY C 24 -11.06 9.85 -2.07
CA GLY C 24 -11.91 8.66 -2.30
C GLY C 24 -11.39 7.88 -3.52
N ASP C 25 -10.12 7.98 -3.80
CA ASP C 25 -9.53 7.26 -4.98
C ASP C 25 -8.83 5.96 -4.50
N PRO C 26 -9.29 4.78 -4.87
CA PRO C 26 -8.61 3.53 -4.42
C PRO C 26 -7.09 3.56 -4.69
N VAL C 27 -6.29 3.40 -3.66
CA VAL C 27 -4.80 3.39 -3.85
C VAL C 27 -4.18 2.18 -3.16
N CYS C 28 -2.99 1.80 -3.55
CA CYS C 28 -2.33 0.63 -2.91
C CYS C 28 -1.69 1.09 -1.59
N ASN C 29 -1.53 0.19 -0.65
CA ASN C 29 -0.97 0.58 0.68
C ASN C 29 0.31 1.41 0.55
N ALA C 30 1.07 1.21 -0.48
CA ALA C 30 2.33 2.01 -0.61
C ALA C 30 2.01 3.46 -1.03
N CYS C 31 1.25 3.65 -2.09
CA CYS C 31 0.93 5.05 -2.53
C CYS C 31 0.25 5.81 -1.40
N GLY C 32 -0.68 5.21 -0.74
CA GLY C 32 -1.39 5.93 0.35
C GLY C 32 -0.38 6.45 1.37
N LEU C 33 0.50 5.60 1.83
CA LEU C 33 1.50 6.07 2.84
C LEU C 33 2.47 7.05 2.18
N TYR C 34 3.01 6.72 1.06
CA TYR C 34 3.96 7.63 0.39
C TYR C 34 3.28 8.97 0.07
N TYR C 35 2.12 8.90 -0.51
CA TYR C 35 1.38 10.14 -0.88
C TYR C 35 1.08 10.98 0.37
N LYS C 36 0.62 10.38 1.41
CA LYS C 36 0.29 11.17 2.62
C LYS C 36 1.54 11.88 3.13
N LEU C 37 2.66 11.22 3.12
CA LEU C 37 3.91 11.87 3.61
C LEU C 37 4.40 12.95 2.64
N HIS C 38 4.47 12.65 1.36
CA HIS C 38 5.00 13.66 0.38
C HIS C 38 3.88 14.26 -0.49
N GLN C 39 2.69 13.73 -0.47
CA GLN C 39 1.55 14.29 -1.27
C GLN C 39 1.99 14.65 -2.71
N VAL C 40 2.61 13.72 -3.37
CA VAL C 40 3.02 13.94 -4.79
C VAL C 40 2.96 12.61 -5.53
N ASN C 41 2.77 12.64 -6.82
CA ASN C 41 2.70 11.36 -7.59
C ASN C 41 4.14 10.94 -7.93
N ARG C 42 4.47 9.68 -7.77
CA ARG C 42 5.88 9.22 -8.04
C ARG C 42 5.87 8.07 -9.09
N PRO C 43 6.64 8.14 -10.17
CA PRO C 43 6.67 7.05 -11.19
C PRO C 43 6.67 5.63 -10.59
N LEU C 44 6.15 4.68 -11.33
CA LEU C 44 6.10 3.27 -10.84
C LEU C 44 7.52 2.71 -10.67
N THR C 45 8.53 3.39 -11.13
CA THR C 45 9.92 2.84 -10.98
C THR C 45 10.10 2.30 -9.56
N MET C 46 9.30 2.75 -8.65
CA MET C 46 9.43 2.29 -7.23
C MET C 46 8.81 0.88 -7.08
N ARG C 47 7.67 0.65 -7.67
CA ARG C 47 7.02 -0.69 -7.57
C ARG C 47 7.64 -1.66 -8.56
N LYS C 48 7.41 -2.93 -8.35
CA LYS C 48 7.99 -3.98 -9.25
C LYS C 48 6.86 -4.74 -9.96
N ASP C 49 7.15 -5.91 -10.45
CA ASP C 49 6.11 -6.74 -11.15
C ASP C 49 5.45 -7.68 -10.13
N GLY C 50 5.79 -7.57 -8.88
CA GLY C 50 5.16 -8.44 -7.84
C GLY C 50 5.21 -7.72 -6.49
N ILE C 51 4.71 -8.32 -5.44
CA ILE C 51 4.76 -7.65 -4.11
C ILE C 51 6.09 -8.00 -3.44
N GLN C 52 6.76 -7.02 -2.91
CA GLN C 52 8.07 -7.28 -2.23
C GLN C 52 7.82 -7.98 -0.89
N THR C 53 8.66 -8.91 -0.51
CA THR C 53 8.45 -9.62 0.79
C THR C 53 9.79 -9.78 1.51
N ARG C 54 9.74 -9.98 2.79
CA ARG C 54 10.99 -10.13 3.60
C ARG C 54 10.77 -11.10 4.75
N ASN C 55 11.84 -11.58 5.33
CA ASN C 55 11.72 -12.53 6.46
C ASN C 55 10.85 -11.88 7.54
N ARG C 56 9.99 -12.65 8.13
CA ARG C 56 9.08 -12.11 9.17
C ARG C 56 9.90 -11.49 10.31
N LYS C 57 9.68 -10.24 10.60
CA LYS C 57 10.45 -9.57 11.69
C LYS C 57 10.19 -10.27 13.02
N VAL C 58 10.69 -9.71 14.07
CA VAL C 58 10.49 -10.32 15.41
C VAL C 58 8.99 -10.44 15.69
N SER C 59 8.56 -11.55 16.21
CA SER C 59 7.10 -11.71 16.51
C SER C 59 6.81 -11.15 17.90
N SER C 60 6.09 -10.05 17.96
CA SER C 60 5.76 -9.42 19.27
C SER C 60 4.25 -9.54 19.52
N LYS C 61 3.74 -10.75 19.53
CA LYS C 61 2.29 -10.96 19.77
C LYS C 61 1.93 -10.49 21.18
N GLY C 62 2.77 -10.77 22.14
CA GLY C 62 2.47 -10.36 23.55
C GLY C 62 2.97 -8.94 23.81
N LYS C 63 2.40 -8.29 24.81
CA LYS C 63 2.80 -6.90 25.16
C LYS C 63 2.08 -6.50 26.44
N LYS C 64 1.51 -7.45 27.13
CA LYS C 64 0.75 -7.13 28.37
C LYS C 64 1.70 -6.53 29.41
N ARG C 65 2.89 -7.06 29.52
CA ARG C 65 3.85 -6.53 30.52
C ARG C 65 4.42 -5.20 30.02
N ARG C 66 4.65 -4.27 30.92
CA ARG C 66 5.20 -2.94 30.53
C ARG C 66 6.71 -2.94 30.73
ZN ZN D . -0.16 2.61 -5.86
N LYS C 1 -13.97 -5.46 -2.89
CA LYS C 1 -14.09 -5.19 -4.35
C LYS C 1 -12.70 -5.11 -4.96
N ARG C 2 -11.93 -6.15 -4.76
CA ARG C 2 -10.55 -6.22 -5.32
C ARG C 2 -10.62 -6.32 -6.86
N ALA C 3 -11.55 -7.07 -7.36
CA ALA C 3 -11.68 -7.24 -8.83
C ALA C 3 -11.68 -5.89 -9.55
N GLY C 4 -10.70 -5.66 -10.40
CA GLY C 4 -10.67 -4.38 -11.18
C GLY C 4 -10.01 -3.25 -10.37
N THR C 5 -9.80 -3.42 -9.11
CA THR C 5 -9.18 -2.31 -8.31
C THR C 5 -7.76 -2.03 -8.80
N VAL C 6 -7.53 -0.85 -9.32
CA VAL C 6 -6.15 -0.48 -9.80
C VAL C 6 -5.73 0.77 -9.03
N CYS C 7 -4.48 0.89 -8.66
CA CYS C 7 -4.06 2.09 -7.90
C CYS C 7 -4.29 3.35 -8.70
N SER C 8 -5.14 4.20 -8.21
CA SER C 8 -5.42 5.47 -8.92
C SER C 8 -4.13 6.28 -9.04
N ASN C 9 -3.32 6.30 -8.02
CA ASN C 9 -2.07 7.12 -8.09
C ASN C 9 -0.96 6.44 -8.90
N CYS C 10 -0.76 5.12 -8.82
CA CYS C 10 0.39 4.50 -9.61
C CYS C 10 -0.04 3.29 -10.47
N GLN C 11 -1.29 2.97 -10.55
CA GLN C 11 -1.72 1.83 -11.44
C GLN C 11 -1.01 0.51 -11.08
N THR C 12 -0.94 0.14 -9.83
CA THR C 12 -0.39 -1.20 -9.45
C THR C 12 -1.61 -2.07 -9.14
N SER C 13 -1.59 -3.37 -9.38
CA SER C 13 -2.81 -4.20 -9.02
C SER C 13 -2.40 -5.27 -8.01
N THR C 14 -1.19 -5.18 -7.49
CA THR C 14 -0.69 -6.18 -6.49
C THR C 14 -0.46 -5.50 -5.14
N THR C 15 -1.42 -4.76 -4.67
CA THR C 15 -1.23 -4.02 -3.38
C THR C 15 -1.36 -4.95 -2.18
N THR C 16 -0.68 -4.64 -1.11
CA THR C 16 -0.80 -5.48 0.11
C THR C 16 -2.10 -5.09 0.84
N LEU C 17 -2.39 -3.82 0.90
CA LEU C 17 -3.67 -3.36 1.56
C LEU C 17 -4.22 -2.18 0.75
N TRP C 18 -5.47 -2.20 0.42
CA TRP C 18 -6.05 -1.07 -0.38
C TRP C 18 -6.40 0.09 0.55
N ARG C 19 -5.98 1.30 0.21
CA ARG C 19 -6.28 2.49 1.07
C ARG C 19 -7.19 3.45 0.30
N ARG C 20 -8.36 3.74 0.76
CA ARG C 20 -9.19 4.72 0.01
C ARG C 20 -8.51 6.08 0.18
N SER C 21 -8.49 6.90 -0.84
CA SER C 21 -7.81 8.24 -0.71
C SER C 21 -8.81 9.31 -0.24
N PRO C 22 -8.33 10.41 0.31
CA PRO C 22 -9.25 11.49 0.80
C PRO C 22 -10.26 11.93 -0.28
N MET C 23 -9.95 11.67 -1.53
CA MET C 23 -10.88 12.08 -2.63
C MET C 23 -11.77 10.90 -3.02
N GLY C 24 -11.44 9.72 -2.57
CA GLY C 24 -12.26 8.52 -2.92
C GLY C 24 -11.67 7.82 -4.14
N ASP C 25 -10.38 7.96 -4.37
CA ASP C 25 -9.72 7.30 -5.54
C ASP C 25 -8.89 6.08 -5.02
N PRO C 26 -9.30 4.85 -5.29
CA PRO C 26 -8.51 3.67 -4.78
C PRO C 26 -6.99 3.78 -5.03
N VAL C 27 -6.20 3.57 -3.99
CA VAL C 27 -4.71 3.62 -4.13
C VAL C 27 -4.05 2.43 -3.42
N CYS C 28 -2.82 2.12 -3.74
CA CYS C 28 -2.13 0.96 -3.09
C CYS C 28 -1.53 1.34 -1.74
N ASN C 29 -1.37 0.36 -0.89
CA ASN C 29 -0.81 0.60 0.49
C ASN C 29 0.41 1.51 0.43
N ALA C 30 1.20 1.42 -0.59
CA ALA C 30 2.42 2.28 -0.64
C ALA C 30 2.03 3.74 -0.97
N CYS C 31 1.31 3.97 -2.05
CA CYS C 31 0.93 5.39 -2.39
C CYS C 31 0.19 6.02 -1.23
N GLY C 32 -0.72 5.33 -0.64
CA GLY C 32 -1.48 5.95 0.47
C GLY C 32 -0.51 6.50 1.52
N LEU C 33 0.43 5.71 1.93
CA LEU C 33 1.39 6.19 2.97
C LEU C 33 2.37 7.21 2.36
N TYR C 34 2.97 6.90 1.23
CA TYR C 34 3.92 7.86 0.62
C TYR C 34 3.18 9.16 0.29
N TYR C 35 2.05 9.05 -0.32
CA TYR C 35 1.27 10.26 -0.68
C TYR C 35 0.90 11.03 0.58
N LYS C 36 0.40 10.37 1.58
CA LYS C 36 0.01 11.09 2.81
C LYS C 36 1.22 11.80 3.43
N LEU C 37 2.35 11.15 3.47
CA LEU C 37 3.56 11.78 4.07
C LEU C 37 4.09 12.93 3.20
N HIS C 38 4.10 12.78 1.89
CA HIS C 38 4.67 13.86 1.01
C HIS C 38 3.62 14.47 0.07
N GLN C 39 2.39 14.02 0.11
CA GLN C 39 1.32 14.57 -0.78
C GLN C 39 1.82 14.95 -2.19
N VAL C 40 2.59 14.07 -2.80
CA VAL C 40 3.07 14.31 -4.20
C VAL C 40 3.04 12.96 -4.95
N ASN C 41 2.91 12.99 -6.25
CA ASN C 41 2.88 11.72 -7.04
C ASN C 41 4.30 11.27 -7.40
N ARG C 42 4.64 10.02 -7.17
CA ARG C 42 6.02 9.52 -7.49
C ARG C 42 6.00 8.65 -8.77
N PRO C 43 7.09 8.61 -9.53
CA PRO C 43 7.13 7.77 -10.79
C PRO C 43 6.91 6.27 -10.51
N LEU C 44 6.37 5.57 -11.48
CA LEU C 44 6.09 4.10 -11.31
C LEU C 44 7.39 3.29 -11.35
N THR C 45 8.50 3.89 -11.63
CA THR C 45 9.76 3.11 -11.70
C THR C 45 9.95 2.33 -10.39
N MET C 46 9.15 2.62 -9.41
CA MET C 46 9.28 1.92 -8.09
C MET C 46 8.38 0.68 -8.05
N ARG C 47 7.36 0.64 -8.88
CA ARG C 47 6.44 -0.55 -8.87
C ARG C 47 7.10 -1.73 -9.58
N LYS C 48 6.80 -2.94 -9.16
CA LYS C 48 7.39 -4.15 -9.82
C LYS C 48 6.35 -5.27 -9.89
N ASP C 49 6.59 -6.25 -10.71
CA ASP C 49 5.61 -7.37 -10.89
C ASP C 49 4.92 -7.77 -9.57
N GLY C 50 5.43 -8.77 -8.90
CA GLY C 50 4.79 -9.23 -7.64
C GLY C 50 5.00 -8.23 -6.50
N ILE C 51 4.64 -8.60 -5.30
CA ILE C 51 4.80 -7.69 -4.13
C ILE C 51 6.16 -7.93 -3.47
N GLN C 52 6.75 -6.90 -2.92
CA GLN C 52 8.08 -7.03 -2.26
C GLN C 52 7.92 -7.75 -0.91
N THR C 53 8.87 -8.57 -0.54
CA THR C 53 8.76 -9.28 0.77
C THR C 53 10.11 -9.30 1.48
N ARG C 54 10.08 -9.38 2.77
CA ARG C 54 11.33 -9.40 3.59
C ARG C 54 11.12 -10.26 4.83
N ASN C 55 12.19 -10.68 5.46
CA ASN C 55 12.05 -11.50 6.68
C ASN C 55 11.16 -10.76 7.67
N ARG C 56 10.28 -11.46 8.34
CA ARG C 56 9.37 -10.79 9.32
C ARG C 56 10.18 -10.27 10.51
N LYS C 57 9.93 -9.07 10.92
CA LYS C 57 10.68 -8.51 12.08
C LYS C 57 10.55 -9.45 13.28
N VAL C 58 11.00 -9.01 14.43
CA VAL C 58 10.89 -9.88 15.64
C VAL C 58 9.42 -10.15 15.92
N SER C 59 9.06 -11.34 16.28
CA SER C 59 7.64 -11.64 16.57
C SER C 59 7.33 -11.22 18.00
N SER C 60 6.28 -10.46 18.21
CA SER C 60 5.92 -10.02 19.59
C SER C 60 4.42 -10.15 19.81
N LYS C 61 4.02 -10.87 20.82
CA LYS C 61 2.56 -11.06 21.12
C LYS C 61 2.24 -10.31 22.42
N GLY C 62 1.19 -9.54 22.43
CA GLY C 62 0.84 -8.78 23.67
C GLY C 62 0.87 -9.73 24.88
N LYS C 63 1.94 -9.73 25.62
CA LYS C 63 2.01 -10.62 26.81
C LYS C 63 1.01 -10.13 27.85
N LYS C 64 0.85 -8.85 27.97
CA LYS C 64 -0.12 -8.29 28.96
C LYS C 64 -0.71 -7.00 28.38
N ARG C 65 -1.94 -6.70 28.71
CA ARG C 65 -2.55 -5.45 28.17
C ARG C 65 -3.76 -5.06 29.05
N ARG C 66 -3.94 -3.80 29.28
CA ARG C 66 -5.09 -3.36 30.12
C ARG C 66 -5.42 -1.90 29.77
ZN ZN D . 0.06 3.06 -5.87
N LYS C 1 -13.99 -6.69 -3.64
CA LYS C 1 -13.59 -5.26 -3.72
C LYS C 1 -12.21 -5.15 -4.37
N ARG C 2 -11.54 -6.26 -4.56
CA ARG C 2 -10.18 -6.23 -5.20
C ARG C 2 -10.34 -6.43 -6.72
N ALA C 3 -11.52 -6.77 -7.14
CA ALA C 3 -11.77 -7.00 -8.60
C ALA C 3 -11.77 -5.68 -9.37
N GLY C 4 -10.87 -5.52 -10.31
CA GLY C 4 -10.82 -4.27 -11.12
C GLY C 4 -10.10 -3.16 -10.36
N THR C 5 -9.86 -3.35 -9.09
CA THR C 5 -9.17 -2.28 -8.31
C THR C 5 -7.77 -2.01 -8.85
N VAL C 6 -7.52 -0.79 -9.28
CA VAL C 6 -6.17 -0.41 -9.80
C VAL C 6 -5.68 0.77 -8.94
N CYS C 7 -4.43 0.83 -8.61
CA CYS C 7 -3.95 1.96 -7.78
C CYS C 7 -4.04 3.28 -8.53
N SER C 8 -4.83 4.19 -8.04
CA SER C 8 -5.00 5.50 -8.70
C SER C 8 -3.64 6.22 -8.78
N ASN C 9 -2.84 6.14 -7.74
CA ASN C 9 -1.54 6.88 -7.77
C ASN C 9 -0.48 6.19 -8.64
N CYS C 10 -0.37 4.87 -8.65
CA CYS C 10 0.70 4.23 -9.50
C CYS C 10 0.13 3.12 -10.39
N GLN C 11 -1.16 3.05 -10.55
CA GLN C 11 -1.76 2.02 -11.46
C GLN C 11 -1.39 0.59 -11.10
N THR C 12 -0.63 0.35 -10.06
CA THR C 12 -0.29 -1.06 -9.74
C THR C 12 -1.58 -1.82 -9.38
N SER C 13 -1.63 -3.10 -9.65
CA SER C 13 -2.88 -3.90 -9.32
C SER C 13 -2.57 -4.87 -8.17
N THR C 14 -1.33 -4.91 -7.76
CA THR C 14 -0.92 -5.80 -6.63
C THR C 14 -0.65 -4.93 -5.40
N THR C 15 -1.34 -5.16 -4.32
CA THR C 15 -1.12 -4.33 -3.10
C THR C 15 -1.30 -5.17 -1.85
N THR C 16 -0.60 -4.85 -0.79
CA THR C 16 -0.79 -5.62 0.46
C THR C 16 -2.12 -5.19 1.07
N LEU C 17 -2.43 -3.92 1.02
CA LEU C 17 -3.74 -3.43 1.58
C LEU C 17 -4.22 -2.25 0.72
N TRP C 18 -5.46 -2.26 0.31
CA TRP C 18 -5.99 -1.14 -0.52
C TRP C 18 -6.40 0.01 0.40
N ARG C 19 -5.94 1.22 0.11
CA ARG C 19 -6.32 2.39 0.97
C ARG C 19 -7.21 3.35 0.17
N ARG C 20 -8.42 3.59 0.61
CA ARG C 20 -9.29 4.52 -0.17
C ARG C 20 -9.04 5.96 0.30
N SER C 21 -8.06 6.64 -0.27
CA SER C 21 -7.72 8.04 0.14
C SER C 21 -8.99 8.82 0.56
N PRO C 22 -8.84 9.88 1.34
CA PRO C 22 -10.02 10.66 1.81
C PRO C 22 -10.87 11.21 0.66
N MET C 23 -10.42 11.03 -0.56
CA MET C 23 -11.21 11.54 -1.73
C MET C 23 -12.05 10.38 -2.29
N GLY C 24 -11.72 9.18 -1.90
CA GLY C 24 -12.50 8.00 -2.39
C GLY C 24 -11.83 7.41 -3.63
N ASP C 25 -10.55 7.63 -3.80
CA ASP C 25 -9.82 7.06 -4.98
C ASP C 25 -9.00 5.85 -4.52
N PRO C 26 -9.04 4.73 -5.23
CA PRO C 26 -8.24 3.54 -4.81
C PRO C 26 -6.72 3.72 -5.00
N VAL C 27 -5.95 3.37 -3.99
CA VAL C 27 -4.44 3.46 -4.11
C VAL C 27 -3.81 2.23 -3.44
N CYS C 28 -2.57 1.91 -3.76
CA CYS C 28 -1.94 0.72 -3.11
C CYS C 28 -1.37 1.14 -1.74
N ASN C 29 -1.24 0.21 -0.84
CA ASN C 29 -0.74 0.55 0.53
C ASN C 29 0.54 1.38 0.45
N ALA C 30 1.36 1.16 -0.53
CA ALA C 30 2.61 1.96 -0.61
C ALA C 30 2.28 3.42 -0.96
N CYS C 31 1.56 3.66 -2.02
CA CYS C 31 1.22 5.07 -2.40
C CYS C 31 0.48 5.74 -1.25
N GLY C 32 -0.48 5.08 -0.68
CA GLY C 32 -1.25 5.71 0.41
C GLY C 32 -0.30 6.26 1.48
N LEU C 33 0.62 5.46 1.93
CA LEU C 33 1.56 5.92 2.98
C LEU C 33 2.49 7.00 2.43
N TYR C 34 3.10 6.78 1.31
CA TYR C 34 4.01 7.81 0.73
C TYR C 34 3.22 9.09 0.46
N TYR C 35 2.04 8.95 -0.07
CA TYR C 35 1.19 10.13 -0.39
C TYR C 35 0.81 10.87 0.90
N LYS C 36 0.33 10.17 1.88
CA LYS C 36 -0.08 10.86 3.15
C LYS C 36 1.12 11.59 3.77
N LEU C 37 2.28 11.02 3.77
CA LEU C 37 3.44 11.73 4.36
C LEU C 37 3.62 13.05 3.61
N HIS C 38 3.66 13.01 2.30
CA HIS C 38 3.81 14.26 1.51
C HIS C 38 2.43 14.65 0.96
N GLN C 39 1.96 13.89 0.00
CA GLN C 39 0.60 14.12 -0.67
C GLN C 39 0.84 14.59 -2.10
N VAL C 40 1.55 13.79 -2.87
CA VAL C 40 1.83 14.12 -4.28
C VAL C 40 2.00 12.81 -5.05
N ASN C 41 1.86 12.83 -6.34
CA ASN C 41 2.02 11.56 -7.12
C ASN C 41 3.51 11.22 -7.23
N ARG C 42 3.86 9.95 -7.35
CA ARG C 42 5.30 9.55 -7.44
C ARG C 42 5.53 8.72 -8.73
N PRO C 43 6.72 8.74 -9.31
CA PRO C 43 6.98 7.92 -10.54
C PRO C 43 6.83 6.41 -10.29
N LEU C 44 6.44 5.66 -11.30
CA LEU C 44 6.26 4.18 -11.13
C LEU C 44 7.60 3.49 -10.91
N THR C 45 8.61 4.22 -10.53
CA THR C 45 9.93 3.60 -10.29
C THR C 45 9.82 2.66 -9.08
N MET C 46 8.76 2.81 -8.31
CA MET C 46 8.56 1.94 -7.11
C MET C 46 7.59 0.82 -7.45
N ARG C 47 7.03 0.85 -8.62
CA ARG C 47 6.03 -0.18 -9.02
C ARG C 47 6.75 -1.46 -9.47
N LYS C 48 6.40 -2.57 -8.87
CA LYS C 48 7.01 -3.89 -9.26
C LYS C 48 5.86 -4.85 -9.54
N ASP C 49 6.02 -5.76 -10.47
CA ASP C 49 4.91 -6.71 -10.80
C ASP C 49 4.25 -7.22 -9.51
N GLY C 50 4.79 -8.25 -8.92
CA GLY C 50 4.19 -8.80 -7.67
C GLY C 50 4.56 -7.93 -6.47
N ILE C 51 4.27 -8.41 -5.28
CA ILE C 51 4.59 -7.64 -4.05
C ILE C 51 5.96 -8.06 -3.51
N GLN C 52 6.74 -7.12 -3.04
CA GLN C 52 8.08 -7.47 -2.48
C GLN C 52 7.88 -8.08 -1.10
N THR C 53 8.81 -8.88 -0.63
CA THR C 53 8.66 -9.51 0.72
C THR C 53 9.98 -9.48 1.48
N ARG C 54 9.91 -9.59 2.77
CA ARG C 54 11.13 -9.57 3.61
C ARG C 54 10.88 -10.40 4.88
N ASN C 55 11.90 -10.71 5.63
CA ASN C 55 11.68 -11.49 6.87
C ASN C 55 10.61 -10.79 7.70
N ARG C 56 9.73 -11.55 8.28
CA ARG C 56 8.61 -10.96 9.07
C ARG C 56 9.09 -10.37 10.41
N LYS C 57 8.59 -9.21 10.74
CA LYS C 57 8.97 -8.55 12.02
C LYS C 57 8.94 -9.59 13.16
N VAL C 58 9.64 -9.35 14.24
CA VAL C 58 9.61 -10.34 15.37
C VAL C 58 8.15 -10.65 15.69
N SER C 59 7.81 -11.89 15.93
CA SER C 59 6.39 -12.22 16.20
C SER C 59 6.01 -11.69 17.60
N SER C 60 4.82 -11.16 17.74
CA SER C 60 4.40 -10.64 19.07
C SER C 60 2.88 -10.77 19.24
N LYS C 61 2.42 -11.11 20.42
CA LYS C 61 0.95 -11.25 20.67
C LYS C 61 0.53 -10.26 21.76
N GLY C 62 -0.57 -9.57 21.57
CA GLY C 62 -1.03 -8.59 22.60
C GLY C 62 -2.09 -9.23 23.49
N LYS C 63 -2.35 -10.51 23.33
CA LYS C 63 -3.38 -11.19 24.16
C LYS C 63 -2.96 -11.18 25.64
N LYS C 64 -1.71 -11.39 25.92
CA LYS C 64 -1.24 -11.42 27.34
C LYS C 64 0.07 -10.65 27.48
N ARG C 65 1.18 -11.24 27.12
CA ARG C 65 2.48 -10.52 27.25
C ARG C 65 2.71 -9.71 25.97
N ARG C 66 3.34 -8.58 26.07
CA ARG C 66 3.59 -7.75 24.85
C ARG C 66 4.29 -8.60 23.80
ZN ZN D . 0.30 2.77 -5.87
N LYS C 1 -14.84 -3.61 -2.89
CA LYS C 1 -14.90 -3.89 -4.34
C LYS C 1 -13.47 -3.96 -4.90
N ARG C 2 -12.74 -4.98 -4.52
CA ARG C 2 -11.35 -5.13 -5.03
C ARG C 2 -11.41 -5.39 -6.53
N ALA C 3 -12.41 -6.11 -6.96
CA ALA C 3 -12.56 -6.41 -8.41
C ALA C 3 -12.45 -5.13 -9.25
N GLY C 4 -11.47 -5.04 -10.12
CA GLY C 4 -11.34 -3.83 -10.98
C GLY C 4 -10.56 -2.72 -10.26
N THR C 5 -10.31 -2.88 -8.99
CA THR C 5 -9.57 -1.81 -8.26
C THR C 5 -8.12 -1.74 -8.73
N VAL C 6 -7.75 -0.64 -9.34
CA VAL C 6 -6.35 -0.44 -9.81
C VAL C 6 -5.80 0.77 -9.07
N CYS C 7 -4.57 0.76 -8.68
CA CYS C 7 -4.03 1.91 -7.93
C CYS C 7 -4.13 3.19 -8.75
N SER C 8 -4.85 4.14 -8.24
CA SER C 8 -4.99 5.43 -8.96
C SER C 8 -3.62 6.06 -9.11
N ASN C 9 -2.78 5.99 -8.10
CA ASN C 9 -1.45 6.64 -8.21
C ASN C 9 -0.49 5.83 -9.10
N CYS C 10 -0.49 4.50 -9.04
CA CYS C 10 0.49 3.74 -9.90
C CYS C 10 -0.17 2.60 -10.70
N GLN C 11 -1.48 2.52 -10.74
CA GLN C 11 -2.19 1.48 -11.57
C GLN C 11 -1.88 0.02 -11.18
N THR C 12 -1.13 -0.23 -10.15
CA THR C 12 -0.86 -1.66 -9.79
C THR C 12 -2.19 -2.32 -9.36
N SER C 13 -2.26 -3.64 -9.32
CA SER C 13 -3.55 -4.31 -8.88
C SER C 13 -3.21 -5.45 -7.90
N THR C 14 -2.01 -5.45 -7.38
CA THR C 14 -1.57 -6.51 -6.41
C THR C 14 -1.20 -5.85 -5.10
N THR C 15 -2.02 -5.00 -4.61
CA THR C 15 -1.71 -4.24 -3.36
C THR C 15 -1.83 -5.11 -2.10
N THR C 16 -1.05 -4.82 -1.10
CA THR C 16 -1.16 -5.58 0.17
C THR C 16 -2.43 -5.11 0.89
N LEU C 17 -2.66 -3.82 0.91
CA LEU C 17 -3.90 -3.29 1.56
C LEU C 17 -4.37 -2.08 0.74
N TRP C 18 -5.64 -2.04 0.39
CA TRP C 18 -6.15 -0.89 -0.41
C TRP C 18 -6.41 0.31 0.50
N ARG C 19 -5.90 1.47 0.13
CA ARG C 19 -6.10 2.70 0.97
C ARG C 19 -6.89 3.73 0.16
N ARG C 20 -8.01 4.19 0.61
CA ARG C 20 -8.72 5.23 -0.21
C ARG C 20 -7.91 6.53 -0.09
N SER C 21 -7.82 7.28 -1.15
CA SER C 21 -7.05 8.56 -1.10
C SER C 21 -8.00 9.70 -0.70
N PRO C 22 -7.48 10.78 -0.15
CA PRO C 22 -8.34 11.92 0.25
C PRO C 22 -9.32 12.36 -0.85
N MET C 23 -9.03 12.07 -2.10
CA MET C 23 -9.94 12.48 -3.21
C MET C 23 -10.93 11.34 -3.51
N GLY C 24 -10.71 10.19 -2.94
CA GLY C 24 -11.63 9.03 -3.19
C GLY C 24 -11.07 8.21 -4.36
N ASP C 25 -9.79 8.32 -4.61
CA ASP C 25 -9.16 7.56 -5.72
C ASP C 25 -8.42 6.33 -5.14
N PRO C 26 -8.85 5.11 -5.40
CA PRO C 26 -8.14 3.91 -4.85
C PRO C 26 -6.62 3.94 -5.10
N VAL C 27 -5.85 3.55 -4.11
CA VAL C 27 -4.36 3.51 -4.27
C VAL C 27 -3.79 2.25 -3.60
N CYS C 28 -2.60 1.86 -3.94
CA CYS C 28 -2.01 0.65 -3.28
C CYS C 28 -1.38 1.04 -1.95
N ASN C 29 -1.30 0.10 -1.05
CA ASN C 29 -0.74 0.37 0.31
C ASN C 29 0.52 1.24 0.26
N ALA C 30 1.40 1.02 -0.67
CA ALA C 30 2.65 1.84 -0.70
C ALA C 30 2.37 3.29 -1.16
N CYS C 31 1.66 3.48 -2.24
CA CYS C 31 1.40 4.88 -2.72
C CYS C 31 0.70 5.70 -1.64
N GLY C 32 -0.27 5.13 -0.98
CA GLY C 32 -1.00 5.91 0.05
C GLY C 32 -0.03 6.46 1.08
N LEU C 33 0.83 5.63 1.61
CA LEU C 33 1.79 6.11 2.63
C LEU C 33 2.78 7.10 2.00
N TYR C 34 3.36 6.75 0.89
CA TYR C 34 4.33 7.69 0.25
C TYR C 34 3.62 9.00 -0.06
N TYR C 35 2.40 8.92 -0.51
CA TYR C 35 1.65 10.14 -0.87
C TYR C 35 1.31 10.98 0.36
N LYS C 36 0.76 10.41 1.39
CA LYS C 36 0.41 11.24 2.58
C LYS C 36 1.68 11.89 3.16
N LEU C 37 2.78 11.18 3.19
CA LEU C 37 4.05 11.75 3.74
C LEU C 37 4.56 12.93 2.88
N HIS C 38 4.52 12.82 1.58
CA HIS C 38 5.06 13.92 0.71
C HIS C 38 3.99 14.47 -0.25
N GLN C 39 2.82 13.91 -0.27
CA GLN C 39 1.73 14.41 -1.15
C GLN C 39 2.27 14.77 -2.56
N VAL C 40 2.88 13.82 -3.22
CA VAL C 40 3.39 14.04 -4.59
C VAL C 40 3.33 12.71 -5.34
N ASN C 41 3.22 12.74 -6.64
CA ASN C 41 3.15 11.46 -7.42
C ASN C 41 4.56 10.96 -7.76
N ARG C 42 4.84 9.70 -7.48
CA ARG C 42 6.20 9.13 -7.78
C ARG C 42 6.12 8.23 -9.04
N PRO C 43 7.01 8.35 -10.01
CA PRO C 43 6.95 7.48 -11.25
C PRO C 43 6.76 5.98 -10.95
N LEU C 44 6.16 5.27 -11.86
CA LEU C 44 5.92 3.80 -11.69
C LEU C 44 7.26 3.06 -11.55
N THR C 45 8.35 3.76 -11.48
CA THR C 45 9.66 3.08 -11.34
C THR C 45 9.66 2.27 -10.03
N MET C 46 8.72 2.54 -9.16
CA MET C 46 8.65 1.82 -7.85
C MET C 46 7.60 0.70 -7.94
N ARG C 47 6.86 0.67 -9.01
CA ARG C 47 5.80 -0.38 -9.16
C ARG C 47 6.42 -1.72 -9.58
N LYS C 48 6.04 -2.78 -8.91
CA LYS C 48 6.55 -4.15 -9.26
C LYS C 48 5.36 -5.06 -9.55
N ASP C 49 5.47 -5.92 -10.54
CA ASP C 49 4.32 -6.83 -10.88
C ASP C 49 3.73 -7.42 -9.60
N GLY C 50 4.27 -8.51 -9.13
CA GLY C 50 3.74 -9.15 -7.90
C GLY C 50 4.10 -8.29 -6.69
N ILE C 51 3.80 -8.75 -5.50
CA ILE C 51 4.13 -7.96 -4.29
C ILE C 51 5.52 -8.32 -3.78
N GLN C 52 6.23 -7.35 -3.31
CA GLN C 52 7.60 -7.58 -2.78
C GLN C 52 7.48 -8.15 -1.36
N THR C 53 8.46 -8.89 -0.91
CA THR C 53 8.37 -9.47 0.47
C THR C 53 9.74 -9.49 1.15
N ARG C 54 9.72 -9.68 2.44
CA ARG C 54 10.98 -9.73 3.24
C ARG C 54 10.78 -10.67 4.43
N ASN C 55 11.84 -11.10 5.05
CA ASN C 55 11.70 -12.01 6.22
C ASN C 55 10.88 -11.30 7.30
N ARG C 56 9.98 -12.02 7.94
CA ARG C 56 9.13 -11.39 9.00
C ARG C 56 9.99 -10.91 10.16
N LYS C 57 9.82 -9.69 10.59
CA LYS C 57 10.62 -9.18 11.72
C LYS C 57 10.40 -10.05 12.95
N VAL C 58 10.94 -9.65 14.07
CA VAL C 58 10.75 -10.46 15.31
C VAL C 58 9.24 -10.61 15.56
N SER C 59 8.81 -11.75 16.03
CA SER C 59 7.36 -11.94 16.28
C SER C 59 6.96 -11.29 17.60
N SER C 60 6.10 -10.31 17.56
CA SER C 60 5.68 -9.63 18.81
C SER C 60 4.35 -8.91 18.59
N LYS C 61 3.57 -8.78 19.63
CA LYS C 61 2.27 -8.08 19.50
C LYS C 61 2.51 -6.58 19.57
N GLY C 62 1.73 -5.79 18.87
CA GLY C 62 1.92 -4.31 18.91
C GLY C 62 1.13 -3.75 20.09
N LYS C 63 1.79 -3.04 20.98
CA LYS C 63 1.09 -2.46 22.16
C LYS C 63 0.79 -0.98 21.91
N LYS C 64 -0.46 -0.62 21.72
CA LYS C 64 -0.80 0.81 21.47
C LYS C 64 -0.52 1.62 22.74
N ARG C 65 -0.77 1.05 23.88
CA ARG C 65 -0.52 1.77 25.15
C ARG C 65 0.95 2.17 25.23
N ARG C 66 1.23 3.33 25.78
CA ARG C 66 2.64 3.79 25.89
C ARG C 66 2.91 4.23 27.35
ZN ZN D . 0.31 2.48 -6.14
N LYS C 1 -14.56 -3.81 -2.44
CA LYS C 1 -14.70 -4.35 -3.82
C LYS C 1 -13.32 -4.50 -4.46
N ARG C 2 -12.63 -5.56 -4.14
CA ARG C 2 -11.28 -5.79 -4.70
C ARG C 2 -11.38 -5.99 -6.22
N ALA C 3 -12.39 -6.67 -6.66
CA ALA C 3 -12.58 -6.92 -8.11
C ALA C 3 -12.53 -5.62 -8.92
N GLY C 4 -11.60 -5.49 -9.83
CA GLY C 4 -11.51 -4.27 -10.66
C GLY C 4 -10.72 -3.17 -9.95
N THR C 5 -10.39 -3.38 -8.70
CA THR C 5 -9.64 -2.32 -7.97
C THR C 5 -8.24 -2.13 -8.56
N VAL C 6 -7.98 -0.96 -9.07
CA VAL C 6 -6.63 -0.64 -9.61
C VAL C 6 -6.14 0.55 -8.80
N CYS C 7 -4.90 0.61 -8.46
CA CYS C 7 -4.42 1.76 -7.67
C CYS C 7 -4.57 3.03 -8.50
N SER C 8 -5.37 3.94 -8.03
CA SER C 8 -5.57 5.19 -8.79
C SER C 8 -4.25 5.94 -8.93
N ASN C 9 -3.43 5.97 -7.90
CA ASN C 9 -2.16 6.73 -8.01
C ASN C 9 -1.14 6.01 -8.90
N CYS C 10 -1.02 4.68 -8.83
CA CYS C 10 0.02 4.00 -9.67
C CYS C 10 -0.57 2.83 -10.48
N GLN C 11 -1.86 2.74 -10.59
CA GLN C 11 -2.49 1.66 -11.41
C GLN C 11 -2.02 0.25 -10.99
N THR C 12 -1.17 0.10 -10.03
CA THR C 12 -0.78 -1.29 -9.65
C THR C 12 -2.04 -2.06 -9.22
N SER C 13 -2.13 -3.34 -9.51
CA SER C 13 -3.36 -4.12 -9.09
C SER C 13 -2.95 -5.07 -7.96
N THR C 14 -1.68 -5.14 -7.68
CA THR C 14 -1.19 -6.01 -6.58
C THR C 14 -0.90 -5.10 -5.38
N THR C 15 -1.55 -5.33 -4.28
CA THR C 15 -1.31 -4.48 -3.07
C THR C 15 -1.42 -5.33 -1.83
N THR C 16 -0.67 -5.03 -0.81
CA THR C 16 -0.79 -5.85 0.42
C THR C 16 -2.12 -5.45 1.08
N LEU C 17 -2.44 -4.18 1.08
CA LEU C 17 -3.74 -3.72 1.68
C LEU C 17 -4.28 -2.56 0.83
N TRP C 18 -5.53 -2.60 0.46
CA TRP C 18 -6.11 -1.49 -0.36
C TRP C 18 -6.46 -0.30 0.55
N ARG C 19 -6.04 0.90 0.17
CA ARG C 19 -6.34 2.11 1.00
C ARG C 19 -7.32 3.02 0.24
N ARG C 20 -7.69 4.13 0.84
CA ARG C 20 -8.61 5.10 0.16
C ARG C 20 -7.97 6.49 0.28
N SER C 21 -8.05 7.31 -0.75
CA SER C 21 -7.44 8.67 -0.66
C SER C 21 -8.52 9.68 -0.18
N PRO C 22 -8.10 10.82 0.34
CA PRO C 22 -9.09 11.83 0.83
C PRO C 22 -10.12 12.20 -0.25
N MET C 23 -9.86 11.83 -1.49
CA MET C 23 -10.81 12.15 -2.59
C MET C 23 -11.69 10.93 -2.89
N GLY C 24 -11.37 9.79 -2.34
CA GLY C 24 -12.17 8.57 -2.58
C GLY C 24 -11.62 7.80 -3.78
N ASP C 25 -10.35 7.93 -4.04
CA ASP C 25 -9.71 7.22 -5.19
C ASP C 25 -8.93 5.99 -4.67
N PRO C 26 -9.34 4.77 -4.99
CA PRO C 26 -8.60 3.57 -4.48
C PRO C 26 -7.08 3.68 -4.72
N VAL C 27 -6.30 3.30 -3.72
CA VAL C 27 -4.80 3.37 -3.87
C VAL C 27 -4.15 2.14 -3.22
N CYS C 28 -2.92 1.82 -3.57
CA CYS C 28 -2.25 0.64 -2.94
C CYS C 28 -1.60 1.05 -1.62
N ASN C 29 -1.42 0.11 -0.72
CA ASN C 29 -0.84 0.41 0.63
C ASN C 29 0.38 1.33 0.52
N ALA C 30 1.16 1.19 -0.50
CA ALA C 30 2.35 2.07 -0.64
C ALA C 30 1.97 3.50 -1.06
N CYS C 31 1.18 3.65 -2.10
CA CYS C 31 0.82 5.04 -2.55
C CYS C 31 0.15 5.81 -1.42
N GLY C 32 -0.71 5.19 -0.69
CA GLY C 32 -1.41 5.93 0.38
C GLY C 32 -0.42 6.49 1.39
N LEU C 33 0.48 5.69 1.88
CA LEU C 33 1.46 6.21 2.87
C LEU C 33 2.41 7.19 2.19
N TYR C 34 2.92 6.84 1.04
CA TYR C 34 3.85 7.77 0.34
C TYR C 34 3.13 9.08 0.06
N TYR C 35 1.96 9.00 -0.49
CA TYR C 35 1.20 10.23 -0.81
C TYR C 35 0.83 10.99 0.47
N LYS C 36 0.33 10.33 1.45
CA LYS C 36 -0.06 11.04 2.70
C LYS C 36 1.16 11.73 3.30
N LEU C 37 2.28 11.07 3.31
CA LEU C 37 3.50 11.68 3.91
C LEU C 37 4.04 12.84 3.04
N HIS C 38 4.02 12.72 1.73
CA HIS C 38 4.58 13.83 0.86
C HIS C 38 3.54 14.38 -0.12
N GLN C 39 2.31 13.95 -0.04
CA GLN C 39 1.22 14.45 -0.97
C GLN C 39 1.73 14.86 -2.35
N VAL C 40 2.52 14.02 -2.97
CA VAL C 40 3.04 14.31 -4.34
C VAL C 40 3.05 13.02 -5.15
N ASN C 41 2.90 13.12 -6.44
CA ASN C 41 2.93 11.90 -7.29
C ASN C 41 4.40 11.57 -7.60
N ARG C 42 4.79 10.32 -7.49
CA ARG C 42 6.22 9.95 -7.76
C ARG C 42 6.29 8.93 -8.92
N PRO C 43 7.36 8.91 -9.70
CA PRO C 43 7.48 7.94 -10.84
C PRO C 43 7.02 6.52 -10.47
N LEU C 44 6.57 5.78 -11.44
CA LEU C 44 6.11 4.38 -11.17
C LEU C 44 7.31 3.44 -11.13
N THR C 45 8.49 3.97 -11.23
CA THR C 45 9.70 3.12 -11.22
C THR C 45 9.70 2.26 -9.95
N MET C 46 8.77 2.48 -9.06
CA MET C 46 8.72 1.68 -7.79
C MET C 46 7.84 0.43 -7.97
N ARG C 47 7.00 0.40 -8.97
CA ARG C 47 6.11 -0.79 -9.17
C ARG C 47 6.86 -1.93 -9.86
N LYS C 48 6.64 -3.13 -9.38
CA LYS C 48 7.27 -4.34 -9.98
C LYS C 48 6.16 -5.36 -10.26
N ASP C 49 6.34 -6.21 -11.24
CA ASP C 49 5.28 -7.20 -11.59
C ASP C 49 4.80 -8.02 -10.37
N GLY C 50 5.29 -7.73 -9.18
CA GLY C 50 4.83 -8.52 -7.99
C GLY C 50 4.97 -7.68 -6.72
N ILE C 51 4.52 -8.19 -5.60
CA ILE C 51 4.66 -7.43 -4.32
C ILE C 51 6.04 -7.75 -3.74
N GLN C 52 6.76 -6.75 -3.29
CA GLN C 52 8.10 -7.01 -2.70
C GLN C 52 7.91 -7.72 -1.35
N THR C 53 8.83 -8.56 -0.97
CA THR C 53 8.67 -9.28 0.35
C THR C 53 10.01 -9.33 1.08
N ARG C 54 9.93 -9.46 2.37
CA ARG C 54 11.16 -9.52 3.22
C ARG C 54 10.87 -10.34 4.48
N ASN C 55 11.89 -10.73 5.17
CA ASN C 55 11.68 -11.54 6.40
C ASN C 55 10.68 -10.81 7.30
N ARG C 56 9.79 -11.53 7.90
CA ARG C 56 8.74 -10.92 8.75
C ARG C 56 9.32 -10.18 9.96
N LYS C 57 8.90 -8.96 10.15
CA LYS C 57 9.38 -8.15 11.31
C LYS C 57 9.40 -9.01 12.58
N VAL C 58 10.11 -8.59 13.59
CA VAL C 58 10.13 -9.37 14.86
C VAL C 58 8.70 -9.47 15.38
N SER C 59 8.34 -10.55 16.02
CA SER C 59 6.95 -10.67 16.54
C SER C 59 6.88 -10.00 17.92
N SER C 60 6.21 -8.87 18.02
CA SER C 60 6.12 -8.16 19.33
C SER C 60 4.64 -7.87 19.66
N LYS C 61 4.23 -8.12 20.86
CA LYS C 61 2.80 -7.85 21.24
C LYS C 61 2.69 -6.40 21.75
N GLY C 62 1.79 -5.64 21.20
CA GLY C 62 1.64 -4.22 21.64
C GLY C 62 0.89 -4.14 22.97
N LYS C 63 0.91 -5.18 23.76
CA LYS C 63 0.19 -5.13 25.07
C LYS C 63 0.84 -6.12 26.03
N LYS C 64 2.12 -5.96 26.29
CA LYS C 64 2.82 -6.89 27.23
C LYS C 64 2.33 -6.65 28.66
N ARG C 65 2.13 -5.41 29.03
CA ARG C 65 1.66 -5.09 30.41
C ARG C 65 0.71 -3.89 30.34
N ARG C 66 -0.35 -3.92 31.10
CA ARG C 66 -1.31 -2.78 31.08
C ARG C 66 -0.73 -1.61 31.88
ZN ZN D . -0.18 2.62 -5.92
N LYS C 1 -13.01 -9.82 -4.75
CA LYS C 1 -11.61 -9.83 -5.25
C LYS C 1 -11.20 -8.42 -5.64
N ARG C 2 -9.97 -8.22 -6.04
CA ARG C 2 -9.50 -6.86 -6.41
C ARG C 2 -9.77 -6.64 -7.91
N ALA C 3 -10.87 -7.16 -8.39
CA ALA C 3 -11.18 -7.01 -9.85
C ALA C 3 -11.40 -5.54 -10.22
N GLY C 4 -10.64 -5.05 -11.18
CA GLY C 4 -10.83 -3.64 -11.64
C GLY C 4 -10.11 -2.63 -10.74
N THR C 5 -9.84 -2.97 -9.51
CA THR C 5 -9.17 -1.97 -8.62
C THR C 5 -7.73 -1.72 -9.08
N VAL C 6 -7.46 -0.52 -9.53
CA VAL C 6 -6.08 -0.14 -9.96
C VAL C 6 -5.65 1.01 -9.07
N CYS C 7 -4.42 1.05 -8.65
CA CYS C 7 -3.98 2.15 -7.77
C CYS C 7 -4.08 3.49 -8.49
N SER C 8 -4.88 4.37 -7.96
CA SER C 8 -5.03 5.70 -8.60
C SER C 8 -3.67 6.43 -8.65
N ASN C 9 -2.88 6.32 -7.61
CA ASN C 9 -1.58 7.06 -7.62
C ASN C 9 -0.55 6.40 -8.54
N CYS C 10 -0.45 5.08 -8.57
CA CYS C 10 0.60 4.45 -9.45
C CYS C 10 0.02 3.33 -10.34
N GLN C 11 -1.28 3.18 -10.41
CA GLN C 11 -1.88 2.15 -11.32
C GLN C 11 -1.45 0.72 -10.97
N THR C 12 -0.64 0.52 -9.96
CA THR C 12 -0.26 -0.89 -9.64
C THR C 12 -1.52 -1.68 -9.28
N SER C 13 -1.60 -2.94 -9.68
CA SER C 13 -2.81 -3.77 -9.35
C SER C 13 -2.44 -4.75 -8.24
N THR C 14 -1.18 -4.83 -7.92
CA THR C 14 -0.72 -5.74 -6.82
C THR C 14 -0.51 -4.89 -5.56
N THR C 15 -1.19 -5.19 -4.48
CA THR C 15 -1.02 -4.38 -3.24
C THR C 15 -1.20 -5.26 -2.00
N THR C 16 -0.56 -4.93 -0.92
CA THR C 16 -0.75 -5.74 0.32
C THR C 16 -2.09 -5.34 0.94
N LEU C 17 -2.41 -4.07 0.89
CA LEU C 17 -3.72 -3.59 1.44
C LEU C 17 -4.20 -2.40 0.60
N TRP C 18 -5.44 -2.41 0.19
CA TRP C 18 -5.99 -1.28 -0.61
C TRP C 18 -6.36 -0.16 0.36
N ARG C 19 -5.92 1.05 0.11
CA ARG C 19 -6.25 2.18 1.05
C ARG C 19 -7.12 3.20 0.30
N ARG C 20 -8.31 3.47 0.74
CA ARG C 20 -9.11 4.48 0.02
C ARG C 20 -8.42 5.83 0.25
N SER C 21 -8.36 6.68 -0.74
CA SER C 21 -7.68 8.01 -0.55
C SER C 21 -8.72 9.04 -0.08
N PRO C 22 -8.30 10.09 0.58
CA PRO C 22 -9.26 11.13 1.05
C PRO C 22 -10.20 11.62 -0.06
N MET C 23 -9.82 11.44 -1.31
CA MET C 23 -10.69 11.89 -2.44
C MET C 23 -11.61 10.75 -2.88
N GLY C 24 -11.36 9.56 -2.39
CA GLY C 24 -12.19 8.39 -2.80
C GLY C 24 -11.54 7.73 -4.02
N ASP C 25 -10.24 7.80 -4.12
CA ASP C 25 -9.51 7.20 -5.27
C ASP C 25 -8.70 5.97 -4.79
N PRO C 26 -9.05 4.76 -5.19
CA PRO C 26 -8.27 3.56 -4.72
C PRO C 26 -6.75 3.70 -4.92
N VAL C 27 -5.99 3.39 -3.91
CA VAL C 27 -4.48 3.44 -4.04
C VAL C 27 -3.87 2.20 -3.40
N CYS C 28 -2.65 1.87 -3.75
CA CYS C 28 -2.01 0.67 -3.14
C CYS C 28 -1.42 1.04 -1.77
N ASN C 29 -1.27 0.08 -0.92
CA ASN C 29 -0.75 0.32 0.47
C ASN C 29 0.48 1.24 0.43
N ALA C 30 1.37 1.05 -0.50
CA ALA C 30 2.58 1.91 -0.53
C ALA C 30 2.20 3.38 -0.83
N CYS C 31 1.51 3.63 -1.90
CA CYS C 31 1.14 5.04 -2.24
C CYS C 31 0.35 5.66 -1.10
N GLY C 32 -0.58 4.94 -0.55
CA GLY C 32 -1.41 5.50 0.54
C GLY C 32 -0.50 6.06 1.64
N LEU C 33 0.36 5.25 2.17
CA LEU C 33 1.27 5.73 3.26
C LEU C 33 2.19 6.85 2.77
N TYR C 34 2.86 6.67 1.67
CA TYR C 34 3.76 7.76 1.20
C TYR C 34 2.95 9.03 0.93
N TYR C 35 1.83 8.88 0.31
CA TYR C 35 0.99 10.08 0.00
C TYR C 35 0.59 10.76 1.32
N LYS C 36 0.09 10.02 2.25
CA LYS C 36 -0.35 10.66 3.52
C LYS C 36 0.85 11.35 4.20
N LEU C 37 1.99 10.72 4.22
CA LEU C 37 3.19 11.35 4.88
C LEU C 37 3.72 12.54 4.06
N HIS C 38 3.79 12.43 2.75
CA HIS C 38 4.35 13.55 1.92
C HIS C 38 3.28 14.20 1.03
N GLN C 39 2.14 13.59 0.87
CA GLN C 39 1.05 14.19 0.03
C GLN C 39 1.59 14.74 -1.29
N VAL C 40 2.21 13.89 -2.06
CA VAL C 40 2.74 14.28 -3.38
C VAL C 40 2.72 13.07 -4.29
N ASN C 41 2.56 13.26 -5.56
CA ASN C 41 2.54 12.10 -6.50
C ASN C 41 4.00 11.76 -6.89
N ARG C 42 4.35 10.50 -6.95
CA ARG C 42 5.75 10.10 -7.30
C ARG C 42 5.74 9.20 -8.57
N PRO C 43 6.80 9.22 -9.36
CA PRO C 43 6.85 8.38 -10.61
C PRO C 43 6.79 6.86 -10.34
N LEU C 44 6.29 6.11 -11.29
CA LEU C 44 6.16 4.61 -11.14
C LEU C 44 7.53 3.95 -11.04
N THR C 45 8.52 4.67 -10.60
CA THR C 45 9.87 4.05 -10.47
C THR C 45 9.85 3.05 -9.31
N MET C 46 8.87 3.12 -8.44
CA MET C 46 8.79 2.17 -7.29
C MET C 46 7.79 1.06 -7.61
N ARG C 47 7.15 1.15 -8.73
CA ARG C 47 6.14 0.13 -9.11
C ARG C 47 6.82 -1.15 -9.59
N LYS C 48 6.43 -2.28 -9.06
CA LYS C 48 7.02 -3.59 -9.49
C LYS C 48 5.88 -4.57 -9.78
N ASP C 49 6.10 -5.56 -10.60
CA ASP C 49 5.01 -6.52 -10.94
C ASP C 49 4.38 -7.09 -9.66
N GLY C 50 4.96 -8.10 -9.09
CA GLY C 50 4.37 -8.73 -7.86
C GLY C 50 4.65 -7.87 -6.62
N ILE C 51 4.32 -8.39 -5.46
CA ILE C 51 4.55 -7.64 -4.19
C ILE C 51 5.93 -8.01 -3.63
N GLN C 52 6.58 -7.08 -3.00
CA GLN C 52 7.93 -7.36 -2.41
C GLN C 52 7.74 -8.07 -1.06
N THR C 53 8.71 -8.81 -0.63
CA THR C 53 8.58 -9.52 0.68
C THR C 53 9.89 -9.45 1.45
N ARG C 54 9.81 -9.63 2.74
CA ARG C 54 11.01 -9.54 3.61
C ARG C 54 10.82 -10.46 4.81
N ASN C 55 11.89 -10.91 5.41
CA ASN C 55 11.75 -11.81 6.59
C ASN C 55 10.88 -11.10 7.63
N ARG C 56 10.00 -11.82 8.24
CA ARG C 56 9.09 -11.20 9.26
C ARG C 56 9.92 -10.64 10.43
N LYS C 57 9.70 -9.40 10.79
CA LYS C 57 10.46 -8.81 11.92
C LYS C 57 10.28 -9.66 13.18
N VAL C 58 10.74 -9.19 14.29
CA VAL C 58 10.60 -9.97 15.55
C VAL C 58 9.11 -10.14 15.86
N SER C 59 8.71 -11.32 16.22
CA SER C 59 7.27 -11.53 16.56
C SER C 59 7.02 -10.99 17.96
N SER C 60 6.13 -10.04 18.10
CA SER C 60 5.86 -9.47 19.46
C SER C 60 4.35 -9.39 19.68
N LYS C 61 3.93 -9.65 20.89
CA LYS C 61 2.47 -9.60 21.23
C LYS C 61 2.29 -8.72 22.47
N GLY C 62 1.29 -7.88 22.49
CA GLY C 62 1.07 -7.01 23.67
C GLY C 62 0.35 -7.80 24.76
N LYS C 63 1.08 -8.58 25.52
CA LYS C 63 0.44 -9.37 26.60
C LYS C 63 -0.09 -8.44 27.71
N LYS C 64 0.62 -7.39 28.02
CA LYS C 64 0.14 -6.46 29.10
C LYS C 64 0.75 -5.06 28.95
N ARG C 65 2.00 -4.95 28.57
CA ARG C 65 2.65 -3.62 28.42
C ARG C 65 2.89 -3.32 26.94
N ARG C 66 2.41 -2.20 26.46
CA ARG C 66 2.61 -1.85 25.03
C ARG C 66 4.11 -1.76 24.73
ZN ZN D . 0.27 2.83 -5.82
N LYS C 1 -13.07 -5.11 -2.07
CA LYS C 1 -13.37 -5.26 -3.51
C LYS C 1 -12.08 -5.16 -4.32
N ARG C 2 -11.44 -6.27 -4.60
CA ARG C 2 -10.17 -6.23 -5.39
C ARG C 2 -10.44 -6.57 -6.86
N ALA C 3 -11.67 -6.84 -7.21
CA ALA C 3 -11.96 -7.18 -8.63
C ALA C 3 -11.96 -5.91 -9.48
N GLY C 4 -11.01 -5.79 -10.38
CA GLY C 4 -10.94 -4.59 -11.26
C GLY C 4 -10.27 -3.43 -10.53
N THR C 5 -10.05 -3.56 -9.25
CA THR C 5 -9.41 -2.43 -8.50
C THR C 5 -7.98 -2.22 -8.99
N VAL C 6 -7.70 -1.05 -9.53
CA VAL C 6 -6.33 -0.73 -10.00
C VAL C 6 -5.88 0.48 -9.19
N CYS C 7 -4.66 0.51 -8.73
CA CYS C 7 -4.22 1.66 -7.93
C CYS C 7 -4.34 2.94 -8.75
N SER C 8 -5.12 3.86 -8.29
CA SER C 8 -5.30 5.14 -9.03
C SER C 8 -3.95 5.86 -9.15
N ASN C 9 -3.15 5.85 -8.12
CA ASN C 9 -1.86 6.59 -8.19
C ASN C 9 -0.79 5.87 -9.01
N CYS C 10 -0.66 4.55 -8.94
CA CYS C 10 0.42 3.88 -9.74
C CYS C 10 -0.11 2.71 -10.56
N GLN C 11 -1.40 2.56 -10.66
CA GLN C 11 -1.99 1.47 -11.50
C GLN C 11 -1.58 0.07 -11.04
N THR C 12 -0.79 -0.06 -10.00
CA THR C 12 -0.42 -1.45 -9.58
C THR C 12 -1.72 -2.19 -9.22
N SER C 13 -1.82 -3.46 -9.54
CA SER C 13 -3.06 -4.22 -9.17
C SER C 13 -2.73 -5.16 -8.00
N THR C 14 -1.46 -5.25 -7.68
CA THR C 14 -1.03 -6.09 -6.54
C THR C 14 -0.81 -5.16 -5.35
N THR C 15 -1.53 -5.36 -4.29
CA THR C 15 -1.38 -4.47 -3.10
C THR C 15 -1.53 -5.29 -1.83
N THR C 16 -0.82 -4.94 -0.80
CA THR C 16 -0.96 -5.70 0.46
C THR C 16 -2.25 -5.24 1.13
N LEU C 17 -2.53 -3.95 1.09
CA LEU C 17 -3.80 -3.44 1.70
C LEU C 17 -4.31 -2.28 0.83
N TRP C 18 -5.55 -2.32 0.42
CA TRP C 18 -6.10 -1.23 -0.43
C TRP C 18 -6.48 -0.03 0.46
N ARG C 19 -6.05 1.16 0.10
CA ARG C 19 -6.37 2.37 0.93
C ARG C 19 -7.26 3.34 0.14
N ARG C 20 -8.45 3.64 0.59
CA ARG C 20 -9.28 4.60 -0.19
C ARG C 20 -8.61 5.98 -0.04
N SER C 21 -8.59 6.77 -1.08
CA SER C 21 -7.92 8.12 -0.99
C SER C 21 -8.93 9.19 -0.56
N PRO C 22 -8.46 10.31 -0.02
CA PRO C 22 -9.36 11.42 0.41
C PRO C 22 -10.35 11.84 -0.70
N MET C 23 -10.00 11.58 -1.94
CA MET C 23 -10.90 11.96 -3.07
C MET C 23 -11.78 10.75 -3.42
N GLY C 24 -11.45 9.60 -2.90
CA GLY C 24 -12.25 8.37 -3.19
C GLY C 24 -11.63 7.63 -4.39
N ASP C 25 -10.34 7.68 -4.54
CA ASP C 25 -9.67 6.98 -5.69
C ASP C 25 -8.85 5.78 -5.15
N PRO C 26 -9.24 4.54 -5.42
CA PRO C 26 -8.48 3.36 -4.89
C PRO C 26 -6.96 3.44 -5.15
N VAL C 27 -6.18 3.23 -4.11
CA VAL C 27 -4.68 3.25 -4.26
C VAL C 27 -4.07 2.04 -3.53
N CYS C 28 -2.86 1.68 -3.85
CA CYS C 28 -2.21 0.52 -3.18
C CYS C 28 -1.62 0.94 -1.83
N ASN C 29 -1.43 0.00 -0.93
CA ASN C 29 -0.90 0.32 0.44
C ASN C 29 0.34 1.21 0.37
N ALA C 30 1.17 1.07 -0.62
CA ALA C 30 2.39 1.93 -0.68
C ALA C 30 2.02 3.37 -1.07
N CYS C 31 1.30 3.55 -2.14
CA CYS C 31 0.94 4.93 -2.58
C CYS C 31 0.19 5.66 -1.46
N GLY C 32 -0.75 5.02 -0.87
CA GLY C 32 -1.54 5.69 0.20
C GLY C 32 -0.61 6.26 1.26
N LEU C 33 0.30 5.47 1.77
CA LEU C 33 1.21 5.97 2.82
C LEU C 33 2.19 7.00 2.25
N TYR C 34 2.82 6.69 1.15
CA TYR C 34 3.80 7.68 0.57
C TYR C 34 3.07 8.98 0.26
N TYR C 35 1.91 8.88 -0.32
CA TYR C 35 1.16 10.09 -0.70
C TYR C 35 0.74 10.89 0.54
N LYS C 36 0.20 10.25 1.53
CA LYS C 36 -0.25 11.01 2.73
C LYS C 36 0.92 11.78 3.37
N LEU C 37 2.05 11.18 3.50
CA LEU C 37 3.20 11.89 4.13
C LEU C 37 3.73 13.03 3.25
N HIS C 38 3.83 12.83 1.96
CA HIS C 38 4.39 13.91 1.07
C HIS C 38 3.37 14.41 0.04
N GLN C 39 2.14 13.93 0.10
CA GLN C 39 1.07 14.40 -0.85
C GLN C 39 1.61 14.76 -2.24
N VAL C 40 2.50 13.95 -2.78
CA VAL C 40 3.04 14.21 -4.14
C VAL C 40 3.15 12.87 -4.88
N ASN C 41 3.11 12.89 -6.19
CA ASN C 41 3.24 11.62 -6.96
C ASN C 41 4.73 11.32 -7.15
N ARG C 42 5.12 10.06 -7.25
CA ARG C 42 6.57 9.72 -7.41
C ARG C 42 6.74 8.65 -8.52
N PRO C 43 7.86 8.62 -9.23
CA PRO C 43 8.07 7.61 -10.32
C PRO C 43 7.69 6.18 -9.91
N LEU C 44 7.33 5.36 -10.86
CA LEU C 44 6.95 3.94 -10.56
C LEU C 44 8.23 3.14 -10.30
N THR C 45 9.23 3.74 -9.75
CA THR C 45 10.49 3.00 -9.48
C THR C 45 10.25 1.94 -8.38
N MET C 46 9.14 2.00 -7.71
CA MET C 46 8.86 0.98 -6.64
C MET C 46 7.93 -0.11 -7.17
N ARG C 47 7.26 0.14 -8.26
CA ARG C 47 6.30 -0.88 -8.80
C ARG C 47 7.04 -1.95 -9.62
N LYS C 48 6.79 -3.19 -9.32
CA LYS C 48 7.43 -4.34 -10.05
C LYS C 48 6.31 -5.30 -10.47
N ASP C 49 6.55 -6.58 -10.37
CA ASP C 49 5.50 -7.57 -10.74
C ASP C 49 4.72 -7.96 -9.48
N GLY C 50 5.19 -8.95 -8.77
CA GLY C 50 4.47 -9.40 -7.53
C GLY C 50 4.75 -8.45 -6.37
N ILE C 51 4.40 -8.86 -5.17
CA ILE C 51 4.64 -8.00 -3.97
C ILE C 51 5.99 -8.34 -3.34
N GLN C 52 6.74 -7.34 -2.95
CA GLN C 52 8.05 -7.59 -2.29
C GLN C 52 7.78 -8.13 -0.88
N THR C 53 8.64 -8.95 -0.33
CA THR C 53 8.38 -9.49 1.04
C THR C 53 9.65 -9.49 1.88
N ARG C 54 9.50 -9.51 3.18
CA ARG C 54 10.68 -9.50 4.11
C ARG C 54 10.37 -10.34 5.36
N ASN C 55 11.41 -10.70 6.07
CA ASN C 55 11.24 -11.52 7.30
C ASN C 55 10.39 -10.76 8.33
N ARG C 56 9.53 -11.47 9.02
CA ARG C 56 8.66 -10.83 10.05
C ARG C 56 9.52 -10.30 11.21
N LYS C 57 9.32 -9.08 11.59
CA LYS C 57 10.09 -8.51 12.74
C LYS C 57 9.92 -9.39 13.96
N VAL C 58 10.34 -8.93 15.11
CA VAL C 58 10.18 -9.74 16.33
C VAL C 58 8.68 -10.02 16.52
N SER C 59 8.31 -11.17 16.94
CA SER C 59 6.86 -11.46 17.10
C SER C 59 6.30 -10.66 18.27
N SER C 60 5.05 -10.30 18.21
CA SER C 60 4.44 -9.49 19.31
C SER C 60 2.96 -9.86 19.44
N LYS C 61 2.49 -9.96 20.65
CA LYS C 61 1.06 -10.31 20.89
C LYS C 61 0.77 -10.14 22.38
N GLY C 62 1.79 -10.30 23.19
CA GLY C 62 1.60 -10.16 24.66
C GLY C 62 1.22 -8.71 24.97
N LYS C 63 1.70 -7.78 24.18
CA LYS C 63 1.37 -6.35 24.44
C LYS C 63 -0.15 -6.16 24.37
N LYS C 64 -0.70 -5.39 25.27
CA LYS C 64 -2.17 -5.14 25.27
C LYS C 64 -2.42 -3.67 25.63
N ARG C 65 -3.56 -3.14 25.26
CA ARG C 65 -3.88 -1.72 25.56
C ARG C 65 -5.26 -1.63 26.20
N ARG C 66 -5.50 -0.63 27.00
CA ARG C 66 -6.84 -0.49 27.64
C ARG C 66 -7.05 0.96 28.08
ZN ZN D . 0.02 2.51 -6.03
N LYS C 1 -15.11 -3.77 -4.99
CA LYS C 1 -14.18 -4.34 -3.98
C LYS C 1 -12.82 -4.65 -4.64
N ARG C 2 -12.15 -5.69 -4.19
CA ARG C 2 -10.80 -6.03 -4.75
C ARG C 2 -10.87 -6.30 -6.27
N ALA C 3 -11.86 -7.01 -6.71
CA ALA C 3 -11.94 -7.33 -8.17
C ALA C 3 -11.89 -6.07 -9.03
N GLY C 4 -10.83 -5.91 -9.80
CA GLY C 4 -10.72 -4.72 -10.71
C GLY C 4 -10.03 -3.54 -10.00
N THR C 5 -9.73 -3.68 -8.74
CA THR C 5 -9.09 -2.54 -8.01
C THR C 5 -7.68 -2.27 -8.53
N VAL C 6 -7.47 -1.09 -9.05
CA VAL C 6 -6.11 -0.68 -9.51
C VAL C 6 -5.73 0.56 -8.70
N CYS C 7 -4.52 0.71 -8.31
CA CYS C 7 -4.15 1.90 -7.50
C CYS C 7 -4.35 3.18 -8.29
N SER C 8 -5.20 4.03 -7.81
CA SER C 8 -5.45 5.31 -8.50
C SER C 8 -4.15 6.11 -8.60
N ASN C 9 -3.33 6.11 -7.57
CA ASN C 9 -2.07 6.91 -7.62
C ASN C 9 -1.00 6.25 -8.49
N CYS C 10 -0.83 4.93 -8.45
CA CYS C 10 0.26 4.32 -9.29
C CYS C 10 -0.22 3.14 -10.13
N GLN C 11 -1.51 2.96 -10.26
CA GLN C 11 -2.06 1.86 -11.14
C GLN C 11 -1.54 0.47 -10.75
N THR C 12 -0.75 0.32 -9.73
CA THR C 12 -0.31 -1.06 -9.39
C THR C 12 -1.56 -1.89 -9.05
N SER C 13 -1.50 -3.20 -9.12
CA SER C 13 -2.71 -4.03 -8.77
C SER C 13 -2.25 -5.20 -7.91
N THR C 14 -1.07 -5.12 -7.37
CA THR C 14 -0.52 -6.21 -6.50
C THR C 14 -0.29 -5.65 -5.10
N THR C 15 -1.27 -4.99 -4.56
CA THR C 15 -1.09 -4.35 -3.22
C THR C 15 -1.24 -5.37 -2.09
N THR C 16 -0.58 -5.15 -0.98
CA THR C 16 -0.74 -6.08 0.17
C THR C 16 -2.03 -5.70 0.87
N LEU C 17 -2.34 -4.42 0.89
CA LEU C 17 -3.59 -3.96 1.57
C LEU C 17 -4.19 -2.81 0.75
N TRP C 18 -5.45 -2.88 0.43
CA TRP C 18 -6.06 -1.79 -0.36
C TRP C 18 -6.46 -0.64 0.57
N ARG C 19 -6.03 0.54 0.26
CA ARG C 19 -6.34 1.73 1.11
C ARG C 19 -7.21 2.73 0.34
N ARG C 20 -8.34 3.13 0.87
CA ARG C 20 -9.14 4.15 0.15
C ARG C 20 -8.50 5.52 0.44
N SER C 21 -8.48 6.40 -0.50
CA SER C 21 -7.82 7.74 -0.27
C SER C 21 -8.87 8.74 0.25
N PRO C 22 -8.46 9.78 0.96
CA PRO C 22 -9.42 10.79 1.50
C PRO C 22 -10.41 11.30 0.44
N MET C 23 -10.04 11.25 -0.82
CA MET C 23 -10.95 11.73 -1.90
C MET C 23 -11.83 10.59 -2.40
N GLY C 24 -11.49 9.37 -2.03
CA GLY C 24 -12.29 8.19 -2.48
C GLY C 24 -11.62 7.56 -3.70
N ASP C 25 -10.34 7.77 -3.88
CA ASP C 25 -9.62 7.18 -5.04
C ASP C 25 -8.87 5.91 -4.58
N PRO C 26 -9.22 4.73 -5.06
CA PRO C 26 -8.50 3.49 -4.62
C PRO C 26 -6.97 3.64 -4.72
N VAL C 27 -6.25 3.29 -3.68
CA VAL C 27 -4.75 3.37 -3.74
C VAL C 27 -4.12 2.15 -3.10
N CYS C 28 -2.88 1.87 -3.42
CA CYS C 28 -2.19 0.70 -2.81
C CYS C 28 -1.67 1.12 -1.45
N ASN C 29 -1.50 0.19 -0.56
CA ASN C 29 -1.04 0.57 0.81
C ASN C 29 0.17 1.48 0.74
N ALA C 30 1.04 1.28 -0.20
CA ALA C 30 2.24 2.14 -0.30
C ALA C 30 1.86 3.60 -0.62
N CYS C 31 1.18 3.83 -1.73
CA CYS C 31 0.80 5.24 -2.08
C CYS C 31 0.02 5.86 -0.93
N GLY C 32 -0.88 5.14 -0.35
CA GLY C 32 -1.67 5.73 0.76
C GLY C 32 -0.74 6.23 1.85
N LEU C 33 0.25 5.46 2.21
CA LEU C 33 1.18 5.90 3.29
C LEU C 33 2.09 7.03 2.78
N TYR C 34 2.76 6.83 1.68
CA TYR C 34 3.66 7.90 1.16
C TYR C 34 2.85 9.16 0.88
N TYR C 35 1.73 9.01 0.22
CA TYR C 35 0.91 10.19 -0.12
C TYR C 35 0.47 10.91 1.16
N LYS C 36 0.06 10.19 2.15
CA LYS C 36 -0.37 10.86 3.41
C LYS C 36 0.80 11.65 3.98
N LEU C 37 1.98 11.08 3.99
CA LEU C 37 3.15 11.80 4.55
C LEU C 37 3.61 12.95 3.63
N HIS C 38 3.66 12.75 2.34
CA HIS C 38 4.17 13.81 1.41
C HIS C 38 3.07 14.37 0.50
N GLN C 39 1.90 13.79 0.48
CA GLN C 39 0.78 14.28 -0.38
C GLN C 39 1.26 14.78 -1.75
N VAL C 40 2.03 13.97 -2.43
CA VAL C 40 2.51 14.31 -3.80
C VAL C 40 2.53 13.01 -4.61
N ASN C 41 2.32 13.12 -5.89
CA ASN C 41 2.32 11.88 -6.74
C ASN C 41 3.76 11.54 -7.16
N ARG C 42 4.17 10.30 -7.07
CA ARG C 42 5.56 9.91 -7.47
C ARG C 42 5.49 9.03 -8.74
N PRO C 43 6.51 9.04 -9.59
CA PRO C 43 6.50 8.22 -10.86
C PRO C 43 6.37 6.70 -10.61
N LEU C 44 5.83 5.99 -11.57
CA LEU C 44 5.68 4.51 -11.43
C LEU C 44 7.04 3.84 -11.27
N THR C 45 8.09 4.61 -11.14
CA THR C 45 9.43 4.00 -10.98
C THR C 45 9.47 3.20 -9.68
N MET C 46 8.47 3.38 -8.85
CA MET C 46 8.41 2.64 -7.55
C MET C 46 7.53 1.42 -7.73
N ARG C 47 6.84 1.36 -8.83
CA ARG C 47 5.93 0.22 -9.08
C ARG C 47 6.74 -1.02 -9.48
N LYS C 48 6.47 -2.13 -8.82
CA LYS C 48 7.20 -3.40 -9.12
C LYS C 48 6.17 -4.48 -9.47
N ASP C 49 6.44 -5.27 -10.47
CA ASP C 49 5.47 -6.33 -10.86
C ASP C 49 4.89 -7.03 -9.63
N GLY C 50 5.55 -8.06 -9.14
CA GLY C 50 5.04 -8.80 -7.95
C GLY C 50 5.20 -7.94 -6.69
N ILE C 51 4.83 -8.48 -5.53
CA ILE C 51 4.97 -7.71 -4.26
C ILE C 51 6.32 -8.03 -3.60
N GLN C 52 6.89 -7.06 -2.94
CA GLN C 52 8.18 -7.30 -2.23
C GLN C 52 7.87 -7.98 -0.88
N THR C 53 8.74 -8.81 -0.38
CA THR C 53 8.47 -9.49 0.94
C THR C 53 9.75 -9.52 1.78
N ARG C 54 9.63 -9.84 3.04
CA ARG C 54 10.83 -9.86 3.93
C ARG C 54 10.65 -10.87 5.06
N ASN C 55 11.74 -11.26 5.68
CA ASN C 55 11.63 -12.25 6.80
C ASN C 55 10.71 -11.68 7.87
N ARG C 56 9.88 -12.51 8.44
CA ARG C 56 8.95 -12.02 9.49
C ARG C 56 9.70 -11.57 10.73
N LYS C 57 9.35 -10.42 11.25
CA LYS C 57 10.04 -9.91 12.46
C LYS C 57 9.48 -10.66 13.68
N VAL C 58 10.20 -10.65 14.77
CA VAL C 58 9.73 -11.37 15.99
C VAL C 58 8.46 -10.71 16.53
N SER C 59 8.04 -9.65 15.91
CA SER C 59 6.83 -8.93 16.38
C SER C 59 5.66 -9.90 16.53
N SER C 60 5.84 -11.16 16.20
CA SER C 60 4.71 -12.12 16.32
C SER C 60 5.21 -13.49 16.81
N LYS C 61 5.44 -13.61 18.09
CA LYS C 61 5.90 -14.91 18.68
C LYS C 61 5.47 -14.97 20.13
N GLY C 62 5.40 -16.14 20.71
CA GLY C 62 4.97 -16.25 22.14
C GLY C 62 5.71 -17.41 22.81
N LYS C 63 6.98 -17.26 23.07
CA LYS C 63 7.74 -18.36 23.73
C LYS C 63 7.11 -18.64 25.10
N LYS C 64 6.80 -17.61 25.85
CA LYS C 64 6.18 -17.80 27.20
C LYS C 64 4.78 -17.18 27.23
N ARG C 65 4.39 -16.51 26.19
CA ARG C 65 3.04 -15.89 26.15
C ARG C 65 1.97 -16.98 26.03
N ARG C 66 0.89 -16.84 26.75
CA ARG C 66 -0.21 -17.86 26.69
C ARG C 66 -1.55 -17.16 26.47
ZN ZN D . 0.01 2.93 -5.56
N LYS C 1 -14.66 -5.50 -1.95
CA LYS C 1 -14.87 -5.30 -3.41
C LYS C 1 -13.51 -5.09 -4.07
N ARG C 2 -12.81 -6.16 -4.36
CA ARG C 2 -11.47 -6.03 -4.99
C ARG C 2 -11.63 -6.07 -6.52
N ALA C 3 -12.65 -6.71 -7.01
CA ALA C 3 -12.86 -6.81 -8.49
C ALA C 3 -12.82 -5.41 -9.13
N GLY C 4 -11.90 -5.20 -10.03
CA GLY C 4 -11.84 -3.88 -10.73
C GLY C 4 -11.05 -2.86 -9.90
N THR C 5 -10.74 -3.16 -8.67
CA THR C 5 -10.00 -2.18 -7.84
C THR C 5 -8.57 -2.03 -8.36
N VAL C 6 -8.26 -0.89 -8.91
CA VAL C 6 -6.88 -0.62 -9.41
C VAL C 6 -6.36 0.57 -8.61
N CYS C 7 -5.12 0.56 -8.22
CA CYS C 7 -4.62 1.71 -7.43
C CYS C 7 -4.77 2.98 -8.24
N SER C 8 -5.54 3.89 -7.74
CA SER C 8 -5.74 5.17 -8.47
C SER C 8 -4.39 5.87 -8.65
N ASN C 9 -3.55 5.84 -7.63
CA ASN C 9 -2.25 6.55 -7.76
C ASN C 9 -1.27 5.79 -8.66
N CYS C 10 -1.21 4.46 -8.61
CA CYS C 10 -0.22 3.73 -9.48
C CYS C 10 -0.84 2.55 -10.25
N GLN C 11 -2.14 2.49 -10.39
CA GLN C 11 -2.76 1.39 -11.21
C GLN C 11 -2.33 -0.02 -10.77
N THR C 12 -1.44 -0.18 -9.83
CA THR C 12 -1.08 -1.57 -9.44
C THR C 12 -2.36 -2.31 -9.02
N SER C 13 -2.51 -3.57 -9.39
CA SER C 13 -3.75 -4.34 -8.98
C SER C 13 -3.37 -5.30 -7.85
N THR C 14 -2.09 -5.42 -7.58
CA THR C 14 -1.62 -6.31 -6.48
C THR C 14 -1.24 -5.44 -5.30
N THR C 15 -1.85 -5.66 -4.16
CA THR C 15 -1.53 -4.83 -2.98
C THR C 15 -1.63 -5.68 -1.72
N THR C 16 -0.85 -5.38 -0.72
CA THR C 16 -0.96 -6.16 0.52
C THR C 16 -2.26 -5.75 1.20
N LEU C 17 -2.58 -4.47 1.17
CA LEU C 17 -3.86 -4.01 1.77
C LEU C 17 -4.40 -2.84 0.94
N TRP C 18 -5.65 -2.87 0.59
CA TRP C 18 -6.21 -1.75 -0.21
C TRP C 18 -6.49 -0.58 0.73
N ARG C 19 -6.00 0.58 0.38
CA ARG C 19 -6.23 1.81 1.21
C ARG C 19 -7.11 2.77 0.44
N ARG C 20 -7.40 3.89 1.03
CA ARG C 20 -8.23 4.93 0.37
C ARG C 20 -7.48 6.25 0.50
N SER C 21 -7.49 7.07 -0.52
CA SER C 21 -6.78 8.39 -0.43
C SER C 21 -7.75 9.46 0.08
N PRO C 22 -7.24 10.56 0.61
CA PRO C 22 -8.11 11.64 1.13
C PRO C 22 -9.15 12.13 0.12
N MET C 23 -8.92 11.88 -1.15
CA MET C 23 -9.90 12.33 -2.18
C MET C 23 -10.95 11.24 -2.43
N GLY C 24 -10.75 10.08 -1.87
CA GLY C 24 -11.73 8.97 -2.09
C GLY C 24 -11.28 8.16 -3.30
N ASP C 25 -10.00 8.17 -3.57
CA ASP C 25 -9.45 7.42 -4.74
C ASP C 25 -8.81 6.09 -4.27
N PRO C 26 -9.29 4.93 -4.70
CA PRO C 26 -8.66 3.65 -4.26
C PRO C 26 -7.14 3.64 -4.49
N VAL C 27 -6.37 3.23 -3.50
CA VAL C 27 -4.88 3.20 -3.67
C VAL C 27 -4.29 1.94 -3.04
N CYS C 28 -3.10 1.57 -3.43
CA CYS C 28 -2.44 0.39 -2.83
C CYS C 28 -1.78 0.84 -1.52
N ASN C 29 -1.61 -0.04 -0.58
CA ASN C 29 -1.04 0.36 0.74
C ASN C 29 0.22 1.22 0.59
N ALA C 30 1.06 0.94 -0.36
CA ALA C 30 2.30 1.77 -0.50
C ALA C 30 1.98 3.22 -0.91
N CYS C 31 1.19 3.42 -1.94
CA CYS C 31 0.88 4.83 -2.39
C CYS C 31 0.23 5.63 -1.27
N GLY C 32 -0.68 5.05 -0.56
CA GLY C 32 -1.38 5.83 0.49
C GLY C 32 -0.37 6.37 1.49
N LEU C 33 0.54 5.56 1.94
CA LEU C 33 1.55 6.02 2.92
C LEU C 33 2.50 7.02 2.26
N TYR C 34 3.09 6.66 1.16
CA TYR C 34 4.03 7.59 0.49
C TYR C 34 3.31 8.89 0.13
N TYR C 35 2.13 8.78 -0.41
CA TYR C 35 1.36 9.99 -0.79
C TYR C 35 1.02 10.80 0.46
N LYS C 36 0.53 10.18 1.48
CA LYS C 36 0.17 10.96 2.69
C LYS C 36 1.41 11.66 3.28
N LEU C 37 2.54 11.01 3.30
CA LEU C 37 3.77 11.67 3.85
C LEU C 37 4.26 12.81 2.94
N HIS C 38 4.23 12.64 1.64
CA HIS C 38 4.75 13.72 0.72
C HIS C 38 3.65 14.30 -0.17
N GLN C 39 2.46 13.76 -0.13
CA GLN C 39 1.33 14.30 -0.98
C GLN C 39 1.81 14.70 -2.38
N VAL C 40 2.50 13.79 -3.04
CA VAL C 40 2.99 14.05 -4.42
C VAL C 40 3.00 12.72 -5.17
N ASN C 41 2.90 12.76 -6.47
CA ASN C 41 2.91 11.49 -7.26
C ASN C 41 4.35 11.09 -7.57
N ARG C 42 4.68 9.81 -7.47
CA ARG C 42 6.10 9.36 -7.73
C ARG C 42 6.10 8.37 -8.92
N PRO C 43 7.18 8.31 -9.69
CA PRO C 43 7.24 7.36 -10.85
C PRO C 43 7.00 5.89 -10.44
N LEU C 44 6.41 5.12 -11.32
CA LEU C 44 6.12 3.69 -11.02
C LEU C 44 7.41 2.87 -10.95
N THR C 45 8.46 3.36 -11.53
CA THR C 45 9.74 2.60 -11.53
C THR C 45 10.00 2.01 -10.14
N MET C 46 9.33 2.51 -9.13
CA MET C 46 9.57 1.98 -7.75
C MET C 46 8.81 0.68 -7.52
N ARG C 47 7.61 0.58 -8.03
CA ARG C 47 6.80 -0.67 -7.84
C ARG C 47 7.30 -1.77 -8.77
N LYS C 48 6.91 -3.00 -8.50
CA LYS C 48 7.31 -4.16 -9.35
C LYS C 48 6.08 -5.01 -9.64
N ASP C 49 6.12 -5.82 -10.67
CA ASP C 49 4.94 -6.66 -11.02
C ASP C 49 4.30 -7.27 -9.76
N GLY C 50 4.81 -8.37 -9.29
CA GLY C 50 4.21 -9.01 -8.08
C GLY C 50 4.45 -8.16 -6.83
N ILE C 51 4.08 -8.66 -5.68
CA ILE C 51 4.30 -7.90 -4.42
C ILE C 51 5.70 -8.19 -3.88
N GLN C 52 6.36 -7.17 -3.41
CA GLN C 52 7.72 -7.36 -2.86
C GLN C 52 7.59 -7.97 -1.46
N THR C 53 8.54 -8.76 -1.03
CA THR C 53 8.42 -9.38 0.33
C THR C 53 9.78 -9.41 1.03
N ARG C 54 9.74 -9.48 2.33
CA ARG C 54 11.00 -9.52 3.14
C ARG C 54 10.82 -10.48 4.31
N ASN C 55 11.90 -10.85 4.94
CA ASN C 55 11.80 -11.77 6.10
C ASN C 55 10.93 -11.09 7.16
N ARG C 56 10.03 -11.81 7.76
CA ARG C 56 9.14 -11.19 8.78
C ARG C 56 9.95 -10.67 9.96
N LYS C 57 9.72 -9.45 10.34
CA LYS C 57 10.48 -8.87 11.49
C LYS C 57 10.21 -9.69 12.75
N VAL C 58 10.80 -9.29 13.85
CA VAL C 58 10.59 -10.05 15.11
C VAL C 58 9.08 -10.13 15.40
N SER C 59 8.67 -11.08 16.21
CA SER C 59 7.22 -11.18 16.51
C SER C 59 6.87 -10.23 17.66
N SER C 60 6.31 -9.09 17.34
CA SER C 60 5.95 -8.11 18.42
C SER C 60 4.85 -7.18 17.91
N LYS C 61 3.98 -6.73 18.79
CA LYS C 61 2.89 -5.79 18.38
C LYS C 61 2.43 -5.01 19.60
N GLY C 62 1.98 -5.71 20.61
CA GLY C 62 1.49 -5.01 21.85
C GLY C 62 1.20 -6.06 22.93
N LYS C 63 0.50 -5.68 23.96
CA LYS C 63 0.15 -6.64 25.06
C LYS C 63 -1.33 -6.49 25.42
N LYS C 64 -1.98 -7.57 25.78
CA LYS C 64 -3.42 -7.48 26.12
C LYS C 64 -3.62 -6.55 27.32
N ARG C 65 -4.65 -5.74 27.28
CA ARG C 65 -4.92 -4.79 28.40
C ARG C 65 -6.43 -4.58 28.54
N ARG C 66 -6.89 -4.31 29.73
CA ARG C 66 -8.35 -4.10 29.94
C ARG C 66 -8.56 -3.27 31.20
ZN ZN D . -0.29 2.40 -5.74
N LYS C 1 -12.85 -6.10 -1.72
CA LYS C 1 -13.23 -5.98 -3.16
C LYS C 1 -11.97 -5.68 -3.98
N ARG C 2 -11.27 -6.71 -4.40
CA ARG C 2 -10.03 -6.51 -5.21
C ARG C 2 -10.37 -6.65 -6.70
N ALA C 3 -11.59 -6.97 -7.01
CA ALA C 3 -11.98 -7.14 -8.43
C ALA C 3 -12.07 -5.78 -9.13
N GLY C 4 -11.21 -5.55 -10.08
CA GLY C 4 -11.24 -4.25 -10.83
C GLY C 4 -10.54 -3.16 -10.02
N THR C 5 -10.26 -3.40 -8.77
CA THR C 5 -9.60 -2.34 -7.98
C THR C 5 -8.16 -2.13 -8.45
N VAL C 6 -7.89 -0.99 -9.01
CA VAL C 6 -6.51 -0.65 -9.47
C VAL C 6 -6.08 0.60 -8.71
N CYS C 7 -4.85 0.70 -8.31
CA CYS C 7 -4.42 1.90 -7.56
C CYS C 7 -4.67 3.15 -8.40
N SER C 8 -5.52 4.02 -7.92
CA SER C 8 -5.82 5.26 -8.66
C SER C 8 -4.53 6.06 -8.85
N ASN C 9 -3.68 6.10 -7.87
CA ASN C 9 -2.44 6.93 -8.01
C ASN C 9 -1.36 6.21 -8.83
N CYS C 10 -1.17 4.89 -8.70
CA CYS C 10 -0.08 4.23 -9.52
C CYS C 10 -0.58 3.00 -10.30
N GLN C 11 -1.86 2.83 -10.48
CA GLN C 11 -2.39 1.69 -11.32
C GLN C 11 -1.98 0.28 -10.83
N THR C 12 -1.17 0.13 -9.81
CA THR C 12 -0.82 -1.27 -9.41
C THR C 12 -2.12 -2.02 -9.04
N SER C 13 -2.16 -3.33 -9.22
CA SER C 13 -3.40 -4.11 -8.85
C SER C 13 -2.98 -5.30 -7.99
N THR C 14 -1.80 -5.24 -7.42
CA THR C 14 -1.28 -6.33 -6.54
C THR C 14 -0.92 -5.75 -5.18
N THR C 15 -1.79 -4.99 -4.61
CA THR C 15 -1.48 -4.33 -3.31
C THR C 15 -1.61 -5.30 -2.14
N THR C 16 -0.88 -5.07 -1.07
CA THR C 16 -1.00 -5.96 0.10
C THR C 16 -2.29 -5.58 0.84
N LEU C 17 -2.58 -4.30 0.93
CA LEU C 17 -3.85 -3.87 1.60
C LEU C 17 -4.41 -2.68 0.82
N TRP C 18 -5.66 -2.70 0.51
CA TRP C 18 -6.26 -1.58 -0.25
C TRP C 18 -6.55 -0.41 0.68
N ARG C 19 -6.08 0.76 0.32
CA ARG C 19 -6.31 1.98 1.14
C ARG C 19 -7.13 2.99 0.34
N ARG C 20 -8.17 3.54 0.89
CA ARG C 20 -8.95 4.55 0.13
C ARG C 20 -8.25 5.89 0.30
N SER C 21 -8.26 6.75 -0.70
CA SER C 21 -7.55 8.08 -0.57
C SER C 21 -8.54 9.13 -0.05
N PRO C 22 -8.05 10.22 0.51
CA PRO C 22 -8.94 11.31 1.01
C PRO C 22 -10.00 11.74 -0.02
N MET C 23 -9.76 11.52 -1.28
CA MET C 23 -10.74 11.92 -2.34
C MET C 23 -11.71 10.76 -2.62
N GLY C 24 -11.42 9.60 -2.08
CA GLY C 24 -12.30 8.42 -2.33
C GLY C 24 -11.79 7.66 -3.55
N ASP C 25 -10.53 7.80 -3.85
CA ASP C 25 -9.93 7.10 -5.03
C ASP C 25 -9.14 5.87 -4.54
N PRO C 26 -9.50 4.66 -4.92
CA PRO C 26 -8.73 3.46 -4.44
C PRO C 26 -7.21 3.59 -4.67
N VAL C 27 -6.42 3.41 -3.62
CA VAL C 27 -4.92 3.50 -3.78
C VAL C 27 -4.26 2.28 -3.11
N CYS C 28 -3.05 1.96 -3.49
CA CYS C 28 -2.36 0.79 -2.88
C CYS C 28 -1.74 1.20 -1.54
N ASN C 29 -1.58 0.26 -0.64
CA ASN C 29 -1.03 0.60 0.71
C ASN C 29 0.24 1.44 0.60
N ALA C 30 1.01 1.27 -0.42
CA ALA C 30 2.25 2.08 -0.55
C ALA C 30 1.90 3.54 -0.88
N CYS C 31 1.14 3.77 -1.93
CA CYS C 31 0.79 5.19 -2.29
C CYS C 31 0.08 5.85 -1.11
N GLY C 32 -0.81 5.17 -0.47
CA GLY C 32 -1.54 5.81 0.64
C GLY C 32 -0.54 6.35 1.66
N LEU C 33 0.42 5.55 2.04
CA LEU C 33 1.43 6.02 3.04
C LEU C 33 2.35 7.08 2.44
N TYR C 34 2.95 6.80 1.31
CA TYR C 34 3.86 7.81 0.71
C TYR C 34 3.07 9.09 0.40
N TYR C 35 1.90 8.96 -0.14
CA TYR C 35 1.11 10.16 -0.48
C TYR C 35 0.80 10.95 0.80
N LYS C 36 0.36 10.31 1.83
CA LYS C 36 0.03 11.07 3.07
C LYS C 36 1.28 11.81 3.58
N LEU C 37 2.42 11.18 3.56
CA LEU C 37 3.64 11.85 4.07
C LEU C 37 4.10 12.97 3.12
N HIS C 38 4.10 12.74 1.82
CA HIS C 38 4.59 13.78 0.86
C HIS C 38 3.45 14.36 -0.01
N GLN C 39 2.25 13.87 0.12
CA GLN C 39 1.10 14.39 -0.69
C GLN C 39 1.49 14.76 -2.13
N VAL C 40 2.24 13.90 -2.78
CA VAL C 40 2.62 14.13 -4.19
C VAL C 40 2.64 12.77 -4.89
N ASN C 41 2.50 12.75 -6.19
CA ASN C 41 2.51 11.44 -6.92
C ASN C 41 3.96 11.02 -7.20
N ARG C 42 4.33 9.82 -6.83
CA ARG C 42 5.74 9.36 -7.05
C ARG C 42 5.80 8.44 -8.29
N PRO C 43 6.76 8.62 -9.20
CA PRO C 43 6.84 7.72 -10.40
C PRO C 43 6.83 6.22 -10.02
N LEU C 44 6.36 5.39 -10.91
CA LEU C 44 6.30 3.92 -10.63
C LEU C 44 7.72 3.33 -10.67
N THR C 45 8.73 4.15 -10.60
CA THR C 45 10.11 3.62 -10.66
C THR C 45 10.29 2.48 -9.65
N MET C 46 9.52 2.45 -8.59
CA MET C 46 9.68 1.37 -7.57
C MET C 46 8.51 0.38 -7.62
N ARG C 47 7.55 0.61 -8.47
CA ARG C 47 6.39 -0.33 -8.57
C ARG C 47 6.77 -1.51 -9.48
N LYS C 48 6.24 -2.68 -9.21
CA LYS C 48 6.56 -3.87 -10.05
C LYS C 48 5.36 -4.83 -10.07
N ASP C 49 5.41 -5.84 -10.89
CA ASP C 49 4.24 -6.77 -11.00
C ASP C 49 3.93 -7.45 -9.65
N GLY C 50 4.71 -8.42 -9.27
CA GLY C 50 4.45 -9.15 -8.00
C GLY C 50 4.70 -8.24 -6.80
N ILE C 51 4.35 -8.69 -5.63
CA ILE C 51 4.56 -7.88 -4.40
C ILE C 51 5.91 -8.24 -3.77
N GLN C 52 6.56 -7.28 -3.19
CA GLN C 52 7.87 -7.56 -2.54
C GLN C 52 7.62 -8.17 -1.16
N THR C 53 8.49 -9.05 -0.72
CA THR C 53 8.31 -9.68 0.63
C THR C 53 9.64 -9.67 1.36
N ARG C 54 9.60 -9.79 2.67
CA ARG C 54 10.87 -9.76 3.47
C ARG C 54 10.69 -10.61 4.74
N ASN C 55 11.77 -10.97 5.37
CA ASN C 55 11.67 -11.79 6.61
C ASN C 55 10.84 -11.05 7.65
N ARG C 56 9.99 -11.75 8.34
CA ARG C 56 9.13 -11.12 9.38
C ARG C 56 10.00 -10.59 10.52
N LYS C 57 9.78 -9.37 10.92
CA LYS C 57 10.60 -8.80 12.03
C LYS C 57 10.30 -9.51 13.34
N VAL C 58 10.84 -9.01 14.42
CA VAL C 58 10.60 -9.65 15.75
C VAL C 58 9.10 -9.81 16.00
N SER C 59 8.70 -10.87 16.64
CA SER C 59 7.25 -11.06 16.94
C SER C 59 6.91 -10.25 18.19
N SER C 60 6.35 -9.08 18.02
CA SER C 60 6.00 -8.20 19.18
C SER C 60 4.50 -8.27 19.44
N LYS C 61 4.10 -8.69 20.62
CA LYS C 61 2.65 -8.78 20.96
C LYS C 61 2.38 -8.05 22.28
N GLY C 62 3.42 -7.64 22.98
CA GLY C 62 3.21 -6.92 24.27
C GLY C 62 2.74 -5.49 24.02
N LYS C 63 1.96 -4.95 24.92
CA LYS C 63 1.47 -3.54 24.73
C LYS C 63 2.67 -2.60 24.65
N LYS C 64 3.57 -2.69 25.58
CA LYS C 64 4.78 -1.81 25.56
C LYS C 64 5.94 -2.53 26.25
N ARG C 65 6.09 -2.34 27.54
CA ARG C 65 7.20 -3.01 28.27
C ARG C 65 6.75 -3.33 29.70
N ARG C 66 7.28 -4.37 30.28
CA ARG C 66 6.87 -4.73 31.67
C ARG C 66 7.24 -3.58 32.61
ZN ZN D . -0.21 2.87 -5.74
N LYS C 1 -15.01 -4.74 -2.86
CA LYS C 1 -15.00 -5.01 -4.32
C LYS C 1 -13.55 -4.99 -4.83
N ARG C 2 -12.76 -5.98 -4.49
CA ARG C 2 -11.35 -6.02 -4.95
C ARG C 2 -11.34 -6.13 -6.49
N ALA C 3 -12.23 -6.93 -7.01
CA ALA C 3 -12.32 -7.12 -8.49
C ALA C 3 -12.32 -5.78 -9.23
N GLY C 4 -11.38 -5.57 -10.12
CA GLY C 4 -11.35 -4.31 -10.91
C GLY C 4 -10.60 -3.21 -10.15
N THR C 5 -10.29 -3.42 -8.90
CA THR C 5 -9.58 -2.37 -8.12
C THR C 5 -8.16 -2.18 -8.66
N VAL C 6 -7.88 -1.01 -9.16
CA VAL C 6 -6.52 -0.70 -9.67
C VAL C 6 -6.02 0.50 -8.87
N CYS C 7 -4.77 0.54 -8.51
CA CYS C 7 -4.28 1.69 -7.73
C CYS C 7 -4.42 2.97 -8.53
N SER C 8 -5.20 3.89 -8.05
CA SER C 8 -5.40 5.16 -8.77
C SER C 8 -4.07 5.90 -8.91
N ASN C 9 -3.25 5.90 -7.89
CA ASN C 9 -1.96 6.65 -7.99
C ASN C 9 -0.93 5.93 -8.87
N CYS C 10 -0.81 4.60 -8.80
CA CYS C 10 0.25 3.92 -9.63
C CYS C 10 -0.31 2.75 -10.47
N GLN C 11 -1.61 2.57 -10.51
CA GLN C 11 -2.20 1.49 -11.37
C GLN C 11 -1.77 0.06 -10.94
N THR C 12 -0.96 -0.12 -9.94
CA THR C 12 -0.61 -1.52 -9.58
C THR C 12 -1.89 -2.26 -9.16
N SER C 13 -1.99 -3.53 -9.48
CA SER C 13 -3.22 -4.32 -9.08
C SER C 13 -2.83 -5.29 -7.97
N THR C 14 -1.55 -5.35 -7.68
CA THR C 14 -1.05 -6.24 -6.58
C THR C 14 -0.79 -5.35 -5.37
N THR C 15 -1.45 -5.59 -4.27
CA THR C 15 -1.23 -4.73 -3.06
C THR C 15 -1.38 -5.55 -1.79
N THR C 16 -0.68 -5.19 -0.75
CA THR C 16 -0.82 -5.94 0.52
C THR C 16 -2.10 -5.48 1.20
N LEU C 17 -2.41 -4.20 1.12
CA LEU C 17 -3.67 -3.68 1.75
C LEU C 17 -4.21 -2.57 0.85
N TRP C 18 -5.48 -2.61 0.53
CA TRP C 18 -6.05 -1.54 -0.33
C TRP C 18 -6.38 -0.32 0.53
N ARG C 19 -5.93 0.83 0.13
CA ARG C 19 -6.18 2.07 0.92
C ARG C 19 -7.13 2.98 0.12
N ARG C 20 -7.49 4.11 0.67
CA ARG C 20 -8.37 5.07 -0.06
C ARG C 20 -7.70 6.45 0.05
N SER C 21 -7.72 7.24 -1.00
CA SER C 21 -7.06 8.59 -0.92
C SER C 21 -8.11 9.64 -0.48
N PRO C 22 -7.66 10.77 0.04
CA PRO C 22 -8.60 11.83 0.51
C PRO C 22 -9.67 12.22 -0.53
N MET C 23 -9.45 11.94 -1.79
CA MET C 23 -10.48 12.31 -2.83
C MET C 23 -11.37 11.09 -3.13
N GLY C 24 -11.06 9.96 -2.57
CA GLY C 24 -11.89 8.74 -2.81
C GLY C 24 -11.33 7.94 -3.98
N ASP C 25 -10.06 8.06 -4.23
CA ASP C 25 -9.43 7.32 -5.36
C ASP C 25 -8.71 6.05 -4.83
N PRO C 26 -9.15 4.85 -5.19
CA PRO C 26 -8.46 3.62 -4.68
C PRO C 26 -6.94 3.68 -4.89
N VAL C 27 -6.18 3.31 -3.89
CA VAL C 27 -4.67 3.34 -4.03
C VAL C 27 -4.07 2.10 -3.35
N CYS C 28 -2.86 1.71 -3.72
CA CYS C 28 -2.24 0.51 -3.08
C CYS C 28 -1.57 0.88 -1.76
N ASN C 29 -1.34 -0.09 -0.93
CA ASN C 29 -0.73 0.13 0.41
C ASN C 29 0.46 1.09 0.33
N ALA C 30 1.37 0.85 -0.55
CA ALA C 30 2.57 1.73 -0.64
C ALA C 30 2.17 3.17 -1.00
N CYS C 31 1.39 3.37 -2.04
CA CYS C 31 1.01 4.76 -2.41
C CYS C 31 0.27 5.44 -1.26
N GLY C 32 -0.60 4.74 -0.61
CA GLY C 32 -1.36 5.39 0.49
C GLY C 32 -0.40 5.96 1.53
N LEU C 33 0.54 5.18 1.97
CA LEU C 33 1.51 5.67 2.98
C LEU C 33 2.39 6.76 2.36
N TYR C 34 2.93 6.51 1.20
CA TYR C 34 3.80 7.53 0.56
C TYR C 34 3.01 8.80 0.31
N TYR C 35 1.80 8.64 -0.15
CA TYR C 35 0.96 9.83 -0.44
C TYR C 35 0.61 10.54 0.88
N LYS C 36 0.14 9.83 1.86
CA LYS C 36 -0.22 10.51 3.13
C LYS C 36 1.01 11.20 3.72
N LEU C 37 2.15 10.57 3.64
CA LEU C 37 3.38 11.20 4.21
C LEU C 37 3.85 12.40 3.36
N HIS C 38 3.80 12.32 2.05
CA HIS C 38 4.29 13.46 1.19
C HIS C 38 3.16 14.06 0.31
N GLN C 39 1.94 13.59 0.45
CA GLN C 39 0.79 14.12 -0.34
C GLN C 39 1.17 14.53 -1.78
N VAL C 40 2.01 13.75 -2.42
CA VAL C 40 2.36 14.03 -3.84
C VAL C 40 2.41 12.69 -4.56
N ASN C 41 2.22 12.68 -5.85
CA ASN C 41 2.22 11.39 -6.61
C ASN C 41 3.67 10.95 -6.92
N ARG C 42 4.01 9.74 -6.58
CA ARG C 42 5.40 9.23 -6.85
C ARG C 42 5.46 8.59 -8.25
N PRO C 43 6.60 8.61 -8.92
CA PRO C 43 6.71 7.96 -10.26
C PRO C 43 6.59 6.43 -10.15
N LEU C 44 6.08 5.77 -11.15
CA LEU C 44 5.94 4.26 -11.07
C LEU C 44 7.31 3.60 -10.90
N THR C 45 8.35 4.36 -10.72
CA THR C 45 9.67 3.73 -10.55
C THR C 45 9.65 2.83 -9.29
N MET C 46 8.65 2.99 -8.46
CA MET C 46 8.56 2.14 -7.21
C MET C 46 7.56 1.01 -7.43
N ARG C 47 6.89 1.00 -8.54
CA ARG C 47 5.89 -0.06 -8.81
C ARG C 47 6.59 -1.34 -9.30
N LYS C 48 6.31 -2.44 -8.65
CA LYS C 48 6.92 -3.75 -9.04
C LYS C 48 5.78 -4.72 -9.36
N ASP C 49 5.92 -5.53 -10.37
CA ASP C 49 4.84 -6.49 -10.74
C ASP C 49 4.22 -7.11 -9.49
N GLY C 50 4.79 -8.19 -9.01
CA GLY C 50 4.23 -8.85 -7.80
C GLY C 50 4.53 -8.02 -6.56
N ILE C 51 4.21 -8.53 -5.40
CA ILE C 51 4.50 -7.79 -4.14
C ILE C 51 5.87 -8.21 -3.60
N GLN C 52 6.65 -7.29 -3.13
CA GLN C 52 7.97 -7.65 -2.58
C GLN C 52 7.77 -8.31 -1.21
N THR C 53 8.64 -9.21 -0.81
CA THR C 53 8.46 -9.88 0.52
C THR C 53 9.80 -9.93 1.25
N ARG C 54 9.73 -10.06 2.54
CA ARG C 54 10.97 -10.13 3.38
C ARG C 54 10.68 -10.97 4.63
N ASN C 55 11.71 -11.35 5.33
CA ASN C 55 11.51 -12.19 6.54
C ASN C 55 10.56 -11.49 7.51
N ARG C 56 9.74 -12.26 8.18
CA ARG C 56 8.72 -11.70 9.12
C ARG C 56 9.37 -10.94 10.29
N LYS C 57 8.99 -9.71 10.49
CA LYS C 57 9.53 -8.91 11.62
C LYS C 57 9.42 -9.75 12.90
N VAL C 58 10.02 -9.33 13.99
CA VAL C 58 9.93 -10.13 15.23
C VAL C 58 8.46 -10.40 15.56
N SER C 59 8.15 -11.59 16.01
CA SER C 59 6.73 -11.89 16.34
C SER C 59 6.39 -11.30 17.70
N SER C 60 6.57 -10.02 17.85
CA SER C 60 6.27 -9.37 19.15
C SER C 60 4.77 -9.42 19.43
N LYS C 61 4.41 -9.77 20.64
CA LYS C 61 2.97 -9.85 21.01
C LYS C 61 2.85 -9.54 22.51
N GLY C 62 1.81 -8.86 22.92
CA GLY C 62 1.67 -8.54 24.37
C GLY C 62 1.28 -9.80 25.15
N LYS C 63 0.93 -9.67 26.39
CA LYS C 63 0.56 -10.87 27.20
C LYS C 63 -0.52 -10.52 28.23
N LYS C 64 -1.21 -11.51 28.73
CA LYS C 64 -2.28 -11.28 29.75
C LYS C 64 -1.99 -12.14 30.98
N ARG C 65 -2.30 -11.66 32.14
CA ARG C 65 -2.03 -12.45 33.38
C ARG C 65 -3.01 -13.64 33.41
N ARG C 66 -2.57 -14.79 33.84
CA ARG C 66 -3.51 -15.95 33.89
C ARG C 66 -4.48 -15.76 35.05
ZN ZN D . 0.00 2.46 -5.92
N LYS C 1 -14.60 -5.40 -2.81
CA LYS C 1 -14.53 -5.71 -4.26
C LYS C 1 -13.07 -5.63 -4.75
N ARG C 2 -12.27 -6.60 -4.40
CA ARG C 2 -10.84 -6.60 -4.86
C ARG C 2 -10.81 -6.77 -6.39
N ALA C 3 -11.67 -7.62 -6.89
CA ALA C 3 -11.72 -7.88 -8.36
C ALA C 3 -11.77 -6.56 -9.16
N GLY C 4 -10.78 -6.34 -10.00
CA GLY C 4 -10.76 -5.09 -10.86
C GLY C 4 -10.14 -3.92 -10.11
N THR C 5 -9.89 -4.05 -8.83
CA THR C 5 -9.32 -2.91 -8.07
C THR C 5 -7.95 -2.57 -8.61
N VAL C 6 -7.80 -1.36 -9.06
CA VAL C 6 -6.49 -0.88 -9.58
C VAL C 6 -6.07 0.32 -8.72
N CYS C 7 -4.82 0.47 -8.43
CA CYS C 7 -4.40 1.61 -7.57
C CYS C 7 -4.57 2.92 -8.32
N SER C 8 -5.40 3.78 -7.82
CA SER C 8 -5.63 5.08 -8.50
C SER C 8 -4.33 5.85 -8.58
N ASN C 9 -3.52 5.83 -7.55
CA ASN C 9 -2.27 6.63 -7.62
C ASN C 9 -1.21 5.95 -8.50
N CYS C 10 -1.03 4.64 -8.48
CA CYS C 10 0.06 4.03 -9.35
C CYS C 10 -0.47 2.87 -10.22
N GLN C 11 -1.77 2.69 -10.33
CA GLN C 11 -2.33 1.62 -11.22
C GLN C 11 -1.83 0.21 -10.89
N THR C 12 -1.04 0.02 -9.88
CA THR C 12 -0.59 -1.37 -9.60
C THR C 12 -1.82 -2.20 -9.21
N SER C 13 -1.85 -3.47 -9.54
CA SER C 13 -3.03 -4.33 -9.16
C SER C 13 -2.58 -5.26 -8.04
N THR C 14 -1.31 -5.24 -7.76
CA THR C 14 -0.77 -6.08 -6.65
C THR C 14 -0.60 -5.18 -5.43
N THR C 15 -1.27 -5.48 -4.34
CA THR C 15 -1.15 -4.63 -3.12
C THR C 15 -1.24 -5.52 -1.87
N THR C 16 -0.59 -5.13 -0.81
CA THR C 16 -0.68 -5.96 0.42
C THR C 16 -2.02 -5.66 1.09
N LEU C 17 -2.42 -4.41 1.09
CA LEU C 17 -3.74 -4.04 1.69
C LEU C 17 -4.33 -2.90 0.86
N TRP C 18 -5.56 -3.02 0.42
CA TRP C 18 -6.16 -1.93 -0.39
C TRP C 18 -6.56 -0.78 0.54
N ARG C 19 -6.18 0.42 0.20
CA ARG C 19 -6.50 1.60 1.06
C ARG C 19 -7.38 2.61 0.30
N ARG C 20 -8.50 3.01 0.83
CA ARG C 20 -9.31 4.01 0.09
C ARG C 20 -8.65 5.36 0.30
N SER C 21 -8.64 6.20 -0.69
CA SER C 21 -8.01 7.54 -0.54
C SER C 21 -9.09 8.54 -0.07
N PRO C 22 -8.70 9.61 0.57
CA PRO C 22 -9.70 10.63 1.04
C PRO C 22 -10.67 11.08 -0.07
N MET C 23 -10.31 10.88 -1.31
CA MET C 23 -11.18 11.30 -2.45
C MET C 23 -12.09 10.15 -2.86
N GLY C 24 -11.76 8.93 -2.47
CA GLY C 24 -12.62 7.76 -2.84
C GLY C 24 -11.99 7.04 -4.04
N ASP C 25 -10.69 7.15 -4.19
CA ASP C 25 -9.99 6.50 -5.33
C ASP C 25 -9.15 5.33 -4.78
N PRO C 26 -9.49 4.09 -5.09
CA PRO C 26 -8.69 2.94 -4.55
C PRO C 26 -7.19 3.13 -4.76
N VAL C 27 -6.42 2.96 -3.70
CA VAL C 27 -4.92 3.08 -3.81
C VAL C 27 -4.27 1.87 -3.15
N CYS C 28 -3.04 1.57 -3.51
CA CYS C 28 -2.35 0.40 -2.89
C CYS C 28 -1.80 0.85 -1.53
N ASN C 29 -1.60 -0.08 -0.63
CA ASN C 29 -1.11 0.30 0.73
C ASN C 29 0.11 1.21 0.66
N ALA C 30 0.97 1.02 -0.29
CA ALA C 30 2.19 1.89 -0.38
C ALA C 30 1.81 3.34 -0.74
N CYS C 31 1.12 3.55 -1.83
CA CYS C 31 0.75 4.96 -2.21
C CYS C 31 0.01 5.65 -1.07
N GLY C 32 -0.85 4.96 -0.42
CA GLY C 32 -1.64 5.61 0.66
C GLY C 32 -0.72 6.17 1.73
N LEU C 33 0.18 5.37 2.22
CA LEU C 33 1.10 5.86 3.29
C LEU C 33 2.01 6.97 2.76
N TYR C 34 2.68 6.75 1.67
CA TYR C 34 3.57 7.82 1.15
C TYR C 34 2.74 9.06 0.83
N TYR C 35 1.61 8.89 0.21
CA TYR C 35 0.77 10.07 -0.15
C TYR C 35 0.34 10.80 1.13
N LYS C 36 -0.08 10.10 2.14
CA LYS C 36 -0.48 10.79 3.40
C LYS C 36 0.71 11.58 3.96
N LEU C 37 1.88 11.03 3.94
CA LEU C 37 3.06 11.76 4.49
C LEU C 37 3.46 12.94 3.58
N HIS C 38 3.52 12.75 2.27
CA HIS C 38 3.96 13.87 1.36
C HIS C 38 2.85 14.34 0.41
N GLN C 39 1.68 13.76 0.46
CA GLN C 39 0.54 14.17 -0.42
C GLN C 39 1.00 14.59 -1.82
N VAL C 40 1.81 13.78 -2.44
CA VAL C 40 2.27 14.05 -3.83
C VAL C 40 2.31 12.74 -4.59
N ASN C 41 2.17 12.78 -5.89
CA ASN C 41 2.20 11.51 -6.69
C ASN C 41 3.65 11.14 -6.98
N ARG C 42 4.06 9.94 -6.64
CA ARG C 42 5.47 9.51 -6.87
C ARG C 42 5.61 8.84 -8.25
N PRO C 43 6.76 8.93 -8.89
CA PRO C 43 6.96 8.30 -10.24
C PRO C 43 6.81 6.76 -10.21
N LEU C 44 6.36 6.18 -11.29
CA LEU C 44 6.17 4.70 -11.34
C LEU C 44 7.52 4.01 -11.26
N THR C 45 8.59 4.74 -11.33
CA THR C 45 9.93 4.08 -11.26
C THR C 45 10.00 3.32 -9.91
N MET C 46 9.04 3.53 -9.03
CA MET C 46 9.06 2.81 -7.71
C MET C 46 8.06 1.64 -7.75
N ARG C 47 7.27 1.56 -8.79
CA ARG C 47 6.27 0.46 -8.91
C ARG C 47 6.90 -0.80 -9.48
N LYS C 48 6.54 -1.94 -8.95
CA LYS C 48 7.11 -3.24 -9.44
C LYS C 48 5.95 -4.23 -9.61
N ASP C 49 6.12 -5.26 -10.39
CA ASP C 49 4.99 -6.22 -10.61
C ASP C 49 4.65 -6.97 -9.30
N GLY C 50 5.48 -7.90 -8.91
CA GLY C 50 5.18 -8.68 -7.67
C GLY C 50 5.32 -7.79 -6.41
N ILE C 51 4.93 -8.33 -5.27
CA ILE C 51 5.06 -7.59 -3.99
C ILE C 51 6.40 -7.94 -3.34
N GLN C 52 7.05 -6.97 -2.76
CA GLN C 52 8.35 -7.25 -2.07
C GLN C 52 8.08 -7.85 -0.69
N THR C 53 8.99 -8.64 -0.19
CA THR C 53 8.79 -9.27 1.14
C THR C 53 10.09 -9.22 1.94
N ARG C 54 9.98 -9.35 3.23
CA ARG C 54 11.19 -9.30 4.12
C ARG C 54 11.02 -10.34 5.23
N ASN C 55 12.04 -10.54 6.01
CA ASN C 55 11.91 -11.53 7.12
C ASN C 55 10.81 -11.05 8.07
N ARG C 56 9.97 -11.95 8.49
CA ARG C 56 8.83 -11.58 9.38
C ARG C 56 9.30 -10.94 10.70
N LYS C 57 8.77 -9.79 11.02
CA LYS C 57 9.13 -9.11 12.30
C LYS C 57 9.05 -10.13 13.43
N VAL C 58 9.63 -9.83 14.56
CA VAL C 58 9.56 -10.78 15.69
C VAL C 58 8.11 -11.17 15.92
N SER C 59 7.84 -12.44 15.99
CA SER C 59 6.43 -12.89 16.20
C SER C 59 6.08 -12.82 17.68
N SER C 60 5.20 -11.92 18.06
CA SER C 60 4.78 -11.79 19.48
C SER C 60 3.35 -12.30 19.64
N LYS C 61 3.22 -13.41 20.32
CA LYS C 61 1.87 -14.02 20.52
C LYS C 61 1.79 -14.61 21.93
N GLY C 62 0.61 -14.74 22.46
CA GLY C 62 0.47 -15.31 23.84
C GLY C 62 0.85 -16.80 23.79
N LYS C 63 2.06 -17.10 23.41
CA LYS C 63 2.48 -18.52 23.31
C LYS C 63 2.22 -19.25 24.63
N LYS C 64 3.19 -19.25 25.52
CA LYS C 64 3.03 -19.94 26.83
C LYS C 64 3.47 -19.02 27.97
N ARG C 65 2.99 -19.24 29.17
CA ARG C 65 3.39 -18.38 30.30
C ARG C 65 4.90 -18.50 30.52
N ARG C 66 5.54 -17.46 30.98
CA ARG C 66 7.01 -17.52 31.22
C ARG C 66 7.33 -18.70 32.11
ZN ZN D . -0.20 2.60 -5.67
N LYS C 1 -12.85 -6.00 -1.79
CA LYS C 1 -13.28 -5.88 -3.22
C LYS C 1 -12.05 -5.59 -4.08
N ARG C 2 -11.45 -6.61 -4.61
CA ARG C 2 -10.24 -6.41 -5.48
C ARG C 2 -10.67 -6.51 -6.95
N ALA C 3 -11.92 -6.76 -7.21
CA ALA C 3 -12.39 -6.89 -8.62
C ALA C 3 -12.49 -5.51 -9.29
N GLY C 4 -11.71 -5.28 -10.31
CA GLY C 4 -11.77 -3.97 -11.04
C GLY C 4 -10.97 -2.92 -10.29
N THR C 5 -10.56 -3.20 -9.09
CA THR C 5 -9.80 -2.17 -8.32
C THR C 5 -8.39 -1.99 -8.85
N VAL C 6 -8.12 -0.86 -9.45
CA VAL C 6 -6.74 -0.55 -9.94
C VAL C 6 -6.26 0.62 -9.09
N CYS C 7 -5.02 0.63 -8.70
CA CYS C 7 -4.54 1.75 -7.87
C CYS C 7 -4.69 3.06 -8.63
N SER C 8 -5.44 3.97 -8.10
CA SER C 8 -5.63 5.28 -8.77
C SER C 8 -4.29 5.99 -8.93
N ASN C 9 -3.43 5.93 -7.94
CA ASN C 9 -2.13 6.65 -8.07
C ASN C 9 -1.13 5.91 -8.96
N CYS C 10 -1.04 4.58 -8.91
CA CYS C 10 0.00 3.90 -9.78
C CYS C 10 -0.59 2.72 -10.58
N GLN C 11 -1.89 2.60 -10.65
CA GLN C 11 -2.51 1.51 -11.48
C GLN C 11 -2.10 0.09 -11.08
N THR C 12 -1.26 -0.10 -10.09
CA THR C 12 -0.91 -1.51 -9.74
C THR C 12 -2.19 -2.24 -9.32
N SER C 13 -2.33 -3.52 -9.64
CA SER C 13 -3.56 -4.29 -9.23
C SER C 13 -3.18 -5.22 -8.09
N THR C 14 -1.91 -5.32 -7.82
CA THR C 14 -1.42 -6.18 -6.71
C THR C 14 -1.13 -5.26 -5.53
N THR C 15 -1.78 -5.46 -4.42
CA THR C 15 -1.55 -4.58 -3.24
C THR C 15 -1.66 -5.41 -1.97
N THR C 16 -0.90 -5.08 -0.95
CA THR C 16 -1.02 -5.87 0.29
C THR C 16 -2.30 -5.41 1.01
N LEU C 17 -2.59 -4.13 0.99
CA LEU C 17 -3.85 -3.64 1.64
C LEU C 17 -4.43 -2.52 0.76
N TRP C 18 -5.70 -2.57 0.43
CA TRP C 18 -6.29 -1.49 -0.44
C TRP C 18 -6.61 -0.27 0.43
N ARG C 19 -6.19 0.89 -0.01
CA ARG C 19 -6.44 2.14 0.77
C ARG C 19 -7.40 3.05 0.00
N ARG C 20 -7.76 4.18 0.57
CA ARG C 20 -8.66 5.14 -0.12
C ARG C 20 -8.03 6.53 -0.02
N SER C 21 -8.11 7.31 -1.07
CA SER C 21 -7.50 8.68 -1.03
C SER C 21 -8.55 9.71 -0.59
N PRO C 22 -8.12 10.85 -0.09
CA PRO C 22 -9.07 11.92 0.35
C PRO C 22 -10.09 12.28 -0.75
N MET C 23 -9.81 11.92 -1.98
CA MET C 23 -10.75 12.26 -3.09
C MET C 23 -11.71 11.09 -3.33
N GLY C 24 -11.40 9.93 -2.80
CA GLY C 24 -12.29 8.74 -3.00
C GLY C 24 -11.78 7.91 -4.18
N ASP C 25 -10.50 7.95 -4.41
CA ASP C 25 -9.90 7.17 -5.54
C ASP C 25 -9.10 5.97 -4.96
N PRO C 26 -9.51 4.74 -5.21
CA PRO C 26 -8.76 3.57 -4.65
C PRO C 26 -7.23 3.67 -4.89
N VAL C 27 -6.45 3.24 -3.93
CA VAL C 27 -4.95 3.29 -4.09
C VAL C 27 -4.32 2.07 -3.40
N CYS C 28 -3.11 1.71 -3.78
CA CYS C 28 -2.44 0.54 -3.15
C CYS C 28 -1.77 0.94 -1.82
N ASN C 29 -1.56 -0.02 -0.95
CA ASN C 29 -0.96 0.25 0.40
C ASN C 29 0.27 1.16 0.33
N ALA C 30 1.08 1.05 -0.68
CA ALA C 30 2.28 1.93 -0.73
C ALA C 30 1.91 3.35 -1.16
N CYS C 31 1.10 3.51 -2.19
CA CYS C 31 0.75 4.90 -2.64
C CYS C 31 0.07 5.65 -1.51
N GLY C 32 -0.82 5.02 -0.82
CA GLY C 32 -1.53 5.75 0.26
C GLY C 32 -0.52 6.25 1.29
N LEU C 33 0.34 5.41 1.76
CA LEU C 33 1.34 5.85 2.76
C LEU C 33 2.30 6.87 2.13
N TYR C 34 2.86 6.56 0.99
CA TYR C 34 3.80 7.54 0.36
C TYR C 34 3.07 8.85 0.07
N TYR C 35 1.89 8.78 -0.49
CA TYR C 35 1.14 10.00 -0.83
C TYR C 35 0.76 10.78 0.43
N LYS C 36 0.27 10.13 1.43
CA LYS C 36 -0.12 10.87 2.66
C LYS C 36 1.09 11.60 3.25
N LEU C 37 2.22 10.97 3.24
CA LEU C 37 3.44 11.61 3.81
C LEU C 37 3.98 12.73 2.89
N HIS C 38 3.96 12.56 1.58
CA HIS C 38 4.51 13.61 0.66
C HIS C 38 3.45 14.17 -0.30
N GLN C 39 2.25 13.69 -0.24
CA GLN C 39 1.16 14.20 -1.14
C GLN C 39 1.64 14.59 -2.55
N VAL C 40 2.44 13.76 -3.16
CA VAL C 40 2.89 14.02 -4.55
C VAL C 40 2.87 12.69 -5.30
N ASN C 41 2.68 12.73 -6.59
CA ASN C 41 2.64 11.45 -7.36
C ASN C 41 4.07 10.99 -7.65
N ARG C 42 4.44 9.85 -7.15
CA ARG C 42 5.82 9.32 -7.35
C ARG C 42 5.84 8.40 -8.60
N PRO C 43 6.82 8.52 -9.49
CA PRO C 43 6.87 7.64 -10.70
C PRO C 43 6.55 6.17 -10.39
N LEU C 44 6.01 5.46 -11.35
CA LEU C 44 5.64 4.02 -11.13
C LEU C 44 6.89 3.16 -10.94
N THR C 45 8.03 3.67 -11.30
CA THR C 45 9.27 2.87 -11.14
C THR C 45 9.34 2.32 -9.71
N MET C 46 8.48 2.79 -8.85
CA MET C 46 8.48 2.30 -7.44
C MET C 46 8.00 0.85 -7.37
N ARG C 47 7.00 0.51 -8.13
CA ARG C 47 6.46 -0.88 -8.11
C ARG C 47 7.30 -1.82 -8.98
N LYS C 48 7.23 -3.10 -8.68
CA LYS C 48 7.95 -4.13 -9.47
C LYS C 48 6.92 -4.99 -10.21
N ASP C 49 7.28 -6.20 -10.57
CA ASP C 49 6.32 -7.08 -11.28
C ASP C 49 5.57 -7.96 -10.26
N GLY C 50 5.82 -7.77 -8.99
CA GLY C 50 5.11 -8.58 -7.95
C GLY C 50 5.11 -7.78 -6.63
N ILE C 51 4.55 -8.32 -5.58
CA ILE C 51 4.58 -7.60 -4.28
C ILE C 51 5.94 -7.89 -3.62
N GLN C 52 6.56 -6.90 -3.02
CA GLN C 52 7.89 -7.15 -2.38
C GLN C 52 7.70 -7.80 -1.01
N THR C 53 8.61 -8.64 -0.62
CA THR C 53 8.50 -9.31 0.71
C THR C 53 9.87 -9.36 1.38
N ARG C 54 9.88 -9.56 2.66
CA ARG C 54 11.15 -9.61 3.42
C ARG C 54 10.99 -10.52 4.64
N ASN C 55 12.08 -10.97 5.20
CA ASN C 55 11.97 -11.86 6.40
C ASN C 55 11.10 -11.15 7.44
N ARG C 56 10.21 -11.87 8.06
CA ARG C 56 9.31 -11.26 9.09
C ARG C 56 10.09 -10.89 10.34
N LYS C 57 9.79 -9.75 10.91
CA LYS C 57 10.51 -9.33 12.15
C LYS C 57 10.24 -10.32 13.29
N VAL C 58 10.63 -9.97 14.48
CA VAL C 58 10.41 -10.90 15.63
C VAL C 58 8.90 -11.13 15.81
N SER C 59 8.49 -12.36 15.92
CA SER C 59 7.04 -12.63 16.11
C SER C 59 6.66 -12.16 17.52
N SER C 60 5.44 -11.73 17.70
CA SER C 60 5.00 -11.26 19.04
C SER C 60 3.52 -11.57 19.24
N LYS C 61 3.17 -12.13 20.37
CA LYS C 61 1.73 -12.47 20.62
C LYS C 61 1.43 -12.44 22.12
N GLY C 62 2.38 -12.79 22.94
CA GLY C 62 2.14 -12.78 24.40
C GLY C 62 3.46 -13.01 25.13
N LYS C 63 4.46 -12.23 24.83
CA LYS C 63 5.78 -12.41 25.51
C LYS C 63 5.59 -12.22 27.01
N LYS C 64 4.80 -11.27 27.42
CA LYS C 64 4.59 -11.06 28.88
C LYS C 64 3.60 -12.11 29.39
N ARG C 65 3.94 -12.80 30.44
CA ARG C 65 3.02 -13.85 31.01
C ARG C 65 2.41 -13.32 32.30
N ARG C 66 1.11 -13.42 32.44
CA ARG C 66 0.46 -12.94 33.69
C ARG C 66 0.53 -14.03 34.75
ZN ZN D . -0.28 2.51 -6.06
N LYS C 1 -13.04 -6.23 -2.25
CA LYS C 1 -13.31 -6.09 -3.71
C LYS C 1 -12.01 -5.77 -4.45
N ARG C 2 -11.23 -6.79 -4.72
CA ARG C 2 -9.94 -6.57 -5.45
C ARG C 2 -10.18 -6.68 -6.96
N ALA C 3 -11.39 -6.99 -7.35
CA ALA C 3 -11.68 -7.13 -8.81
C ALA C 3 -11.80 -5.75 -9.44
N GLY C 4 -10.87 -5.40 -10.29
CA GLY C 4 -10.93 -4.07 -10.97
C GLY C 4 -10.24 -3.01 -10.11
N THR C 5 -9.90 -3.32 -8.89
CA THR C 5 -9.26 -2.28 -8.03
C THR C 5 -7.84 -1.99 -8.51
N VAL C 6 -7.60 -0.77 -8.89
CA VAL C 6 -6.25 -0.34 -9.37
C VAL C 6 -5.76 0.78 -8.45
N CYS C 7 -4.50 0.84 -8.15
CA CYS C 7 -4.00 1.92 -7.26
C CYS C 7 -3.84 3.20 -8.07
N SER C 8 -4.43 4.27 -7.60
CA SER C 8 -4.37 5.57 -8.34
C SER C 8 -2.95 6.10 -8.50
N ASN C 9 -2.09 5.98 -7.52
CA ASN C 9 -0.71 6.52 -7.72
C ASN C 9 0.10 5.54 -8.55
N CYS C 10 -0.08 4.26 -8.32
CA CYS C 10 0.66 3.24 -9.12
C CYS C 10 -0.33 2.18 -9.61
N GLN C 11 -0.89 2.49 -10.74
CA GLN C 11 -1.93 1.65 -11.46
C GLN C 11 -1.70 0.11 -11.36
N THR C 12 -1.11 -0.37 -10.31
CA THR C 12 -0.90 -1.84 -10.18
C THR C 12 -2.23 -2.53 -9.87
N SER C 13 -2.23 -3.83 -9.84
CA SER C 13 -3.47 -4.59 -9.48
C SER C 13 -3.09 -5.58 -8.39
N THR C 14 -1.88 -5.49 -7.93
CA THR C 14 -1.37 -6.36 -6.83
C THR C 14 -1.06 -5.48 -5.64
N THR C 15 -1.64 -5.77 -4.50
CA THR C 15 -1.37 -4.93 -3.30
C THR C 15 -1.46 -5.80 -2.04
N THR C 16 -0.74 -5.44 -1.01
CA THR C 16 -0.84 -6.22 0.23
C THR C 16 -2.10 -5.76 0.97
N LEU C 17 -2.37 -4.48 0.94
CA LEU C 17 -3.60 -3.95 1.61
C LEU C 17 -4.16 -2.79 0.77
N TRP C 18 -5.43 -2.79 0.45
CA TRP C 18 -6.01 -1.67 -0.35
C TRP C 18 -6.33 -0.50 0.59
N ARG C 19 -5.85 0.67 0.28
CA ARG C 19 -6.11 1.87 1.14
C ARG C 19 -6.98 2.90 0.40
N ARG C 20 -8.14 3.23 0.90
CA ARG C 20 -8.95 4.27 0.21
C ARG C 20 -8.25 5.61 0.45
N SER C 21 -8.22 6.49 -0.53
CA SER C 21 -7.51 7.81 -0.33
C SER C 21 -8.51 8.86 0.20
N PRO C 22 -8.06 9.87 0.91
CA PRO C 22 -8.97 10.92 1.43
C PRO C 22 -9.94 11.44 0.36
N MET C 23 -9.55 11.35 -0.89
CA MET C 23 -10.42 11.84 -2.01
C MET C 23 -11.33 10.72 -2.48
N GLY C 24 -11.02 9.50 -2.11
CA GLY C 24 -11.84 8.33 -2.52
C GLY C 24 -11.16 7.63 -3.71
N ASP C 25 -9.89 7.88 -3.91
CA ASP C 25 -9.16 7.24 -5.04
C ASP C 25 -8.44 5.95 -4.55
N PRO C 26 -8.83 4.77 -4.98
CA PRO C 26 -8.14 3.52 -4.51
C PRO C 26 -6.60 3.60 -4.63
N VAL C 27 -5.89 3.26 -3.58
CA VAL C 27 -4.39 3.25 -3.64
C VAL C 27 -3.88 1.99 -2.94
N CYS C 28 -2.72 1.52 -3.32
CA CYS C 28 -2.17 0.31 -2.65
C CYS C 28 -1.57 0.73 -1.31
N ASN C 29 -1.29 -0.19 -0.45
CA ASN C 29 -0.77 0.17 0.89
C ASN C 29 0.48 1.06 0.79
N ALA C 30 1.37 0.76 -0.11
CA ALA C 30 2.62 1.59 -0.22
C ALA C 30 2.28 3.04 -0.54
N CYS C 31 1.63 3.29 -1.64
CA CYS C 31 1.30 4.71 -2.02
C CYS C 31 0.44 5.36 -0.95
N GLY C 32 -0.49 4.64 -0.41
CA GLY C 32 -1.37 5.26 0.62
C GLY C 32 -0.53 5.82 1.76
N LEU C 33 0.38 5.03 2.28
CA LEU C 33 1.23 5.53 3.40
C LEU C 33 2.14 6.66 2.93
N TYR C 34 2.86 6.47 1.87
CA TYR C 34 3.76 7.55 1.39
C TYR C 34 2.94 8.81 1.06
N TYR C 35 1.84 8.64 0.38
CA TYR C 35 1.00 9.82 0.02
C TYR C 35 0.56 10.54 1.29
N LYS C 36 0.14 9.83 2.28
CA LYS C 36 -0.30 10.50 3.52
C LYS C 36 0.87 11.30 4.11
N LEU C 37 2.03 10.72 4.17
CA LEU C 37 3.20 11.45 4.76
C LEU C 37 3.68 12.60 3.86
N HIS C 38 3.76 12.38 2.56
CA HIS C 38 4.27 13.45 1.64
C HIS C 38 3.17 14.01 0.72
N GLN C 39 2.01 13.41 0.67
CA GLN C 39 0.90 13.91 -0.20
C GLN C 39 1.37 14.41 -1.56
N VAL C 40 2.19 13.63 -2.23
CA VAL C 40 2.65 13.99 -3.60
C VAL C 40 2.66 12.69 -4.41
N ASN C 41 2.47 12.77 -5.69
CA ASN C 41 2.46 11.52 -6.51
C ASN C 41 3.90 11.13 -6.91
N ARG C 42 4.27 9.89 -6.69
CA ARG C 42 5.66 9.43 -7.05
C ARG C 42 5.61 8.54 -8.31
N PRO C 43 6.66 8.51 -9.13
CA PRO C 43 6.68 7.65 -10.35
C PRO C 43 6.54 6.14 -10.03
N LEU C 44 6.01 5.39 -10.95
CA LEU C 44 5.84 3.92 -10.74
C LEU C 44 7.21 3.26 -10.56
N THR C 45 8.25 4.04 -10.47
CA THR C 45 9.60 3.44 -10.29
C THR C 45 9.67 2.72 -8.94
N MET C 46 8.69 2.96 -8.09
CA MET C 46 8.69 2.28 -6.75
C MET C 46 7.79 1.05 -6.81
N ARG C 47 6.89 1.05 -7.75
CA ARG C 47 5.95 -0.08 -7.91
C ARG C 47 6.61 -1.23 -8.70
N LYS C 48 6.28 -2.45 -8.37
CA LYS C 48 6.85 -3.63 -9.09
C LYS C 48 5.71 -4.57 -9.47
N ASP C 49 5.84 -5.32 -10.53
CA ASP C 49 4.75 -6.25 -10.96
C ASP C 49 4.21 -7.00 -9.74
N GLY C 50 4.88 -8.04 -9.35
CA GLY C 50 4.41 -8.84 -8.17
C GLY C 50 4.60 -8.01 -6.90
N ILE C 51 4.31 -8.57 -5.76
CA ILE C 51 4.49 -7.82 -4.48
C ILE C 51 5.89 -8.10 -3.92
N GLN C 52 6.49 -7.09 -3.36
CA GLN C 52 7.84 -7.28 -2.75
C GLN C 52 7.66 -7.94 -1.39
N THR C 53 8.63 -8.68 -0.94
CA THR C 53 8.50 -9.36 0.39
C THR C 53 9.83 -9.29 1.15
N ARG C 54 9.74 -9.43 2.44
CA ARG C 54 10.95 -9.40 3.31
C ARG C 54 10.75 -10.35 4.48
N ASN C 55 11.79 -10.57 5.24
CA ASN C 55 11.67 -11.49 6.40
C ASN C 55 10.61 -10.93 7.34
N ARG C 56 9.75 -11.77 7.84
CA ARG C 56 8.68 -11.30 8.75
C ARG C 56 9.27 -10.65 9.99
N LYS C 57 8.83 -9.47 10.32
CA LYS C 57 9.36 -8.76 11.52
C LYS C 57 9.43 -9.75 12.69
N VAL C 58 10.19 -9.45 13.71
CA VAL C 58 10.29 -10.38 14.87
C VAL C 58 8.89 -10.76 15.35
N SER C 59 8.67 -12.01 15.70
CA SER C 59 7.32 -12.41 16.18
C SER C 59 7.25 -12.13 17.68
N SER C 60 7.96 -11.13 18.12
CA SER C 60 7.98 -10.78 19.56
C SER C 60 6.55 -10.66 20.10
N LYS C 61 5.63 -10.22 19.28
CA LYS C 61 4.22 -10.09 19.76
C LYS C 61 3.67 -11.47 20.07
N GLY C 62 3.98 -12.44 19.24
CA GLY C 62 3.48 -13.82 19.48
C GLY C 62 4.45 -14.55 20.41
N LYS C 63 3.96 -15.51 21.15
CA LYS C 63 4.86 -16.26 22.08
C LYS C 63 4.39 -17.72 22.14
N LYS C 64 5.30 -18.64 22.18
CA LYS C 64 4.90 -20.07 22.24
C LYS C 64 4.56 -20.43 23.69
N ARG C 65 5.42 -21.14 24.37
CA ARG C 65 5.13 -21.51 25.79
C ARG C 65 6.44 -21.67 26.55
N ARG C 66 6.58 -20.99 27.66
CA ARG C 66 7.83 -21.11 28.47
C ARG C 66 7.56 -20.60 29.88
ZN ZN D . 0.33 2.21 -5.34
N LYS C 1 -14.84 -6.51 -3.73
CA LYS C 1 -14.31 -5.12 -3.75
C LYS C 1 -12.94 -5.11 -4.45
N ARG C 2 -12.25 -6.23 -4.45
CA ARG C 2 -10.92 -6.28 -5.12
C ARG C 2 -11.12 -6.46 -6.63
N ALA C 3 -12.31 -6.79 -7.04
CA ALA C 3 -12.56 -7.01 -8.49
C ALA C 3 -12.48 -5.70 -9.26
N GLY C 4 -11.46 -5.55 -10.07
CA GLY C 4 -11.31 -4.31 -10.89
C GLY C 4 -10.54 -3.23 -10.11
N THR C 5 -10.25 -3.47 -8.87
CA THR C 5 -9.53 -2.44 -8.07
C THR C 5 -8.10 -2.26 -8.58
N VAL C 6 -7.82 -1.12 -9.15
CA VAL C 6 -6.44 -0.81 -9.62
C VAL C 6 -6.02 0.44 -8.89
N CYS C 7 -4.80 0.53 -8.47
CA CYS C 7 -4.37 1.73 -7.72
C CYS C 7 -4.53 2.96 -8.59
N SER C 8 -5.34 3.87 -8.16
CA SER C 8 -5.57 5.10 -8.95
C SER C 8 -4.24 5.83 -9.11
N ASN C 9 -3.43 5.88 -8.09
CA ASN C 9 -2.16 6.62 -8.22
C ASN C 9 -1.11 5.84 -9.03
N CYS C 10 -0.99 4.52 -8.89
CA CYS C 10 0.07 3.79 -9.70
C CYS C 10 -0.48 2.59 -10.47
N GLN C 11 -1.78 2.44 -10.58
CA GLN C 11 -2.37 1.32 -11.40
C GLN C 11 -1.90 -0.08 -10.95
N THR C 12 -1.07 -0.20 -9.96
CA THR C 12 -0.65 -1.59 -9.56
C THR C 12 -1.89 -2.34 -9.06
N SER C 13 -1.88 -3.67 -9.09
CA SER C 13 -3.08 -4.44 -8.62
C SER C 13 -2.66 -5.52 -7.59
N THR C 14 -1.41 -5.54 -7.18
CA THR C 14 -0.94 -6.56 -6.18
C THR C 14 -0.69 -5.88 -4.84
N THR C 15 -1.64 -5.12 -4.40
CA THR C 15 -1.46 -4.36 -3.12
C THR C 15 -1.58 -5.26 -1.89
N THR C 16 -0.84 -4.97 -0.86
CA THR C 16 -0.96 -5.79 0.37
C THR C 16 -2.29 -5.44 1.02
N LEU C 17 -2.61 -4.17 1.04
CA LEU C 17 -3.91 -3.70 1.63
C LEU C 17 -4.44 -2.54 0.77
N TRP C 18 -5.68 -2.59 0.38
CA TRP C 18 -6.24 -1.50 -0.45
C TRP C 18 -6.60 -0.29 0.44
N ARG C 19 -6.11 0.88 0.09
CA ARG C 19 -6.42 2.10 0.90
C ARG C 19 -7.37 2.99 0.09
N ARG C 20 -7.79 4.08 0.67
CA ARG C 20 -8.69 5.04 -0.04
C ARG C 20 -8.09 6.44 0.14
N SER C 21 -8.10 7.26 -0.88
CA SER C 21 -7.52 8.64 -0.75
C SER C 21 -8.63 9.63 -0.34
N PRO C 22 -8.29 10.74 0.27
CA PRO C 22 -9.31 11.74 0.69
C PRO C 22 -10.27 12.14 -0.45
N MET C 23 -9.92 11.81 -1.67
CA MET C 23 -10.80 12.17 -2.83
C MET C 23 -11.72 10.98 -3.17
N GLY C 24 -11.46 9.82 -2.61
CA GLY C 24 -12.30 8.64 -2.92
C GLY C 24 -11.70 7.88 -4.11
N ASP C 25 -10.40 7.92 -4.25
CA ASP C 25 -9.72 7.22 -5.37
C ASP C 25 -8.95 6.00 -4.82
N PRO C 26 -9.31 4.77 -5.17
CA PRO C 26 -8.57 3.57 -4.64
C PRO C 26 -7.05 3.69 -4.83
N VAL C 27 -6.31 3.24 -3.85
CA VAL C 27 -4.81 3.28 -3.96
C VAL C 27 -4.20 2.05 -3.29
N CYS C 28 -2.98 1.70 -3.64
CA CYS C 28 -2.33 0.52 -3.01
C CYS C 28 -1.69 0.93 -1.68
N ASN C 29 -1.50 -0.01 -0.79
CA ASN C 29 -0.91 0.29 0.55
C ASN C 29 0.31 1.21 0.45
N ALA C 30 1.14 1.02 -0.51
CA ALA C 30 2.36 1.88 -0.61
C ALA C 30 1.99 3.32 -0.99
N CYS C 31 1.22 3.52 -2.04
CA CYS C 31 0.88 4.92 -2.47
C CYS C 31 0.21 5.68 -1.32
N GLY C 32 -0.62 5.03 -0.57
CA GLY C 32 -1.31 5.75 0.55
C GLY C 32 -0.29 6.32 1.51
N LEU C 33 0.65 5.53 1.94
CA LEU C 33 1.67 6.04 2.90
C LEU C 33 2.60 7.05 2.20
N TYR C 34 3.11 6.74 1.04
CA TYR C 34 4.02 7.68 0.35
C TYR C 34 3.26 8.99 0.09
N TYR C 35 2.02 8.90 -0.28
CA TYR C 35 1.22 10.11 -0.58
C TYR C 35 1.16 11.02 0.66
N LYS C 36 0.92 10.48 1.81
CA LYS C 36 0.84 11.35 3.02
C LYS C 36 2.13 12.16 3.19
N LEU C 37 3.28 11.55 3.07
CA LEU C 37 4.55 12.33 3.20
C LEU C 37 4.74 13.20 1.95
N HIS C 38 4.34 12.69 0.83
CA HIS C 38 4.47 13.40 -0.48
C HIS C 38 3.09 13.77 -1.00
N GLN C 39 2.24 14.24 -0.13
CA GLN C 39 0.81 14.62 -0.50
C GLN C 39 0.76 15.13 -1.97
N VAL C 40 1.15 14.29 -2.88
CA VAL C 40 1.14 14.62 -4.32
C VAL C 40 1.19 13.31 -5.12
N ASN C 41 1.08 13.38 -6.41
CA ASN C 41 1.14 12.12 -7.21
C ASN C 41 2.62 11.73 -7.37
N ARG C 42 2.97 10.51 -7.06
CA ARG C 42 4.40 10.05 -7.14
C ARG C 42 4.70 9.29 -8.46
N PRO C 43 5.95 9.28 -8.92
CA PRO C 43 6.31 8.55 -10.16
C PRO C 43 6.25 7.02 -9.97
N LEU C 44 5.97 6.29 -11.00
CA LEU C 44 5.86 4.81 -10.89
C LEU C 44 7.26 4.19 -10.66
N THR C 45 8.22 4.96 -10.30
CA THR C 45 9.58 4.39 -10.06
C THR C 45 9.53 3.44 -8.84
N MET C 46 8.52 3.58 -8.01
CA MET C 46 8.42 2.69 -6.79
C MET C 46 7.46 1.52 -7.04
N ARG C 47 6.84 1.48 -8.18
CA ARG C 47 5.88 0.39 -8.48
C ARG C 47 6.61 -0.88 -8.99
N LYS C 48 6.31 -2.02 -8.40
CA LYS C 48 6.95 -3.32 -8.85
C LYS C 48 5.82 -4.32 -9.16
N ASP C 49 6.03 -5.18 -10.13
CA ASP C 49 4.95 -6.14 -10.50
C ASP C 49 4.37 -6.80 -9.25
N GLY C 50 4.97 -7.87 -8.81
CA GLY C 50 4.44 -8.57 -7.61
C GLY C 50 4.77 -7.76 -6.36
N ILE C 51 4.49 -8.31 -5.20
CA ILE C 51 4.78 -7.58 -3.93
C ILE C 51 6.18 -7.94 -3.43
N GLN C 52 6.92 -6.95 -3.01
CA GLN C 52 8.29 -7.19 -2.47
C GLN C 52 8.17 -7.88 -1.11
N THR C 53 9.15 -8.65 -0.71
CA THR C 53 9.05 -9.36 0.60
C THR C 53 10.41 -9.42 1.32
N ARG C 54 10.35 -9.59 2.61
CA ARG C 54 11.58 -9.68 3.45
C ARG C 54 11.28 -10.57 4.66
N ASN C 55 12.28 -10.92 5.41
CA ASN C 55 12.03 -11.77 6.60
C ASN C 55 10.98 -11.07 7.47
N ARG C 56 10.01 -11.80 7.96
CA ARG C 56 8.92 -11.19 8.78
C ARG C 56 9.48 -10.49 10.02
N LYS C 57 9.07 -9.27 10.24
CA LYS C 57 9.53 -8.51 11.43
C LYS C 57 9.39 -9.38 12.67
N VAL C 58 10.15 -9.11 13.70
CA VAL C 58 10.02 -9.91 14.95
C VAL C 58 8.53 -9.93 15.32
N SER C 59 8.13 -10.65 16.33
CA SER C 59 6.67 -10.65 16.63
C SER C 59 6.22 -9.20 16.81
N SER C 60 4.98 -8.90 16.52
CA SER C 60 4.54 -7.48 16.66
C SER C 60 4.94 -6.97 18.04
N LYS C 61 4.59 -7.70 19.06
CA LYS C 61 4.97 -7.30 20.45
C LYS C 61 5.47 -8.55 21.18
N GLY C 62 6.40 -8.39 22.07
CA GLY C 62 6.92 -9.58 22.80
C GLY C 62 7.69 -9.10 24.03
N LYS C 63 8.07 -10.02 24.89
CA LYS C 63 8.82 -9.62 26.12
C LYS C 63 9.82 -10.71 26.48
N LYS C 64 10.91 -10.34 27.11
CA LYS C 64 11.94 -11.35 27.52
C LYS C 64 12.21 -11.19 29.02
N ARG C 65 11.98 -10.02 29.55
CA ARG C 65 12.22 -9.79 31.01
C ARG C 65 11.19 -8.80 31.55
N ARG C 66 10.95 -8.83 32.85
CA ARG C 66 9.95 -7.91 33.45
C ARG C 66 10.24 -6.47 33.01
ZN ZN D . -0.15 2.52 -5.87
N LYS C 1 -15.40 -5.19 -2.13
CA LYS C 1 -15.35 -4.44 -3.42
C LYS C 1 -13.91 -4.29 -3.91
N ARG C 2 -13.16 -5.37 -3.93
CA ARG C 2 -11.74 -5.30 -4.42
C ARG C 2 -11.72 -5.80 -5.87
N ALA C 3 -12.87 -5.95 -6.44
CA ALA C 3 -12.97 -6.44 -7.84
C ALA C 3 -12.73 -5.29 -8.82
N GLY C 4 -11.62 -5.32 -9.52
CA GLY C 4 -11.33 -4.24 -10.50
C GLY C 4 -10.55 -3.09 -9.84
N THR C 5 -10.26 -3.20 -8.57
CA THR C 5 -9.53 -2.07 -7.91
C THR C 5 -8.11 -1.94 -8.46
N VAL C 6 -7.82 -0.80 -9.03
CA VAL C 6 -6.46 -0.52 -9.58
C VAL C 6 -5.94 0.71 -8.86
N CYS C 7 -4.69 0.77 -8.52
CA CYS C 7 -4.19 1.96 -7.81
C CYS C 7 -4.33 3.20 -8.66
N SER C 8 -5.14 4.12 -8.21
CA SER C 8 -5.34 5.37 -8.98
C SER C 8 -4.00 6.10 -9.11
N ASN C 9 -3.19 6.11 -8.07
CA ASN C 9 -1.90 6.86 -8.16
C ASN C 9 -0.86 6.11 -9.01
N CYS C 10 -0.74 4.79 -8.91
CA CYS C 10 0.32 4.10 -9.73
C CYS C 10 -0.25 2.93 -10.55
N GLN C 11 -1.56 2.80 -10.64
CA GLN C 11 -2.19 1.73 -11.48
C GLN C 11 -1.84 0.30 -11.04
N THR C 12 -1.10 0.08 -9.99
CA THR C 12 -0.79 -1.34 -9.63
C THR C 12 -2.09 -2.06 -9.25
N SER C 13 -2.13 -3.38 -9.28
CA SER C 13 -3.36 -4.13 -8.87
C SER C 13 -2.97 -5.29 -7.93
N THR C 14 -1.74 -5.28 -7.47
CA THR C 14 -1.25 -6.35 -6.55
C THR C 14 -0.94 -5.72 -5.20
N THR C 15 -1.84 -4.95 -4.69
CA THR C 15 -1.59 -4.24 -3.42
C THR C 15 -1.70 -5.19 -2.23
N THR C 16 -0.96 -4.93 -1.19
CA THR C 16 -1.07 -5.78 0.02
C THR C 16 -2.30 -5.31 0.79
N LEU C 17 -2.53 -4.01 0.81
CA LEU C 17 -3.74 -3.46 1.50
C LEU C 17 -4.25 -2.25 0.69
N TRP C 18 -5.53 -2.19 0.43
CA TRP C 18 -6.10 -1.05 -0.35
C TRP C 18 -6.38 0.12 0.59
N ARG C 19 -5.89 1.29 0.27
CA ARG C 19 -6.10 2.49 1.14
C ARG C 19 -6.97 3.52 0.40
N ARG C 20 -8.12 3.87 0.88
CA ARG C 20 -8.90 4.91 0.16
C ARG C 20 -8.18 6.24 0.35
N SER C 21 -8.15 7.10 -0.65
CA SER C 21 -7.44 8.41 -0.51
C SER C 21 -8.42 9.49 -0.03
N PRO C 22 -7.92 10.55 0.60
CA PRO C 22 -8.79 11.66 1.08
C PRO C 22 -9.77 12.18 0.00
N MET C 23 -9.45 11.99 -1.26
CA MET C 23 -10.35 12.48 -2.35
C MET C 23 -11.29 11.34 -2.79
N GLY C 24 -10.98 10.13 -2.42
CA GLY C 24 -11.86 8.98 -2.81
C GLY C 24 -11.25 8.21 -3.98
N ASP C 25 -9.96 8.31 -4.18
CA ASP C 25 -9.31 7.58 -5.31
C ASP C 25 -8.62 6.30 -4.78
N PRO C 26 -9.06 5.11 -5.15
CA PRO C 26 -8.38 3.88 -4.65
C PRO C 26 -6.86 3.90 -4.91
N VAL C 27 -6.06 3.61 -3.90
CA VAL C 27 -4.57 3.58 -4.08
C VAL C 27 -4.00 2.33 -3.41
N CYS C 28 -2.80 1.93 -3.77
CA CYS C 28 -2.20 0.71 -3.16
C CYS C 28 -1.54 1.05 -1.82
N ASN C 29 -1.34 0.06 -1.00
CA ASN C 29 -0.75 0.26 0.37
C ASN C 29 0.48 1.14 0.34
N ALA C 30 1.35 0.98 -0.61
CA ALA C 30 2.58 1.82 -0.62
C ALA C 30 2.23 3.28 -0.97
N CYS C 31 1.51 3.52 -2.04
CA CYS C 31 1.16 4.94 -2.39
C CYS C 31 0.45 5.58 -1.21
N GLY C 32 -0.58 4.93 -0.75
CA GLY C 32 -1.37 5.47 0.40
C GLY C 32 -0.45 6.07 1.46
N LEU C 33 0.43 5.28 2.01
CA LEU C 33 1.35 5.78 3.07
C LEU C 33 2.25 6.92 2.57
N TYR C 34 2.91 6.74 1.46
CA TYR C 34 3.79 7.83 0.95
C TYR C 34 2.97 9.09 0.69
N TYR C 35 1.79 8.92 0.22
CA TYR C 35 0.92 10.06 -0.10
C TYR C 35 0.66 10.91 1.15
N LYS C 36 0.29 10.30 2.24
CA LYS C 36 0.01 11.09 3.49
C LYS C 36 1.28 11.85 3.92
N LEU C 37 2.42 11.24 3.80
CA LEU C 37 3.66 11.93 4.24
C LEU C 37 3.80 13.23 3.43
N HIS C 38 3.60 13.17 2.15
CA HIS C 38 3.69 14.40 1.29
C HIS C 38 2.27 14.75 0.84
N GLN C 39 1.76 13.96 -0.08
CA GLN C 39 0.39 14.13 -0.68
C GLN C 39 0.55 14.46 -2.17
N VAL C 40 1.13 13.55 -2.90
CA VAL C 40 1.33 13.75 -4.35
C VAL C 40 1.33 12.37 -5.03
N ASN C 41 1.15 12.33 -6.31
CA ASN C 41 1.16 11.00 -7.01
C ASN C 41 2.62 10.59 -7.26
N ARG C 42 2.97 9.36 -6.98
CA ARG C 42 4.40 8.93 -7.19
C ARG C 42 4.54 8.32 -8.60
N PRO C 43 5.69 8.41 -9.22
CA PRO C 43 5.87 7.82 -10.58
C PRO C 43 5.80 6.29 -10.56
N LEU C 44 5.37 5.68 -11.63
CA LEU C 44 5.26 4.20 -11.67
C LEU C 44 6.65 3.55 -11.63
N THR C 45 7.69 4.32 -11.57
CA THR C 45 9.04 3.71 -11.52
C THR C 45 9.12 2.84 -10.26
N MET C 46 8.24 3.03 -9.32
CA MET C 46 8.27 2.23 -8.06
C MET C 46 7.29 1.06 -8.15
N ARG C 47 6.59 0.96 -9.24
CA ARG C 47 5.61 -0.15 -9.41
C ARG C 47 6.34 -1.43 -9.81
N LYS C 48 6.08 -2.52 -9.11
CA LYS C 48 6.72 -3.82 -9.44
C LYS C 48 5.65 -4.86 -9.71
N ASP C 49 5.83 -5.67 -10.71
CA ASP C 49 4.79 -6.69 -11.07
C ASP C 49 4.16 -7.31 -9.81
N GLY C 50 4.73 -8.38 -9.32
CA GLY C 50 4.16 -9.05 -8.12
C GLY C 50 4.45 -8.19 -6.88
N ILE C 51 4.13 -8.69 -5.71
CA ILE C 51 4.40 -7.91 -4.47
C ILE C 51 5.77 -8.29 -3.93
N GLN C 52 6.46 -7.35 -3.37
CA GLN C 52 7.79 -7.64 -2.79
C GLN C 52 7.58 -8.27 -1.41
N THR C 53 8.49 -9.08 -0.96
CA THR C 53 8.32 -9.72 0.39
C THR C 53 9.65 -9.72 1.14
N ARG C 54 9.59 -9.89 2.43
CA ARG C 54 10.84 -9.89 3.26
C ARG C 54 10.63 -10.75 4.50
N ASN C 55 11.65 -10.94 5.29
CA ASN C 55 11.48 -11.77 6.52
C ASN C 55 10.45 -11.08 7.41
N ARG C 56 9.56 -11.83 7.98
CA ARG C 56 8.49 -11.24 8.83
C ARG C 56 9.06 -10.65 10.13
N LYS C 57 8.61 -9.48 10.49
CA LYS C 57 9.08 -8.80 11.73
C LYS C 57 8.98 -9.76 12.92
N VAL C 58 9.84 -9.62 13.90
CA VAL C 58 9.79 -10.53 15.09
C VAL C 58 8.33 -10.65 15.55
N SER C 59 7.98 -11.71 16.24
CA SER C 59 6.55 -11.87 16.68
C SER C 59 6.36 -11.21 18.05
N SER C 60 5.17 -10.74 18.34
CA SER C 60 4.92 -10.09 19.66
C SER C 60 3.41 -10.03 19.92
N LYS C 61 2.99 -10.06 21.17
CA LYS C 61 1.53 -9.99 21.44
C LYS C 61 1.25 -9.80 22.93
N GLY C 62 1.83 -10.61 23.78
CA GLY C 62 1.59 -10.46 25.25
C GLY C 62 2.40 -9.29 25.78
N LYS C 63 1.84 -8.12 25.73
CA LYS C 63 2.57 -6.91 26.23
C LYS C 63 2.71 -6.98 27.75
N LYS C 64 1.66 -7.35 28.43
CA LYS C 64 1.74 -7.44 29.92
C LYS C 64 0.55 -8.26 30.44
N ARG C 65 0.79 -9.48 30.85
CA ARG C 65 -0.31 -10.33 31.38
C ARG C 65 0.28 -11.32 32.39
N ARG C 66 -0.55 -11.87 33.24
CA ARG C 66 -0.04 -12.84 34.24
C ARG C 66 0.17 -14.20 33.59
ZN ZN D . 0.08 2.70 -5.96
#